data_5JEV
# 
_entry.id   5JEV 
# 
_audit_conform.dict_name       mmcif_pdbx.dic 
_audit_conform.dict_version    5.391 
_audit_conform.dict_location   http://mmcif.pdb.org/dictionaries/ascii/mmcif_pdbx.dic 
# 
loop_
_database_2.database_id 
_database_2.database_code 
_database_2.pdbx_database_accession 
_database_2.pdbx_DOI 
PDB   5JEV         pdb_00005jev 10.2210/pdb5jev/pdb 
WWPDB D_1000220377 ?            ?                   
# 
loop_
_pdbx_audit_revision_history.ordinal 
_pdbx_audit_revision_history.data_content_type 
_pdbx_audit_revision_history.major_revision 
_pdbx_audit_revision_history.minor_revision 
_pdbx_audit_revision_history.revision_date 
1 'Structure model' 1 0 2016-09-14 
2 'Structure model' 1 1 2016-09-21 
3 'Structure model' 1 2 2016-09-28 
4 'Structure model' 1 3 2016-11-09 
5 'Structure model' 1 4 2024-05-08 
# 
_pdbx_audit_revision_details.ordinal             1 
_pdbx_audit_revision_details.revision_ordinal    1 
_pdbx_audit_revision_details.data_content_type   'Structure model' 
_pdbx_audit_revision_details.provider            repository 
_pdbx_audit_revision_details.type                'Initial release' 
_pdbx_audit_revision_details.description         ? 
_pdbx_audit_revision_details.details             ? 
# 
loop_
_pdbx_audit_revision_group.ordinal 
_pdbx_audit_revision_group.revision_ordinal 
_pdbx_audit_revision_group.data_content_type 
_pdbx_audit_revision_group.group 
1 2 'Structure model' 'Database references'  
2 3 'Structure model' 'Database references'  
3 4 'Structure model' 'Database references'  
4 5 'Structure model' 'Data collection'      
5 5 'Structure model' 'Database references'  
6 5 'Structure model' 'Derived calculations' 
# 
loop_
_pdbx_audit_revision_category.ordinal 
_pdbx_audit_revision_category.revision_ordinal 
_pdbx_audit_revision_category.data_content_type 
_pdbx_audit_revision_category.category 
1 5 'Structure model' chem_comp_atom         
2 5 'Structure model' chem_comp_bond         
3 5 'Structure model' database_2             
4 5 'Structure model' pdbx_struct_conn_angle 
5 5 'Structure model' struct_conn            
# 
loop_
_pdbx_audit_revision_item.ordinal 
_pdbx_audit_revision_item.revision_ordinal 
_pdbx_audit_revision_item.data_content_type 
_pdbx_audit_revision_item.item 
1 5 'Structure model' '_database_2.pdbx_DOI'                      
2 5 'Structure model' '_database_2.pdbx_database_accession'       
3 5 'Structure model' '_pdbx_struct_conn_angle.ptnr1_auth_seq_id' 
4 5 'Structure model' '_pdbx_struct_conn_angle.ptnr3_auth_seq_id' 
5 5 'Structure model' '_pdbx_struct_conn_angle.value'             
6 5 'Structure model' '_struct_conn.pdbx_dist_value'              
7 5 'Structure model' '_struct_conn.ptnr2_auth_seq_id'            
# 
_pdbx_database_status.status_code                     REL 
_pdbx_database_status.status_code_sf                  REL 
_pdbx_database_status.status_code_mr                  ? 
_pdbx_database_status.entry_id                        5JEV 
_pdbx_database_status.recvd_initial_deposition_date   2016-04-19 
_pdbx_database_status.SG_entry                        N 
_pdbx_database_status.deposit_site                    RCSB 
_pdbx_database_status.process_site                    PDBE 
_pdbx_database_status.status_code_cs                  ? 
_pdbx_database_status.methods_development_category    ? 
_pdbx_database_status.pdb_format_compatible           Y 
_pdbx_database_status.status_code_nmr_data            ? 
# 
loop_
_audit_author.name 
_audit_author.pdbx_ordinal 
'Hall, J.P.'   1 
'Cardin, C.J.' 2 
# 
_citation.abstract                  ? 
_citation.abstract_id_CAS           ? 
_citation.book_id_ISBN              ? 
_citation.book_publisher            ? 
_citation.book_publisher_city       ? 
_citation.book_title                ? 
_citation.coordinate_linkage        ? 
_citation.country                   UK 
_citation.database_id_Medline       ? 
_citation.details                   ? 
_citation.id                        primary 
_citation.journal_abbrev            'Nucleic Acids Res.' 
_citation.journal_id_ASTM           NARHAD 
_citation.journal_id_CSD            0389 
_citation.journal_id_ISSN           1362-4962 
_citation.journal_full              ? 
_citation.journal_issue             ? 
_citation.journal_volume            44 
_citation.language                  ? 
_citation.page_first                9472 
_citation.page_last                 9482 
_citation.title                     
;Delta chirality ruthenium 'light-switch' complexes can bind in the minor groove of DNA with five different binding modes.
;
_citation.year                      2016 
_citation.database_id_CSD           ? 
_citation.pdbx_database_id_DOI      10.1093/nar/gkw753 
_citation.pdbx_database_id_PubMed   27599841 
_citation.unpublished_flag          ? 
# 
loop_
_citation_author.citation_id 
_citation_author.name 
_citation_author.ordinal 
_citation_author.identifier_ORCID 
primary 'Hall, J.P.'     1 ? 
primary 'Keane, P.M.'    2 ? 
primary 'Beer, H.'       3 ? 
primary 'Buchner, K.'    4 ? 
primary 'Winter, G.'     5 ? 
primary 'Sorensen, T.L.' 6 ? 
primary 'Cardin, D.J.'   7 ? 
primary 'Brazier, J.A.'  8 ? 
primary 'Cardin, C.J.'   9 ? 
# 
loop_
_entity.id 
_entity.type 
_entity.src_method 
_entity.pdbx_description 
_entity.formula_weight 
_entity.pdbx_number_of_molecules 
_entity.pdbx_ec 
_entity.pdbx_mutation 
_entity.pdbx_fragment 
_entity.details 
1 polymer     syn 
;DNA (5'-D(*TP*CP*GP*GP*CP*GP*CP*CP*GP*A)-3')
;
3045.992 1  ? ? ? ? 
2 non-polymer syn 'Delta-Ru(phen)2(dppz) complex'                743.779  2  ? ? ? ? 
3 non-polymer syn 'COBALT HEXAMMINE(III)'                        161.116  1  ? ? ? ? 
4 water       nat water                                          18.015   67 ? ? ? ? 
# 
_entity_poly.entity_id                      1 
_entity_poly.type                           polydeoxyribonucleotide 
_entity_poly.nstd_linkage                   no 
_entity_poly.nstd_monomer                   no 
_entity_poly.pdbx_seq_one_letter_code       '(DT)(DC)(DG)(DG)(DC)(DG)(DC)(DC)(DG)(DA)' 
_entity_poly.pdbx_seq_one_letter_code_can   TCGGCGCCGA 
_entity_poly.pdbx_strand_id                 A 
_entity_poly.pdbx_target_identifier         ? 
# 
loop_
_pdbx_entity_nonpoly.entity_id 
_pdbx_entity_nonpoly.name 
_pdbx_entity_nonpoly.comp_id 
2 'Delta-Ru(phen)2(dppz) complex' 0TN 
3 'COBALT HEXAMMINE(III)'         NCO 
4 water                           HOH 
# 
loop_
_entity_poly_seq.entity_id 
_entity_poly_seq.num 
_entity_poly_seq.mon_id 
_entity_poly_seq.hetero 
1 1  DT n 
1 2  DC n 
1 3  DG n 
1 4  DG n 
1 5  DC n 
1 6  DG n 
1 7  DC n 
1 8  DC n 
1 9  DG n 
1 10 DA n 
# 
_pdbx_entity_src_syn.entity_id              1 
_pdbx_entity_src_syn.pdbx_src_id            1 
_pdbx_entity_src_syn.pdbx_alt_source_flag   sample 
_pdbx_entity_src_syn.pdbx_beg_seq_num       1 
_pdbx_entity_src_syn.pdbx_end_seq_num       10 
_pdbx_entity_src_syn.organism_scientific    'synthetic construct' 
_pdbx_entity_src_syn.organism_common_name   ? 
_pdbx_entity_src_syn.ncbi_taxonomy_id       32630 
_pdbx_entity_src_syn.details                ? 
# 
loop_
_chem_comp.id 
_chem_comp.type 
_chem_comp.mon_nstd_flag 
_chem_comp.name 
_chem_comp.pdbx_synonyms 
_chem_comp.formula 
_chem_comp.formula_weight 
0TN non-polymer   . 'Delta-Ru(phen)2(dppz) complex'      ? 'C42 H26 N8 Ru'   743.779 
DA  'DNA linking' y "2'-DEOXYADENOSINE-5'-MONOPHOSPHATE" ? 'C10 H14 N5 O6 P' 331.222 
DC  'DNA linking' y "2'-DEOXYCYTIDINE-5'-MONOPHOSPHATE"  ? 'C9 H14 N3 O7 P'  307.197 
DG  'DNA linking' y "2'-DEOXYGUANOSINE-5'-MONOPHOSPHATE" ? 'C10 H14 N5 O7 P' 347.221 
DT  'DNA linking' y "THYMIDINE-5'-MONOPHOSPHATE"         ? 'C10 H15 N2 O8 P' 322.208 
HOH non-polymer   . WATER                                ? 'H2 O'            18.015  
NCO non-polymer   . 'COBALT HEXAMMINE(III)'              ? 'Co H18 N6 3'     161.116 
# 
loop_
_pdbx_poly_seq_scheme.asym_id 
_pdbx_poly_seq_scheme.entity_id 
_pdbx_poly_seq_scheme.seq_id 
_pdbx_poly_seq_scheme.mon_id 
_pdbx_poly_seq_scheme.ndb_seq_num 
_pdbx_poly_seq_scheme.pdb_seq_num 
_pdbx_poly_seq_scheme.auth_seq_num 
_pdbx_poly_seq_scheme.pdb_mon_id 
_pdbx_poly_seq_scheme.auth_mon_id 
_pdbx_poly_seq_scheme.pdb_strand_id 
_pdbx_poly_seq_scheme.pdb_ins_code 
_pdbx_poly_seq_scheme.hetero 
A 1 1  DT 1  1  1  DT DT A . n 
A 1 2  DC 2  2  2  DC DC A . n 
A 1 3  DG 3  3  3  DG DG A . n 
A 1 4  DG 4  4  4  DG DG A . n 
A 1 5  DC 5  5  5  DC DC A . n 
A 1 6  DG 6  6  6  DG DG A . n 
A 1 7  DC 7  7  7  DC DC A . n 
A 1 8  DC 8  8  8  DC DC A . n 
A 1 9  DG 9  9  9  DG DG A . n 
A 1 10 DA 10 10 10 DA DA A . n 
# 
loop_
_pdbx_nonpoly_scheme.asym_id 
_pdbx_nonpoly_scheme.entity_id 
_pdbx_nonpoly_scheme.mon_id 
_pdbx_nonpoly_scheme.ndb_seq_num 
_pdbx_nonpoly_scheme.pdb_seq_num 
_pdbx_nonpoly_scheme.auth_seq_num 
_pdbx_nonpoly_scheme.pdb_mon_id 
_pdbx_nonpoly_scheme.auth_mon_id 
_pdbx_nonpoly_scheme.pdb_strand_id 
_pdbx_nonpoly_scheme.pdb_ins_code 
B 2 0TN 1  101 2   0TN 0TN A . 
C 2 0TN 1  102 3   0TN 0TN A . 
D 3 NCO 1  103 1   NCO NCO A . 
E 4 HOH 1  201 97  HOH HOH A . 
E 4 HOH 2  202 99  HOH HOH A . 
E 4 HOH 3  203 94  HOH HOH A . 
E 4 HOH 4  204 60  HOH HOH A . 
E 4 HOH 5  205 86  HOH HOH A . 
E 4 HOH 6  206 30  HOH HOH A . 
E 4 HOH 7  207 76  HOH HOH A . 
E 4 HOH 8  208 27  HOH HOH A . 
E 4 HOH 9  209 19  HOH HOH A . 
E 4 HOH 10 210 6   HOH HOH A . 
E 4 HOH 11 211 57  HOH HOH A . 
E 4 HOH 12 212 35  HOH HOH A . 
E 4 HOH 13 213 13  HOH HOH A . 
E 4 HOH 14 214 16  HOH HOH A . 
E 4 HOH 15 215 37  HOH HOH A . 
E 4 HOH 16 216 12  HOH HOH A . 
E 4 HOH 17 217 79  HOH HOH A . 
E 4 HOH 18 218 74  HOH HOH A . 
E 4 HOH 19 219 38  HOH HOH A . 
E 4 HOH 20 220 78  HOH HOH A . 
E 4 HOH 21 221 84  HOH HOH A . 
E 4 HOH 22 222 5   HOH HOH A . 
E 4 HOH 23 223 17  HOH HOH A . 
E 4 HOH 24 224 100 HOH HOH A . 
E 4 HOH 25 225 43  HOH HOH A . 
E 4 HOH 26 226 66  HOH HOH A . 
E 4 HOH 27 227 18  HOH HOH A . 
E 4 HOH 28 228 41  HOH HOH A . 
E 4 HOH 29 229 64  HOH HOH A . 
E 4 HOH 30 230 15  HOH HOH A . 
E 4 HOH 31 231 2   HOH HOH A . 
E 4 HOH 32 232 22  HOH HOH A . 
E 4 HOH 33 233 67  HOH HOH A . 
E 4 HOH 34 234 33  HOH HOH A . 
E 4 HOH 35 235 103 HOH HOH A . 
E 4 HOH 36 236 24  HOH HOH A . 
E 4 HOH 37 237 14  HOH HOH A . 
E 4 HOH 38 238 96  HOH HOH A . 
E 4 HOH 39 239 36  HOH HOH A . 
E 4 HOH 40 240 92  HOH HOH A . 
E 4 HOH 41 241 20  HOH HOH A . 
E 4 HOH 42 242 101 HOH HOH A . 
E 4 HOH 43 243 9   HOH HOH A . 
E 4 HOH 44 244 10  HOH HOH A . 
E 4 HOH 45 245 7   HOH HOH A . 
E 4 HOH 46 246 87  HOH HOH A . 
E 4 HOH 47 247 21  HOH HOH A . 
E 4 HOH 48 248 73  HOH HOH A . 
E 4 HOH 49 249 95  HOH HOH A . 
E 4 HOH 50 250 61  HOH HOH A . 
E 4 HOH 51 251 3   HOH HOH A . 
E 4 HOH 52 252 42  HOH HOH A . 
E 4 HOH 53 253 4   HOH HOH A . 
E 4 HOH 54 254 28  HOH HOH A . 
E 4 HOH 55 255 102 HOH HOH A . 
E 4 HOH 56 256 81  HOH HOH A . 
E 4 HOH 57 257 56  HOH HOH A . 
E 4 HOH 58 258 68  HOH HOH A . 
E 4 HOH 59 259 91  HOH HOH A . 
E 4 HOH 60 260 85  HOH HOH A . 
E 4 HOH 61 261 65  HOH HOH A . 
E 4 HOH 62 262 93  HOH HOH A . 
E 4 HOH 63 263 55  HOH HOH A . 
E 4 HOH 64 264 8   HOH HOH A . 
E 4 HOH 65 265 90  HOH HOH A . 
E 4 HOH 66 266 89  HOH HOH A . 
E 4 HOH 67 267 88  HOH HOH A . 
# 
loop_
_software.citation_id 
_software.classification 
_software.compiler_name 
_software.compiler_version 
_software.contact_author 
_software.contact_author_email 
_software.date 
_software.description 
_software.dependencies 
_software.hardware 
_software.language 
_software.location 
_software.mods 
_software.name 
_software.os 
_software.os_version 
_software.type 
_software.version 
_software.pdbx_ordinal 
? refinement       ? ? ? ? ? ? ? ? ? ? ? PHENIX  ? ? ? '(1.10.1_2155: ???)' 1 
? 'data reduction' ? ? ? ? ? ? ? ? ? ? ? XDS     ? ? ? .                    2 
? 'data scaling'   ? ? ? ? ? ? ? ? ? ? ? XSCALE  ? ? ? .                    3 
? phasing          ? ? ? ? ? ? ? ? ? ? ? SHELXDE ? ? ? .                    4 
? 'data reduction' ? ? ? ? ? ? ? ? ? ? ? xia2    ? ? ? .                    5 
# 
_cell.angle_alpha                  90.00 
_cell.angle_alpha_esd              ? 
_cell.angle_beta                   90.00 
_cell.angle_beta_esd               ? 
_cell.angle_gamma                  90.00 
_cell.angle_gamma_esd              ? 
_cell.entry_id                     5JEV 
_cell.details                      ? 
_cell.formula_units_Z              ? 
_cell.length_a                     48.720 
_cell.length_a_esd                 ? 
_cell.length_b                     48.720 
_cell.length_b_esd                 ? 
_cell.length_c                     29.960 
_cell.length_c_esd                 ? 
_cell.volume                       ? 
_cell.volume_esd                   ? 
_cell.Z_PDB                        8 
_cell.reciprocal_angle_alpha       ? 
_cell.reciprocal_angle_beta        ? 
_cell.reciprocal_angle_gamma       ? 
_cell.reciprocal_angle_alpha_esd   ? 
_cell.reciprocal_angle_beta_esd    ? 
_cell.reciprocal_angle_gamma_esd   ? 
_cell.reciprocal_length_a          ? 
_cell.reciprocal_length_b          ? 
_cell.reciprocal_length_c          ? 
_cell.reciprocal_length_a_esd      ? 
_cell.reciprocal_length_b_esd      ? 
_cell.reciprocal_length_c_esd      ? 
_cell.pdbx_unique_axis             ? 
# 
_symmetry.entry_id                         5JEV 
_symmetry.cell_setting                     ? 
_symmetry.Int_Tables_number                92 
_symmetry.space_group_name_Hall            ? 
_symmetry.space_group_name_H-M             'P 41 21 2' 
_symmetry.pdbx_full_space_group_name_H-M   ? 
# 
_exptl.absorpt_coefficient_mu     ? 
_exptl.absorpt_correction_T_max   ? 
_exptl.absorpt_correction_T_min   ? 
_exptl.absorpt_correction_type    ? 
_exptl.absorpt_process_details    ? 
_exptl.entry_id                   5JEV 
_exptl.crystals_number            1 
_exptl.details                    ? 
_exptl.method                     'X-RAY DIFFRACTION' 
_exptl.method_details             ? 
# 
_exptl_crystal.colour                      ? 
_exptl_crystal.density_diffrn              ? 
_exptl_crystal.density_Matthews            2.92 
_exptl_crystal.density_method              ? 
_exptl_crystal.density_percent_sol         57.85 
_exptl_crystal.description                 ? 
_exptl_crystal.F_000                       ? 
_exptl_crystal.id                          1 
_exptl_crystal.preparation                 ? 
_exptl_crystal.size_max                    ? 
_exptl_crystal.size_mid                    ? 
_exptl_crystal.size_min                    ? 
_exptl_crystal.size_rad                    ? 
_exptl_crystal.colour_lustre               ? 
_exptl_crystal.colour_modifier             ? 
_exptl_crystal.colour_primary              ? 
_exptl_crystal.density_meas                ? 
_exptl_crystal.density_meas_esd            ? 
_exptl_crystal.density_meas_gt             ? 
_exptl_crystal.density_meas_lt             ? 
_exptl_crystal.density_meas_temp           ? 
_exptl_crystal.density_meas_temp_esd       ? 
_exptl_crystal.density_meas_temp_gt        ? 
_exptl_crystal.density_meas_temp_lt        ? 
_exptl_crystal.pdbx_crystal_image_url      ? 
_exptl_crystal.pdbx_crystal_image_format   ? 
_exptl_crystal.pdbx_mosaicity              ? 
_exptl_crystal.pdbx_mosaicity_esd          ? 
# 
_exptl_crystal_grow.apparatus       ? 
_exptl_crystal_grow.atmosphere      ? 
_exptl_crystal_grow.crystal_id      1 
_exptl_crystal_grow.details         ? 
_exptl_crystal_grow.method          'VAPOR DIFFUSION, SITTING DROP' 
_exptl_crystal_grow.method_ref      ? 
_exptl_crystal_grow.pH              5.5 
_exptl_crystal_grow.pressure        ? 
_exptl_crystal_grow.pressure_esd    ? 
_exptl_crystal_grow.seeding         ? 
_exptl_crystal_grow.seeding_ref     ? 
_exptl_crystal_grow.temp            291 
_exptl_crystal_grow.temp_details    ? 
_exptl_crystal_grow.temp_esd        ? 
_exptl_crystal_grow.time            ? 
_exptl_crystal_grow.pdbx_details    
;1uL 2mM d(TCGGCGCCGA), 1uL 2mM del-[Ru(phen)2(dppz)]2+, 6uL of a solution containing 10% (V/V) 2-methyl-2,4-pentanediol, 40mM Na-cacodylate, 20mM Cobalt hexammine, 12mM NaCl and 80mM KCl.
;
_exptl_crystal_grow.pdbx_pH_range   ? 
# 
_diffrn.ambient_environment    ? 
_diffrn.ambient_temp           100 
_diffrn.ambient_temp_details   ? 
_diffrn.ambient_temp_esd       ? 
_diffrn.crystal_id             1 
_diffrn.crystal_support        ? 
_diffrn.crystal_treatment      ? 
_diffrn.details                ? 
_diffrn.id                     1 
_diffrn.ambient_pressure       ? 
_diffrn.ambient_pressure_esd   ? 
_diffrn.ambient_pressure_gt    ? 
_diffrn.ambient_pressure_lt    ? 
_diffrn.ambient_temp_gt        ? 
_diffrn.ambient_temp_lt        ? 
# 
_diffrn_detector.details                      ? 
_diffrn_detector.detector                     PIXEL 
_diffrn_detector.diffrn_id                    1 
_diffrn_detector.type                         'DECTRIS PILATUS 6M-F' 
_diffrn_detector.area_resol_mean              ? 
_diffrn_detector.dtime                        ? 
_diffrn_detector.pdbx_frames_total            ? 
_diffrn_detector.pdbx_collection_time_total   ? 
_diffrn_detector.pdbx_collection_date         2012-12-14 
# 
_diffrn_radiation.collimation                      ? 
_diffrn_radiation.diffrn_id                        1 
_diffrn_radiation.filter_edge                      ? 
_diffrn_radiation.inhomogeneity                    ? 
_diffrn_radiation.monochromator                    'dual Si(111)' 
_diffrn_radiation.polarisn_norm                    ? 
_diffrn_radiation.polarisn_ratio                   ? 
_diffrn_radiation.probe                            ? 
_diffrn_radiation.type                             ? 
_diffrn_radiation.xray_symbol                      ? 
_diffrn_radiation.wavelength_id                    1 
_diffrn_radiation.pdbx_monochromatic_or_laue_m_l   M 
_diffrn_radiation.pdbx_wavelength_list             ? 
_diffrn_radiation.pdbx_wavelength                  ? 
_diffrn_radiation.pdbx_diffrn_protocol             'SINGLE WAVELENGTH' 
_diffrn_radiation.pdbx_analyzer                    ? 
_diffrn_radiation.pdbx_scattering_type             x-ray 
# 
_diffrn_radiation_wavelength.id           1 
_diffrn_radiation_wavelength.wavelength   0.8266 
_diffrn_radiation_wavelength.wt           1.0 
# 
_diffrn_source.current                     ? 
_diffrn_source.details                     ? 
_diffrn_source.diffrn_id                   1 
_diffrn_source.power                       ? 
_diffrn_source.size                        ? 
_diffrn_source.source                      SYNCHROTRON 
_diffrn_source.target                      ? 
_diffrn_source.type                        'DIAMOND BEAMLINE I02' 
_diffrn_source.voltage                     ? 
_diffrn_source.take-off_angle              ? 
_diffrn_source.pdbx_wavelength_list        0.8266 
_diffrn_source.pdbx_wavelength             ? 
_diffrn_source.pdbx_synchrotron_beamline   I02 
_diffrn_source.pdbx_synchrotron_site       Diamond 
# 
_reflns.B_iso_Wilson_estimate            ? 
_reflns.entry_id                         5JEV 
_reflns.data_reduction_details           ? 
_reflns.data_reduction_method            ? 
_reflns.d_resolution_high                0.99 
_reflns.d_resolution_low                 22.61 
_reflns.details                          ? 
_reflns.limit_h_max                      ? 
_reflns.limit_h_min                      ? 
_reflns.limit_k_max                      ? 
_reflns.limit_k_min                      ? 
_reflns.limit_l_max                      ? 
_reflns.limit_l_min                      ? 
_reflns.number_all                       ? 
_reflns.number_obs                       19226 
_reflns.observed_criterion               ? 
_reflns.observed_criterion_F_max         ? 
_reflns.observed_criterion_F_min         ? 
_reflns.observed_criterion_I_max         ? 
_reflns.observed_criterion_I_min         ? 
_reflns.observed_criterion_sigma_F       -3 
_reflns.observed_criterion_sigma_I       ? 
_reflns.percent_possible_obs             94.1 
_reflns.R_free_details                   ? 
_reflns.Rmerge_F_all                     ? 
_reflns.Rmerge_F_obs                     ? 
_reflns.Friedel_coverage                 ? 
_reflns.number_gt                        ? 
_reflns.threshold_expression             ? 
_reflns.pdbx_redundancy                  6.5 
_reflns.pdbx_Rmerge_I_obs                0.031 
_reflns.pdbx_Rmerge_I_all                ? 
_reflns.pdbx_Rsym_value                  ? 
_reflns.pdbx_netI_over_av_sigmaI         ? 
_reflns.pdbx_netI_over_sigmaI            19.9 
_reflns.pdbx_res_netI_over_av_sigmaI_2   ? 
_reflns.pdbx_res_netI_over_sigmaI_2      ? 
_reflns.pdbx_chi_squared                 ? 
_reflns.pdbx_scaling_rejects             ? 
_reflns.pdbx_d_res_high_opt              ? 
_reflns.pdbx_d_res_low_opt               ? 
_reflns.pdbx_d_res_opt_method            ? 
_reflns.phase_calculation_details        ? 
_reflns.pdbx_Rrim_I_all                  ? 
_reflns.pdbx_Rpim_I_all                  ? 
_reflns.pdbx_d_opt                       ? 
_reflns.pdbx_number_measured_all         ? 
_reflns.pdbx_diffrn_id                   1 
_reflns.pdbx_ordinal                     1 
_reflns.pdbx_CC_half                     1.00 
_reflns.pdbx_R_split                     ? 
# 
_reflns_shell.d_res_high                  0.99 
_reflns_shell.d_res_low                   1.02 
_reflns_shell.meanI_over_sigI_all         ? 
_reflns_shell.meanI_over_sigI_obs         1.9 
_reflns_shell.number_measured_all         ? 
_reflns_shell.number_measured_obs         ? 
_reflns_shell.number_possible             ? 
_reflns_shell.number_unique_all           ? 
_reflns_shell.number_unique_obs           ? 
_reflns_shell.percent_possible_all        92.2 
_reflns_shell.percent_possible_obs        ? 
_reflns_shell.Rmerge_F_all                ? 
_reflns_shell.Rmerge_F_obs                ? 
_reflns_shell.Rmerge_I_all                ? 
_reflns_shell.Rmerge_I_obs                0.833 
_reflns_shell.meanI_over_sigI_gt          ? 
_reflns_shell.meanI_over_uI_all           ? 
_reflns_shell.meanI_over_uI_gt            ? 
_reflns_shell.number_measured_gt          ? 
_reflns_shell.number_unique_gt            ? 
_reflns_shell.percent_possible_gt         ? 
_reflns_shell.Rmerge_F_gt                 ? 
_reflns_shell.Rmerge_I_gt                 ? 
_reflns_shell.pdbx_redundancy             6.7 
_reflns_shell.pdbx_Rsym_value             ? 
_reflns_shell.pdbx_chi_squared            ? 
_reflns_shell.pdbx_netI_over_sigmaI_all   ? 
_reflns_shell.pdbx_netI_over_sigmaI_obs   ? 
_reflns_shell.pdbx_Rrim_I_all             ? 
_reflns_shell.pdbx_Rpim_I_all             ? 
_reflns_shell.pdbx_rejects                ? 
_reflns_shell.pdbx_ordinal                1 
_reflns_shell.pdbx_diffrn_id              1 
_reflns_shell.pdbx_CC_half                ? 
_reflns_shell.pdbx_R_split                ? 
# 
_refine.aniso_B[1][1]                            ? 
_refine.aniso_B[1][2]                            ? 
_refine.aniso_B[1][3]                            ? 
_refine.aniso_B[2][2]                            ? 
_refine.aniso_B[2][3]                            ? 
_refine.aniso_B[3][3]                            ? 
_refine.B_iso_max                                ? 
_refine.B_iso_mean                               ? 
_refine.B_iso_min                                ? 
_refine.correlation_coeff_Fo_to_Fc               ? 
_refine.correlation_coeff_Fo_to_Fc_free          ? 
_refine.details                                  ? 
_refine.diff_density_max                         ? 
_refine.diff_density_max_esd                     ? 
_refine.diff_density_min                         ? 
_refine.diff_density_min_esd                     ? 
_refine.diff_density_rms                         ? 
_refine.diff_density_rms_esd                     ? 
_refine.entry_id                                 5JEV 
_refine.pdbx_refine_id                           'X-RAY DIFFRACTION' 
_refine.ls_abs_structure_details                 ? 
_refine.ls_abs_structure_Flack                   ? 
_refine.ls_abs_structure_Flack_esd               ? 
_refine.ls_abs_structure_Rogers                  ? 
_refine.ls_abs_structure_Rogers_esd              ? 
_refine.ls_d_res_high                            0.990 
_refine.ls_d_res_low                             18.901 
_refine.ls_extinction_coef                       ? 
_refine.ls_extinction_coef_esd                   ? 
_refine.ls_extinction_expression                 ? 
_refine.ls_extinction_method                     ? 
_refine.ls_goodness_of_fit_all                   ? 
_refine.ls_goodness_of_fit_all_esd               ? 
_refine.ls_goodness_of_fit_obs                   ? 
_refine.ls_goodness_of_fit_obs_esd               ? 
_refine.ls_hydrogen_treatment                    ? 
_refine.ls_matrix_type                           ? 
_refine.ls_number_constraints                    ? 
_refine.ls_number_parameters                     ? 
_refine.ls_number_reflns_all                     ? 
_refine.ls_number_reflns_obs                     19198 
_refine.ls_number_reflns_R_free                  1804 
_refine.ls_number_reflns_R_work                  ? 
_refine.ls_number_restraints                     ? 
_refine.ls_percent_reflns_obs                    90.03 
_refine.ls_percent_reflns_R_free                 5.22 
_refine.ls_R_factor_all                          ? 
_refine.ls_R_factor_obs                          0.1242 
_refine.ls_R_factor_R_free                       0.1410 
_refine.ls_R_factor_R_free_error                 ? 
_refine.ls_R_factor_R_free_error_details         ? 
_refine.ls_R_factor_R_work                       0.1233 
_refine.ls_R_Fsqd_factor_obs                     ? 
_refine.ls_R_I_factor_obs                        ? 
_refine.ls_redundancy_reflns_all                 ? 
_refine.ls_redundancy_reflns_obs                 ? 
_refine.ls_restrained_S_all                      ? 
_refine.ls_restrained_S_obs                      ? 
_refine.ls_shift_over_esd_max                    ? 
_refine.ls_shift_over_esd_mean                   ? 
_refine.ls_structure_factor_coef                 ? 
_refine.ls_weighting_details                     ? 
_refine.ls_weighting_scheme                      ? 
_refine.ls_wR_factor_all                         ? 
_refine.ls_wR_factor_obs                         ? 
_refine.ls_wR_factor_R_free                      ? 
_refine.ls_wR_factor_R_work                      ? 
_refine.occupancy_max                            ? 
_refine.occupancy_min                            ? 
_refine.solvent_model_details                    ? 
_refine.solvent_model_param_bsol                 ? 
_refine.solvent_model_param_ksol                 ? 
_refine.ls_R_factor_gt                           ? 
_refine.ls_goodness_of_fit_gt                    ? 
_refine.ls_goodness_of_fit_ref                   ? 
_refine.ls_shift_over_su_max                     ? 
_refine.ls_shift_over_su_max_lt                  ? 
_refine.ls_shift_over_su_mean                    ? 
_refine.ls_shift_over_su_mean_lt                 ? 
_refine.pdbx_ls_sigma_I                          ? 
_refine.pdbx_ls_sigma_F                          1.33 
_refine.pdbx_ls_sigma_Fsqd                       ? 
_refine.pdbx_data_cutoff_high_absF               ? 
_refine.pdbx_data_cutoff_high_rms_absF           ? 
_refine.pdbx_data_cutoff_low_absF                ? 
_refine.pdbx_isotropic_thermal_model             ? 
_refine.pdbx_ls_cross_valid_method               THROUGHOUT 
_refine.pdbx_method_to_determine_struct          SAD 
_refine.pdbx_starting_model                      ? 
_refine.pdbx_stereochemistry_target_values       ? 
_refine.pdbx_R_Free_selection_details            ? 
_refine.pdbx_stereochem_target_val_spec_case     ? 
_refine.pdbx_overall_ESU_R                       ? 
_refine.pdbx_overall_ESU_R_Free                  ? 
_refine.pdbx_solvent_vdw_probe_radii             1.11 
_refine.pdbx_solvent_ion_probe_radii             ? 
_refine.pdbx_solvent_shrinkage_radii             0.90 
_refine.pdbx_real_space_R                        ? 
_refine.pdbx_density_correlation                 ? 
_refine.pdbx_pd_number_of_powder_patterns        ? 
_refine.pdbx_pd_number_of_points                 ? 
_refine.pdbx_pd_meas_number_of_points            ? 
_refine.pdbx_pd_proc_ls_prof_R_factor            ? 
_refine.pdbx_pd_proc_ls_prof_wR_factor           ? 
_refine.pdbx_pd_Marquardt_correlation_coeff      ? 
_refine.pdbx_pd_Fsqrd_R_factor                   ? 
_refine.pdbx_pd_ls_matrix_band_width             ? 
_refine.pdbx_overall_phase_error                 12.52 
_refine.pdbx_overall_SU_R_free_Cruickshank_DPI   ? 
_refine.pdbx_overall_SU_R_free_Blow_DPI          ? 
_refine.pdbx_overall_SU_R_Blow_DPI               ? 
_refine.pdbx_TLS_residual_ADP_flag               ? 
_refine.pdbx_diffrn_id                           1 
_refine.overall_SU_B                             ? 
_refine.overall_SU_ML                            0.05 
_refine.overall_SU_R_Cruickshank_DPI             ? 
_refine.overall_SU_R_free                        ? 
_refine.overall_FOM_free_R_set                   ? 
_refine.overall_FOM_work_R_set                   ? 
_refine.pdbx_average_fsc_overall                 ? 
_refine.pdbx_average_fsc_work                    ? 
_refine.pdbx_average_fsc_free                    ? 
# 
_refine_hist.pdbx_refine_id                   'X-RAY DIFFRACTION' 
_refine_hist.cycle_id                         LAST 
_refine_hist.pdbx_number_atoms_protein        0 
_refine_hist.pdbx_number_atoms_nucleic_acid   202 
_refine_hist.pdbx_number_atoms_ligand         109 
_refine_hist.number_atoms_solvent             67 
_refine_hist.number_atoms_total               378 
_refine_hist.d_res_high                       0.990 
_refine_hist.d_res_low                        18.901 
# 
loop_
_refine_ls_restr.pdbx_refine_id 
_refine_ls_restr.criterion 
_refine_ls_restr.dev_ideal 
_refine_ls_restr.dev_ideal_target 
_refine_ls_restr.number 
_refine_ls_restr.rejects 
_refine_ls_restr.type 
_refine_ls_restr.weight 
_refine_ls_restr.pdbx_restraint_function 
'X-RAY DIFFRACTION' ? 0.013  ? 475 ? f_bond_d           ? ? 
'X-RAY DIFFRACTION' ? 2.325  ? 761 ? f_angle_d          ? ? 
'X-RAY DIFFRACTION' ? 27.801 ? 158 ? f_dihedral_angle_d ? ? 
'X-RAY DIFFRACTION' ? 0.076  ? 58  ? f_chiral_restr     ? ? 
'X-RAY DIFFRACTION' ? 0.021  ? 21  ? f_plane_restr      ? ? 
# 
loop_
_refine_ls_shell.pdbx_refine_id 
_refine_ls_shell.d_res_high 
_refine_ls_shell.d_res_low 
_refine_ls_shell.number_reflns_all 
_refine_ls_shell.number_reflns_obs 
_refine_ls_shell.number_reflns_R_free 
_refine_ls_shell.number_reflns_R_work 
_refine_ls_shell.percent_reflns_obs 
_refine_ls_shell.percent_reflns_R_free 
_refine_ls_shell.R_factor_all 
_refine_ls_shell.R_factor_obs 
_refine_ls_shell.R_factor_R_free 
_refine_ls_shell.R_factor_R_free_error 
_refine_ls_shell.R_factor_R_work 
_refine_ls_shell.redundancy_reflns_all 
_refine_ls_shell.redundancy_reflns_obs 
_refine_ls_shell.wR_factor_all 
_refine_ls_shell.wR_factor_obs 
_refine_ls_shell.wR_factor_R_free 
_refine_ls_shell.wR_factor_R_work 
_refine_ls_shell.pdbx_total_number_of_bins_used 
_refine_ls_shell.pdbx_phase_error 
_refine_ls_shell.pdbx_fsc_work 
_refine_ls_shell.pdbx_fsc_free 
'X-RAY DIFFRACTION' 0.9900 1.0168  . . 135 2545 91.00 . . . 0.2531 . 0.2690 . . . . . . . . . . 
'X-RAY DIFFRACTION' 1.0168 1.0467  . . 159 2498 90.00 . . . 0.2229 . 0.2306 . . . . . . . . . . 
'X-RAY DIFFRACTION' 1.0467 1.0805  . . 158 2499 90.00 . . . 0.1879 . 0.1866 . . . . . . . . . . 
'X-RAY DIFFRACTION' 1.0805 1.1191  . . 136 2556 91.00 . . . 0.1765 . 0.1596 . . . . . . . . . . 
'X-RAY DIFFRACTION' 1.1191 1.1639  . . 163 2512 91.00 . . . 0.1396 . 0.1289 . . . . . . . . . . 
'X-RAY DIFFRACTION' 1.1639 1.2168  . . 148 2572 91.00 . . . 0.1560 . 0.1124 . . . . . . . . . . 
'X-RAY DIFFRACTION' 1.2168 1.2810  . . 128 2526 90.00 . . . 0.1135 . 0.0958 . . . . . . . . . . 
'X-RAY DIFFRACTION' 1.2810 1.3612  . . 164 2532 91.00 . . . 0.1074 . 0.0922 . . . . . . . . . . 
'X-RAY DIFFRACTION' 1.3612 1.4663  . . 120 2568 92.00 . . . 0.1040 . 0.0859 . . . . . . . . . . 
'X-RAY DIFFRACTION' 1.4663 1.6138  . . 121 2555 91.00 . . . 0.0998 . 0.0819 . . . . . . . . . . 
'X-RAY DIFFRACTION' 1.6138 1.8471  . . 130 2529 90.00 . . . 0.1237 . 0.0917 . . . . . . . . . . 
'X-RAY DIFFRACTION' 1.8471 2.3265  . . 115 2484 88.00 . . . 0.1410 . 0.1289 . . . . . . . . . . 
'X-RAY DIFFRACTION' 2.3265 18.9042 . . 127 2376 85.00 . . . 0.1533 . 0.1420 . . . . . . . . . . 
# 
_struct.entry_id                     5JEV 
_struct.title                        'del-[Ru(phen)2(dppz]2+ bound to d(TCGGCGCCGA) with Cobalt hexammine' 
_struct.pdbx_model_details           ? 
_struct.pdbx_formula_weight          ? 
_struct.pdbx_formula_weight_method   ? 
_struct.pdbx_model_type_details      ? 
_struct.pdbx_CASP_flag               N 
# 
_struct_keywords.entry_id        5JEV 
_struct_keywords.text            'DNA, Ruthenium, cross-linking, DNA probe' 
_struct_keywords.pdbx_keywords   DNA 
# 
loop_
_struct_asym.id 
_struct_asym.pdbx_blank_PDB_chainid_flag 
_struct_asym.pdbx_modified 
_struct_asym.entity_id 
_struct_asym.details 
A N N 1 ? 
B N N 2 ? 
C N N 2 ? 
D N N 3 ? 
E N N 4 ? 
# 
_struct_ref.id                         1 
_struct_ref.db_name                    PDB 
_struct_ref.db_code                    5JEV 
_struct_ref.pdbx_db_accession          5JEV 
_struct_ref.pdbx_db_isoform            ? 
_struct_ref.entity_id                  1 
_struct_ref.pdbx_seq_one_letter_code   ? 
_struct_ref.pdbx_align_begin           1 
# 
_struct_ref_seq.align_id                      1 
_struct_ref_seq.ref_id                        1 
_struct_ref_seq.pdbx_PDB_id_code              5JEV 
_struct_ref_seq.pdbx_strand_id                A 
_struct_ref_seq.seq_align_beg                 1 
_struct_ref_seq.pdbx_seq_align_beg_ins_code   ? 
_struct_ref_seq.seq_align_end                 10 
_struct_ref_seq.pdbx_seq_align_end_ins_code   ? 
_struct_ref_seq.pdbx_db_accession             5JEV 
_struct_ref_seq.db_align_beg                  1 
_struct_ref_seq.pdbx_db_align_beg_ins_code    ? 
_struct_ref_seq.db_align_end                  10 
_struct_ref_seq.pdbx_db_align_end_ins_code    ? 
_struct_ref_seq.pdbx_auth_seq_align_beg       1 
_struct_ref_seq.pdbx_auth_seq_align_end       10 
# 
_pdbx_struct_assembly.id                   1 
_pdbx_struct_assembly.details              author_defined_assembly 
_pdbx_struct_assembly.method_details       ? 
_pdbx_struct_assembly.oligomeric_details   dimeric 
_pdbx_struct_assembly.oligomeric_count     2 
# 
loop_
_pdbx_struct_assembly_gen.assembly_id 
_pdbx_struct_assembly_gen.oper_expression 
_pdbx_struct_assembly_gen.asym_id_list 
1 1 A,B,C,D,E 
1 2 A,B,C,D,E 
# 
loop_
_pdbx_struct_oper_list.id 
_pdbx_struct_oper_list.type 
_pdbx_struct_oper_list.name 
_pdbx_struct_oper_list.symmetry_operation 
_pdbx_struct_oper_list.matrix[1][1] 
_pdbx_struct_oper_list.matrix[1][2] 
_pdbx_struct_oper_list.matrix[1][3] 
_pdbx_struct_oper_list.vector[1] 
_pdbx_struct_oper_list.matrix[2][1] 
_pdbx_struct_oper_list.matrix[2][2] 
_pdbx_struct_oper_list.matrix[2][3] 
_pdbx_struct_oper_list.vector[2] 
_pdbx_struct_oper_list.matrix[3][1] 
_pdbx_struct_oper_list.matrix[3][2] 
_pdbx_struct_oper_list.matrix[3][3] 
_pdbx_struct_oper_list.vector[3] 
1 'identity operation'         1_555 x,y,z            1.0000000000  0.0000000000 0.0000000000 0.0000000000 0.0000000000 1.0000000000  0.0000000000 0.0000000000  0.0000000000 0.0000000000 1.0000000000  0.0000000000 
2 'crystal symmetry operation' 8_664 -y+1,-x+1,-z-1/2 -0.3588832301 0.6371109585 0.6821234886 1.1182405461 0.6371109585 -0.3668698238 0.6778614600 -1.8204337340 0.6821234886 0.6778614600 -0.2742469461 0.6492893468 
# 
loop_
_struct_conn.id 
_struct_conn.conn_type_id 
_struct_conn.pdbx_leaving_atom_flag 
_struct_conn.pdbx_PDB_id 
_struct_conn.ptnr1_label_asym_id 
_struct_conn.ptnr1_label_comp_id 
_struct_conn.ptnr1_label_seq_id 
_struct_conn.ptnr1_label_atom_id 
_struct_conn.pdbx_ptnr1_label_alt_id 
_struct_conn.pdbx_ptnr1_PDB_ins_code 
_struct_conn.pdbx_ptnr1_standard_comp_id 
_struct_conn.ptnr1_symmetry 
_struct_conn.ptnr2_label_asym_id 
_struct_conn.ptnr2_label_comp_id 
_struct_conn.ptnr2_label_seq_id 
_struct_conn.ptnr2_label_atom_id 
_struct_conn.pdbx_ptnr2_label_alt_id 
_struct_conn.pdbx_ptnr2_PDB_ins_code 
_struct_conn.ptnr1_auth_asym_id 
_struct_conn.ptnr1_auth_comp_id 
_struct_conn.ptnr1_auth_seq_id 
_struct_conn.ptnr2_auth_asym_id 
_struct_conn.ptnr2_auth_comp_id 
_struct_conn.ptnr2_auth_seq_id 
_struct_conn.ptnr2_symmetry 
_struct_conn.pdbx_ptnr3_label_atom_id 
_struct_conn.pdbx_ptnr3_label_seq_id 
_struct_conn.pdbx_ptnr3_label_comp_id 
_struct_conn.pdbx_ptnr3_label_asym_id 
_struct_conn.pdbx_ptnr3_label_alt_id 
_struct_conn.pdbx_ptnr3_PDB_ins_code 
_struct_conn.details 
_struct_conn.pdbx_dist_value 
_struct_conn.pdbx_value_order 
_struct_conn.pdbx_role 
metalc1  metalc ? ? D NCO .  CO ? ? ? 1_555 E HOH .  O  ? ? A NCO 103 A HOH 201 1_555 ? ? ? ? ? ? ?            2.419 ? ? 
metalc2  metalc ? ? D NCO .  CO ? ? ? 1_555 E HOH .  O  ? ? A NCO 103 A HOH 202 1_555 ? ? ? ? ? ? ?            2.486 ? ? 
hydrog1  hydrog ? ? A DC  2  N3 ? ? ? 1_555 A DG  9  N1 A ? A DC  2   A DG  9   8_664 ? ? ? ? ? ? WATSON-CRICK ?     ? ? 
hydrog2  hydrog ? ? A DC  2  N4 ? ? ? 1_555 A DG  9  O6 A ? A DC  2   A DG  9   8_664 ? ? ? ? ? ? WATSON-CRICK ?     ? ? 
hydrog3  hydrog ? ? A DC  2  O2 ? ? ? 1_555 A DG  9  N2 A ? A DC  2   A DG  9   8_664 ? ? ? ? ? ? WATSON-CRICK ?     ? ? 
hydrog4  hydrog ? ? A DG  3  N1 ? ? ? 1_555 A DC  8  N3 ? ? A DG  3   A DC  8   8_664 ? ? ? ? ? ? WATSON-CRICK ?     ? ? 
hydrog5  hydrog ? ? A DG  3  N2 ? ? ? 1_555 A DC  8  O2 ? ? A DG  3   A DC  8   8_664 ? ? ? ? ? ? WATSON-CRICK ?     ? ? 
hydrog6  hydrog ? ? A DG  3  O6 ? ? ? 1_555 A DC  8  N4 ? ? A DG  3   A DC  8   8_664 ? ? ? ? ? ? WATSON-CRICK ?     ? ? 
hydrog7  hydrog ? ? A DG  3  N2 ? ? ? 1_555 A DA  10 N1 A ? A DG  3   A DA  10  8_664 ? ? ? ? ? ? TYPE_10_PAIR ?     ? ? 
hydrog8  hydrog ? ? A DG  3  N3 ? ? ? 1_555 A DA  10 N6 A ? A DG  3   A DA  10  8_664 ? ? ? ? ? ? TYPE_10_PAIR ?     ? ? 
hydrog9  hydrog ? ? A DG  4  N1 ? ? ? 1_555 A DC  7  N3 A ? A DG  4   A DC  7   8_664 ? ? ? ? ? ? WATSON-CRICK ?     ? ? 
hydrog10 hydrog ? ? A DG  4  N2 ? ? ? 1_555 A DC  7  O2 A ? A DG  4   A DC  7   8_664 ? ? ? ? ? ? WATSON-CRICK ?     ? ? 
hydrog11 hydrog ? ? A DG  4  O6 ? ? ? 1_555 A DC  7  N4 A ? A DG  4   A DC  7   8_664 ? ? ? ? ? ? WATSON-CRICK ?     ? ? 
hydrog12 hydrog ? ? A DC  5  N3 ? ? ? 1_555 A DG  6  N1 A ? A DC  5   A DG  6   8_664 ? ? ? ? ? ? WATSON-CRICK ?     ? ? 
hydrog13 hydrog ? ? A DC  5  N4 ? ? ? 1_555 A DG  6  O6 A ? A DC  5   A DG  6   8_664 ? ? ? ? ? ? WATSON-CRICK ?     ? ? 
hydrog14 hydrog ? ? A DC  5  O2 ? ? ? 1_555 A DG  6  N2 A ? A DC  5   A DG  6   8_664 ? ? ? ? ? ? WATSON-CRICK ?     ? ? 
hydrog15 hydrog ? ? A DG  6  N1 A ? ? 1_555 A DC  5  N3 ? ? A DG  6   A DC  5   8_664 ? ? ? ? ? ? WATSON-CRICK ?     ? ? 
hydrog16 hydrog ? ? A DG  6  N2 A ? ? 1_555 A DC  5  O2 ? ? A DG  6   A DC  5   8_664 ? ? ? ? ? ? WATSON-CRICK ?     ? ? 
hydrog17 hydrog ? ? A DG  6  O6 A ? ? 1_555 A DC  5  N4 ? ? A DG  6   A DC  5   8_664 ? ? ? ? ? ? WATSON-CRICK ?     ? ? 
hydrog18 hydrog ? ? A DC  7  N3 A ? ? 1_555 A DG  4  N1 ? ? A DC  7   A DG  4   8_664 ? ? ? ? ? ? WATSON-CRICK ?     ? ? 
hydrog19 hydrog ? ? A DC  7  N4 A ? ? 1_555 A DG  4  O6 ? ? A DC  7   A DG  4   8_664 ? ? ? ? ? ? WATSON-CRICK ?     ? ? 
hydrog20 hydrog ? ? A DC  7  O2 A ? ? 1_555 A DG  4  N2 ? ? A DC  7   A DG  4   8_664 ? ? ? ? ? ? WATSON-CRICK ?     ? ? 
hydrog21 hydrog ? ? A DC  8  N3 ? ? ? 1_555 A DG  3  N1 ? ? A DC  8   A DG  3   8_664 ? ? ? ? ? ? WATSON-CRICK ?     ? ? 
hydrog22 hydrog ? ? A DC  8  N4 ? ? ? 1_555 A DG  3  O6 ? ? A DC  8   A DG  3   8_664 ? ? ? ? ? ? WATSON-CRICK ?     ? ? 
hydrog23 hydrog ? ? A DC  8  O2 ? ? ? 1_555 A DG  3  N2 ? ? A DC  8   A DG  3   8_664 ? ? ? ? ? ? WATSON-CRICK ?     ? ? 
hydrog24 hydrog ? ? A DG  9  N1 A ? ? 1_555 A DC  2  N3 ? ? A DG  9   A DC  2   8_664 ? ? ? ? ? ? WATSON-CRICK ?     ? ? 
hydrog25 hydrog ? ? A DG  9  N2 A ? ? 1_555 A DC  2  O2 ? ? A DG  9   A DC  2   8_664 ? ? ? ? ? ? WATSON-CRICK ?     ? ? 
hydrog26 hydrog ? ? A DG  9  O6 A ? ? 1_555 A DC  2  N4 ? ? A DG  9   A DC  2   8_664 ? ? ? ? ? ? WATSON-CRICK ?     ? ? 
hydrog27 hydrog ? ? A DA  10 N1 A ? ? 1_555 A DG  3  N2 ? ? A DA  10  A DG  3   8_664 ? ? ? ? ? ? TYPE_10_PAIR ?     ? ? 
hydrog28 hydrog ? ? A DA  10 N6 A ? ? 1_555 A DG  3  N3 ? ? A DA  10  A DG  3   8_664 ? ? ? ? ? ? TYPE_10_PAIR ?     ? ? 
# 
loop_
_struct_conn_type.id 
_struct_conn_type.criteria 
_struct_conn_type.reference 
metalc ? ? 
hydrog ? ? 
# 
loop_
_pdbx_struct_conn_angle.id 
_pdbx_struct_conn_angle.ptnr1_label_atom_id 
_pdbx_struct_conn_angle.ptnr1_label_alt_id 
_pdbx_struct_conn_angle.ptnr1_label_asym_id 
_pdbx_struct_conn_angle.ptnr1_label_comp_id 
_pdbx_struct_conn_angle.ptnr1_label_seq_id 
_pdbx_struct_conn_angle.ptnr1_auth_atom_id 
_pdbx_struct_conn_angle.ptnr1_auth_asym_id 
_pdbx_struct_conn_angle.ptnr1_auth_comp_id 
_pdbx_struct_conn_angle.ptnr1_auth_seq_id 
_pdbx_struct_conn_angle.ptnr1_PDB_ins_code 
_pdbx_struct_conn_angle.ptnr1_symmetry 
_pdbx_struct_conn_angle.ptnr2_label_atom_id 
_pdbx_struct_conn_angle.ptnr2_label_alt_id 
_pdbx_struct_conn_angle.ptnr2_label_asym_id 
_pdbx_struct_conn_angle.ptnr2_label_comp_id 
_pdbx_struct_conn_angle.ptnr2_label_seq_id 
_pdbx_struct_conn_angle.ptnr2_auth_atom_id 
_pdbx_struct_conn_angle.ptnr2_auth_asym_id 
_pdbx_struct_conn_angle.ptnr2_auth_comp_id 
_pdbx_struct_conn_angle.ptnr2_auth_seq_id 
_pdbx_struct_conn_angle.ptnr2_PDB_ins_code 
_pdbx_struct_conn_angle.ptnr2_symmetry 
_pdbx_struct_conn_angle.ptnr3_label_atom_id 
_pdbx_struct_conn_angle.ptnr3_label_alt_id 
_pdbx_struct_conn_angle.ptnr3_label_asym_id 
_pdbx_struct_conn_angle.ptnr3_label_comp_id 
_pdbx_struct_conn_angle.ptnr3_label_seq_id 
_pdbx_struct_conn_angle.ptnr3_auth_atom_id 
_pdbx_struct_conn_angle.ptnr3_auth_asym_id 
_pdbx_struct_conn_angle.ptnr3_auth_comp_id 
_pdbx_struct_conn_angle.ptnr3_auth_seq_id 
_pdbx_struct_conn_angle.ptnr3_PDB_ins_code 
_pdbx_struct_conn_angle.ptnr3_symmetry 
_pdbx_struct_conn_angle.value 
_pdbx_struct_conn_angle.value_esd 
1  O  ? E HOH . ? A HOH 201 ? 1_555 CO ? D NCO . ? A NCO 103 ? 1_555 N1 ? D NCO . ? A NCO 103 ? 1_555 97.3  ? 
2  O  ? E HOH . ? A HOH 201 ? 1_555 CO ? D NCO . ? A NCO 103 ? 1_555 N2 ? D NCO . ? A NCO 103 ? 1_555 79.9  ? 
3  N1 ? D NCO . ? A NCO 103 ? 1_555 CO ? D NCO . ? A NCO 103 ? 1_555 N2 ? D NCO . ? A NCO 103 ? 1_555 176.9 ? 
4  O  ? E HOH . ? A HOH 201 ? 1_555 CO ? D NCO . ? A NCO 103 ? 1_555 N3 ? D NCO . ? A NCO 103 ? 1_555 137.7 ? 
5  N1 ? D NCO . ? A NCO 103 ? 1_555 CO ? D NCO . ? A NCO 103 ? 1_555 N3 ? D NCO . ? A NCO 103 ? 1_555 89.4  ? 
6  N2 ? D NCO . ? A NCO 103 ? 1_555 CO ? D NCO . ? A NCO 103 ? 1_555 N3 ? D NCO . ? A NCO 103 ? 1_555 91.8  ? 
7  O  ? E HOH . ? A HOH 201 ? 1_555 CO ? D NCO . ? A NCO 103 ? 1_555 N4 ? D NCO . ? A NCO 103 ? 1_555 133.1 ? 
8  N1 ? D NCO . ? A NCO 103 ? 1_555 CO ? D NCO . ? A NCO 103 ? 1_555 N4 ? D NCO . ? A NCO 103 ? 1_555 90.4  ? 
9  N2 ? D NCO . ? A NCO 103 ? 1_555 CO ? D NCO . ? A NCO 103 ? 1_555 N4 ? D NCO . ? A NCO 103 ? 1_555 92.5  ? 
10 N3 ? D NCO . ? A NCO 103 ? 1_555 CO ? D NCO . ? A NCO 103 ? 1_555 N4 ? D NCO . ? A NCO 103 ? 1_555 88.3  ? 
11 O  ? E HOH . ? A HOH 201 ? 1_555 CO ? D NCO . ? A NCO 103 ? 1_555 N5 ? D NCO . ? A NCO 103 ? 1_555 44.0  ? 
12 N1 ? D NCO . ? A NCO 103 ? 1_555 CO ? D NCO . ? A NCO 103 ? 1_555 N5 ? D NCO . ? A NCO 103 ? 1_555 92.8  ? 
13 N2 ? D NCO . ? A NCO 103 ? 1_555 CO ? D NCO . ? A NCO 103 ? 1_555 N5 ? D NCO . ? A NCO 103 ? 1_555 86.1  ? 
14 N3 ? D NCO . ? A NCO 103 ? 1_555 CO ? D NCO . ? A NCO 103 ? 1_555 N5 ? D NCO . ? A NCO 103 ? 1_555 177.0 ? 
15 N4 ? D NCO . ? A NCO 103 ? 1_555 CO ? D NCO . ? A NCO 103 ? 1_555 N5 ? D NCO . ? A NCO 103 ? 1_555 89.7  ? 
16 O  ? E HOH . ? A HOH 201 ? 1_555 CO ? D NCO . ? A NCO 103 ? 1_555 N6 ? D NCO . ? A NCO 103 ? 1_555 49.0  ? 
17 N1 ? D NCO . ? A NCO 103 ? 1_555 CO ? D NCO . ? A NCO 103 ? 1_555 N6 ? D NCO . ? A NCO 103 ? 1_555 90.5  ? 
18 N2 ? D NCO . ? A NCO 103 ? 1_555 CO ? D NCO . ? A NCO 103 ? 1_555 N6 ? D NCO . ? A NCO 103 ? 1_555 86.6  ? 
19 N3 ? D NCO . ? A NCO 103 ? 1_555 CO ? D NCO . ? A NCO 103 ? 1_555 N6 ? D NCO . ? A NCO 103 ? 1_555 89.4  ? 
20 N4 ? D NCO . ? A NCO 103 ? 1_555 CO ? D NCO . ? A NCO 103 ? 1_555 N6 ? D NCO . ? A NCO 103 ? 1_555 177.5 ? 
21 N5 ? D NCO . ? A NCO 103 ? 1_555 CO ? D NCO . ? A NCO 103 ? 1_555 N6 ? D NCO . ? A NCO 103 ? 1_555 92.6  ? 
22 O  ? E HOH . ? A HOH 201 ? 1_555 CO ? D NCO . ? A NCO 103 ? 1_555 O  ? E HOH . ? A HOH 202 ? 1_555 90.1  ? 
23 N1 ? D NCO . ? A NCO 103 ? 1_555 CO ? D NCO . ? A NCO 103 ? 1_555 O  ? E HOH . ? A HOH 202 ? 1_555 98.7  ? 
24 N2 ? D NCO . ? A NCO 103 ? 1_555 CO ? D NCO . ? A NCO 103 ? 1_555 O  ? E HOH . ? A HOH 202 ? 1_555 82.7  ? 
25 N3 ? D NCO . ? A NCO 103 ? 1_555 CO ? D NCO . ? A NCO 103 ? 1_555 O  ? E HOH . ? A HOH 202 ? 1_555 130.2 ? 
26 N4 ? D NCO . ? A NCO 103 ? 1_555 CO ? D NCO . ? A NCO 103 ? 1_555 O  ? E HOH . ? A HOH 202 ? 1_555 43.0  ? 
27 N5 ? D NCO . ? A NCO 103 ? 1_555 CO ? D NCO . ? A NCO 103 ? 1_555 O  ? E HOH . ? A HOH 202 ? 1_555 47.4  ? 
28 N6 ? D NCO . ? A NCO 103 ? 1_555 CO ? D NCO . ? A NCO 103 ? 1_555 O  ? E HOH . ? A HOH 202 ? 1_555 139.1 ? 
# 
loop_
_struct_site.id 
_struct_site.pdbx_evidence_code 
_struct_site.pdbx_auth_asym_id 
_struct_site.pdbx_auth_comp_id 
_struct_site.pdbx_auth_seq_id 
_struct_site.pdbx_auth_ins_code 
_struct_site.pdbx_num_residues 
_struct_site.details 
AC1 Software A 0TN 101 ? 6 'binding site for residue 0TN A 101' 
AC2 Software A 0TN 102 ? 8 'binding site for residue 0TN A 102' 
AC3 Software A NCO 103 ? 9 'binding site for residue NCO A 103' 
# 
loop_
_struct_site_gen.id 
_struct_site_gen.site_id 
_struct_site_gen.pdbx_num_res 
_struct_site_gen.label_comp_id 
_struct_site_gen.label_asym_id 
_struct_site_gen.label_seq_id 
_struct_site_gen.pdbx_auth_ins_code 
_struct_site_gen.auth_comp_id 
_struct_site_gen.auth_asym_id 
_struct_site_gen.auth_seq_id 
_struct_site_gen.label_atom_id 
_struct_site_gen.label_alt_id 
_struct_site_gen.symmetry 
_struct_site_gen.details 
1  AC1 6 DT  A 1  ? DT  A 1   . ? 3_655 ? 
2  AC1 6 DT  A 1  ? DT  A 1   . ? 2_675 ? 
3  AC1 6 DC  A 2  ? DC  A 2   . ? 1_555 ? 
4  AC1 6 DG  A 3  ? DG  A 3   . ? 1_555 ? 
5  AC1 6 DG  A 9  ? DG  A 9   . ? 8_664 ? 
6  AC1 6 DA  A 10 ? DA  A 10  . ? 8_664 ? 
7  AC2 8 DG  A 3  ? DG  A 3   . ? 1_555 ? 
8  AC2 8 DG  A 4  ? DG  A 4   . ? 1_555 ? 
9  AC2 8 DC  A 7  ? DC  A 7   . ? 2_575 ? 
10 AC2 8 DC  A 7  ? DC  A 7   . ? 8_664 ? 
11 AC2 8 DC  A 8  ? DC  A 8   . ? 2_575 ? 
12 AC2 8 DC  A 8  ? DC  A 8   . ? 8_664 ? 
13 AC2 8 DG  A 9  ? DG  A 9   . ? 8_664 ? 
14 AC2 8 DA  A 10 ? DA  A 10  . ? 8_664 ? 
15 AC3 9 DC  A 2  ? DC  A 2   . ? 1_555 ? 
16 AC3 9 DG  A 3  ? DG  A 3   . ? 1_555 ? 
17 AC3 9 DG  A 4  ? DG  A 4   . ? 1_555 ? 
18 AC3 9 DC  A 5  ? DC  A 5   . ? 8_664 ? 
19 AC3 9 DG  A 6  ? DG  A 6   . ? 8_664 ? 
20 AC3 9 DC  A 7  ? DC  A 7   . ? 8_664 ? 
21 AC3 9 HOH E .  ? HOH A 201 . ? 1_555 ? 
22 AC3 9 HOH E .  ? HOH A 202 . ? 1_555 ? 
23 AC3 9 HOH E .  ? HOH A 207 . ? 8_664 ? 
# 
loop_
_pdbx_validate_close_contact.id 
_pdbx_validate_close_contact.PDB_model_num 
_pdbx_validate_close_contact.auth_atom_id_1 
_pdbx_validate_close_contact.auth_asym_id_1 
_pdbx_validate_close_contact.auth_comp_id_1 
_pdbx_validate_close_contact.auth_seq_id_1 
_pdbx_validate_close_contact.PDB_ins_code_1 
_pdbx_validate_close_contact.label_alt_id_1 
_pdbx_validate_close_contact.auth_atom_id_2 
_pdbx_validate_close_contact.auth_asym_id_2 
_pdbx_validate_close_contact.auth_comp_id_2 
_pdbx_validate_close_contact.auth_seq_id_2 
_pdbx_validate_close_contact.PDB_ins_code_2 
_pdbx_validate_close_contact.label_alt_id_2 
_pdbx_validate_close_contact.dist 
1 1 O  A HOH 256 ? ? O A HOH 259 ? ? 1.62 
2 1 O2 A DT  1   ? B O A HOH 203 ? ? 1.80 
3 1 O  A HOH 218 ? ? O A HOH 240 ? ? 1.92 
# 
loop_
_pdbx_validate_symm_contact.id 
_pdbx_validate_symm_contact.PDB_model_num 
_pdbx_validate_symm_contact.auth_atom_id_1 
_pdbx_validate_symm_contact.auth_asym_id_1 
_pdbx_validate_symm_contact.auth_comp_id_1 
_pdbx_validate_symm_contact.auth_seq_id_1 
_pdbx_validate_symm_contact.PDB_ins_code_1 
_pdbx_validate_symm_contact.label_alt_id_1 
_pdbx_validate_symm_contact.site_symmetry_1 
_pdbx_validate_symm_contact.auth_atom_id_2 
_pdbx_validate_symm_contact.auth_asym_id_2 
_pdbx_validate_symm_contact.auth_comp_id_2 
_pdbx_validate_symm_contact.auth_seq_id_2 
_pdbx_validate_symm_contact.PDB_ins_code_2 
_pdbx_validate_symm_contact.label_alt_id_2 
_pdbx_validate_symm_contact.site_symmetry_2 
_pdbx_validate_symm_contact.dist 
1 1 "HO3'" A DA 10 ? A 1_555 O A HOH 206 ? ? 6_463 1.47 
2 1 C7     A DT 1  ? B 1_555 O A HOH 253 ? ? 2_674 2.03 
# 
loop_
_pdbx_validate_rmsd_bond.id 
_pdbx_validate_rmsd_bond.PDB_model_num 
_pdbx_validate_rmsd_bond.auth_atom_id_1 
_pdbx_validate_rmsd_bond.auth_asym_id_1 
_pdbx_validate_rmsd_bond.auth_comp_id_1 
_pdbx_validate_rmsd_bond.auth_seq_id_1 
_pdbx_validate_rmsd_bond.PDB_ins_code_1 
_pdbx_validate_rmsd_bond.label_alt_id_1 
_pdbx_validate_rmsd_bond.auth_atom_id_2 
_pdbx_validate_rmsd_bond.auth_asym_id_2 
_pdbx_validate_rmsd_bond.auth_comp_id_2 
_pdbx_validate_rmsd_bond.auth_seq_id_2 
_pdbx_validate_rmsd_bond.PDB_ins_code_2 
_pdbx_validate_rmsd_bond.label_alt_id_2 
_pdbx_validate_rmsd_bond.bond_value 
_pdbx_validate_rmsd_bond.bond_target_value 
_pdbx_validate_rmsd_bond.bond_deviation 
_pdbx_validate_rmsd_bond.bond_standard_deviation 
_pdbx_validate_rmsd_bond.linker_flag 
1 1 C5    A DT 1 ? B C6    A DT 1 ? B 1.295 1.339 -0.044 0.007 N 
2 1 C6    A DT 1 ? B N1    A DT 1 ? B 1.326 1.378 -0.052 0.007 N 
3 1 C5    A DT 1 ? B C7    A DT 1 ? B 1.392 1.496 -0.104 0.006 N 
4 1 "O3'" A DC 2 ? ? "C3'" A DC 2 ? ? 1.367 1.419 -0.052 0.006 N 
# 
loop_
_pdbx_validate_rmsd_angle.id 
_pdbx_validate_rmsd_angle.PDB_model_num 
_pdbx_validate_rmsd_angle.auth_atom_id_1 
_pdbx_validate_rmsd_angle.auth_asym_id_1 
_pdbx_validate_rmsd_angle.auth_comp_id_1 
_pdbx_validate_rmsd_angle.auth_seq_id_1 
_pdbx_validate_rmsd_angle.PDB_ins_code_1 
_pdbx_validate_rmsd_angle.label_alt_id_1 
_pdbx_validate_rmsd_angle.auth_atom_id_2 
_pdbx_validate_rmsd_angle.auth_asym_id_2 
_pdbx_validate_rmsd_angle.auth_comp_id_2 
_pdbx_validate_rmsd_angle.auth_seq_id_2 
_pdbx_validate_rmsd_angle.PDB_ins_code_2 
_pdbx_validate_rmsd_angle.label_alt_id_2 
_pdbx_validate_rmsd_angle.auth_atom_id_3 
_pdbx_validate_rmsd_angle.auth_asym_id_3 
_pdbx_validate_rmsd_angle.auth_comp_id_3 
_pdbx_validate_rmsd_angle.auth_seq_id_3 
_pdbx_validate_rmsd_angle.PDB_ins_code_3 
_pdbx_validate_rmsd_angle.label_alt_id_3 
_pdbx_validate_rmsd_angle.angle_value 
_pdbx_validate_rmsd_angle.angle_target_value 
_pdbx_validate_rmsd_angle.angle_deviation 
_pdbx_validate_rmsd_angle.angle_standard_deviation 
_pdbx_validate_rmsd_angle.linker_flag 
1 1 N3    A DT 1 ? B C4    A DT 1 ? B O4 A DT 1 ? B 123.55 119.90 3.65 0.60 N 
2 1 "O4'" A DG 9 ? A "C1'" A DG 9 ? A N9 A DG 9 ? A 110.28 108.30 1.98 0.30 N 
# 
loop_
_pdbx_struct_special_symmetry.id 
_pdbx_struct_special_symmetry.PDB_model_num 
_pdbx_struct_special_symmetry.auth_asym_id 
_pdbx_struct_special_symmetry.auth_comp_id 
_pdbx_struct_special_symmetry.auth_seq_id 
_pdbx_struct_special_symmetry.PDB_ins_code 
_pdbx_struct_special_symmetry.label_asym_id 
_pdbx_struct_special_symmetry.label_comp_id 
_pdbx_struct_special_symmetry.label_seq_id 
1 1 A HOH 221 ? E HOH . 
2 1 A HOH 267 ? E HOH . 
# 
loop_
_pdbx_distant_solvent_atoms.id 
_pdbx_distant_solvent_atoms.PDB_model_num 
_pdbx_distant_solvent_atoms.auth_atom_id 
_pdbx_distant_solvent_atoms.label_alt_id 
_pdbx_distant_solvent_atoms.auth_asym_id 
_pdbx_distant_solvent_atoms.auth_comp_id 
_pdbx_distant_solvent_atoms.auth_seq_id 
_pdbx_distant_solvent_atoms.PDB_ins_code 
_pdbx_distant_solvent_atoms.neighbor_macromolecule_distance 
_pdbx_distant_solvent_atoms.neighbor_ligand_distance 
1 1 O ? A HOH 264 ? . 5.91 
2 1 O ? A HOH 265 ? . 5.98 
3 1 O ? A HOH 266 ? . 6.01 
4 1 O ? A HOH 267 ? . 6.84 
# 
loop_
_chem_comp_atom.comp_id 
_chem_comp_atom.atom_id 
_chem_comp_atom.type_symbol 
_chem_comp_atom.pdbx_aromatic_flag 
_chem_comp_atom.pdbx_stereo_config 
_chem_comp_atom.pdbx_ordinal 
0TN RU     RU N N 1   
0TN C1     C  Y N 2   
0TN N1     N  Y N 3   
0TN C2     C  Y N 4   
0TN N2     N  Y N 5   
0TN C3     C  Y N 6   
0TN N3     N  Y N 7   
0TN C4     C  Y N 8   
0TN N4     N  Y N 9   
0TN C5     C  Y N 10  
0TN N5     N  Y N 11  
0TN C6     C  Y N 12  
0TN C7     C  Y N 13  
0TN C8     C  Y N 14  
0TN N8     N  Y N 15  
0TN C9     C  Y N 16  
0TN N9     N  Y N 17  
0TN C10    C  Y N 18  
0TN C11    C  Y N 19  
0TN C12    C  Y N 20  
0TN N12    N  Y N 21  
0TN C13    C  Y N 22  
0TN C14    C  Y N 23  
0TN C15    C  Y N 24  
0TN C16    C  Y N 25  
0TN C17    C  Y N 26  
0TN C18    C  Y N 27  
0TN C19    C  Y N 28  
0TN C20    C  Y N 29  
0TN C21    C  Y N 30  
0TN C22    C  Y N 31  
0TN C23    C  Y N 32  
0TN C24    C  Y N 33  
0TN C25    C  Y N 34  
0TN C26    C  Y N 35  
0TN C27    C  Y N 36  
0TN C28    C  Y N 37  
0TN C29    C  Y N 38  
0TN C30    C  Y N 39  
0TN C31    C  Y N 40  
0TN C32    C  Y N 41  
0TN C33    C  Y N 42  
0TN C34    C  Y N 43  
0TN C35    C  Y N 44  
0TN C36    C  Y N 45  
0TN C37    C  Y N 46  
0TN C38    C  Y N 47  
0TN C41    C  Y N 48  
0TN C42    C  Y N 49  
0TN C43    C  Y N 50  
0TN C44    C  Y N 51  
0TN H1     H  N N 52  
0TN H2     H  N N 53  
0TN H3     H  N N 54  
0TN H4     H  N N 55  
0TN H5     H  N N 56  
0TN H6     H  N N 57  
0TN H7     H  N N 58  
0TN H8     H  N N 59  
0TN H9     H  N N 60  
0TN H10    H  N N 61  
0TN H11    H  N N 62  
0TN H12    H  N N 63  
0TN H13    H  N N 64  
0TN H14    H  N N 65  
0TN H15    H  N N 66  
0TN H16    H  N N 67  
0TN H17    H  N N 68  
0TN H18    H  N N 69  
0TN H19    H  N N 70  
0TN H20    H  N N 71  
0TN H21    H  N N 72  
0TN H22    H  N N 73  
0TN H23    H  N N 74  
0TN H24    H  N N 75  
0TN H25    H  N N 76  
0TN H26    H  N N 77  
DA  OP3    O  N N 78  
DA  P      P  N N 79  
DA  OP1    O  N N 80  
DA  OP2    O  N N 81  
DA  "O5'"  O  N N 82  
DA  "C5'"  C  N N 83  
DA  "C4'"  C  N R 84  
DA  "O4'"  O  N N 85  
DA  "C3'"  C  N S 86  
DA  "O3'"  O  N N 87  
DA  "C2'"  C  N N 88  
DA  "C1'"  C  N R 89  
DA  N9     N  Y N 90  
DA  C8     C  Y N 91  
DA  N7     N  Y N 92  
DA  C5     C  Y N 93  
DA  C6     C  Y N 94  
DA  N6     N  N N 95  
DA  N1     N  Y N 96  
DA  C2     C  Y N 97  
DA  N3     N  Y N 98  
DA  C4     C  Y N 99  
DA  HOP3   H  N N 100 
DA  HOP2   H  N N 101 
DA  "H5'"  H  N N 102 
DA  "H5''" H  N N 103 
DA  "H4'"  H  N N 104 
DA  "H3'"  H  N N 105 
DA  "HO3'" H  N N 106 
DA  "H2'"  H  N N 107 
DA  "H2''" H  N N 108 
DA  "H1'"  H  N N 109 
DA  H8     H  N N 110 
DA  H61    H  N N 111 
DA  H62    H  N N 112 
DA  H2     H  N N 113 
DC  OP3    O  N N 114 
DC  P      P  N N 115 
DC  OP1    O  N N 116 
DC  OP2    O  N N 117 
DC  "O5'"  O  N N 118 
DC  "C5'"  C  N N 119 
DC  "C4'"  C  N R 120 
DC  "O4'"  O  N N 121 
DC  "C3'"  C  N S 122 
DC  "O3'"  O  N N 123 
DC  "C2'"  C  N N 124 
DC  "C1'"  C  N R 125 
DC  N1     N  N N 126 
DC  C2     C  N N 127 
DC  O2     O  N N 128 
DC  N3     N  N N 129 
DC  C4     C  N N 130 
DC  N4     N  N N 131 
DC  C5     C  N N 132 
DC  C6     C  N N 133 
DC  HOP3   H  N N 134 
DC  HOP2   H  N N 135 
DC  "H5'"  H  N N 136 
DC  "H5''" H  N N 137 
DC  "H4'"  H  N N 138 
DC  "H3'"  H  N N 139 
DC  "HO3'" H  N N 140 
DC  "H2'"  H  N N 141 
DC  "H2''" H  N N 142 
DC  "H1'"  H  N N 143 
DC  H41    H  N N 144 
DC  H42    H  N N 145 
DC  H5     H  N N 146 
DC  H6     H  N N 147 
DG  OP3    O  N N 148 
DG  P      P  N N 149 
DG  OP1    O  N N 150 
DG  OP2    O  N N 151 
DG  "O5'"  O  N N 152 
DG  "C5'"  C  N N 153 
DG  "C4'"  C  N R 154 
DG  "O4'"  O  N N 155 
DG  "C3'"  C  N S 156 
DG  "O3'"  O  N N 157 
DG  "C2'"  C  N N 158 
DG  "C1'"  C  N R 159 
DG  N9     N  Y N 160 
DG  C8     C  Y N 161 
DG  N7     N  Y N 162 
DG  C5     C  Y N 163 
DG  C6     C  N N 164 
DG  O6     O  N N 165 
DG  N1     N  N N 166 
DG  C2     C  N N 167 
DG  N2     N  N N 168 
DG  N3     N  N N 169 
DG  C4     C  Y N 170 
DG  HOP3   H  N N 171 
DG  HOP2   H  N N 172 
DG  "H5'"  H  N N 173 
DG  "H5''" H  N N 174 
DG  "H4'"  H  N N 175 
DG  "H3'"  H  N N 176 
DG  "HO3'" H  N N 177 
DG  "H2'"  H  N N 178 
DG  "H2''" H  N N 179 
DG  "H1'"  H  N N 180 
DG  H8     H  N N 181 
DG  H1     H  N N 182 
DG  H21    H  N N 183 
DG  H22    H  N N 184 
DT  OP3    O  N N 185 
DT  P      P  N N 186 
DT  OP1    O  N N 187 
DT  OP2    O  N N 188 
DT  "O5'"  O  N N 189 
DT  "C5'"  C  N N 190 
DT  "C4'"  C  N R 191 
DT  "O4'"  O  N N 192 
DT  "C3'"  C  N S 193 
DT  "O3'"  O  N N 194 
DT  "C2'"  C  N N 195 
DT  "C1'"  C  N R 196 
DT  N1     N  N N 197 
DT  C2     C  N N 198 
DT  O2     O  N N 199 
DT  N3     N  N N 200 
DT  C4     C  N N 201 
DT  O4     O  N N 202 
DT  C5     C  N N 203 
DT  C7     C  N N 204 
DT  C6     C  N N 205 
DT  HOP3   H  N N 206 
DT  HOP2   H  N N 207 
DT  "H5'"  H  N N 208 
DT  "H5''" H  N N 209 
DT  "H4'"  H  N N 210 
DT  "H3'"  H  N N 211 
DT  "HO3'" H  N N 212 
DT  "H2'"  H  N N 213 
DT  "H2''" H  N N 214 
DT  "H1'"  H  N N 215 
DT  H3     H  N N 216 
DT  H71    H  N N 217 
DT  H72    H  N N 218 
DT  H73    H  N N 219 
DT  H6     H  N N 220 
HOH O      O  N N 221 
HOH H1     H  N N 222 
HOH H2     H  N N 223 
NCO CO     CO N N 224 
NCO N1     N  N N 225 
NCO N2     N  N N 226 
NCO N3     N  N N 227 
NCO N4     N  N N 228 
NCO N5     N  N N 229 
NCO N6     N  N N 230 
NCO HN11   H  N N 231 
NCO HN12   H  N N 232 
NCO HN13   H  N N 233 
NCO HN21   H  N N 234 
NCO HN22   H  N N 235 
NCO HN23   H  N N 236 
NCO HN31   H  N N 237 
NCO HN32   H  N N 238 
NCO HN33   H  N N 239 
NCO HN41   H  N N 240 
NCO HN42   H  N N 241 
NCO HN43   H  N N 242 
NCO HN51   H  N N 243 
NCO HN52   H  N N 244 
NCO HN53   H  N N 245 
NCO HN61   H  N N 246 
NCO HN62   H  N N 247 
NCO HN63   H  N N 248 
# 
loop_
_chem_comp_bond.comp_id 
_chem_comp_bond.atom_id_1 
_chem_comp_bond.atom_id_2 
_chem_comp_bond.value_order 
_chem_comp_bond.pdbx_aromatic_flag 
_chem_comp_bond.pdbx_stereo_config 
_chem_comp_bond.pdbx_ordinal 
0TN C18   C14    doub Y N 1   
0TN C18   C17    sing Y N 2   
0TN C14   C13    sing Y N 3   
0TN C17   C16    doub Y N 4   
0TN C13   N4     doub Y N 5   
0TN C13   C15    sing Y N 6   
0TN C44   C37    doub Y N 7   
0TN C44   C35    sing Y N 8   
0TN C34   C35    doub Y N 9   
0TN C34   C33    sing Y N 10  
0TN N4    C7     sing Y N 11  
0TN C16   C15    sing Y N 12  
0TN C37   C38    sing Y N 13  
0TN C9    C11    doub Y N 14  
0TN C9    C8     sing Y N 15  
0TN C35   C36    sing Y N 16  
0TN C33   C32    doub Y N 17  
0TN C15   N3     doub Y N 18  
0TN C11   C12    sing Y N 19  
0TN C7    C8     doub Y N 20  
0TN C7    C6     sing Y N 21  
0TN C8    C10    sing Y N 22  
0TN N3    C6     sing Y N 23  
0TN C38   N12    doub Y N 24  
0TN C36   N12    sing Y N 25  
0TN C36   C29    doub Y N 26  
0TN C32   C29    sing Y N 27  
0TN C32   C43    sing Y N 28  
0TN C12   N1     doub Y N 29  
0TN C6    C5     doub Y N 30  
0TN N12   RU     sing N N 31  
0TN C10   N1     sing Y N 32  
0TN C10   C1     doub Y N 33  
0TN C29   N9     sing Y N 34  
0TN C43   C31    doub Y N 35  
0TN N1    RU     sing N N 36  
0TN C5    C1     sing Y N 37  
0TN C5    C4     sing Y N 38  
0TN C1    N2     sing Y N 39  
0TN N9    RU     sing N N 40  
0TN N9    C30    doub Y N 41  
0TN C4    C3     doub Y N 42  
0TN C31   C30    sing Y N 43  
0TN RU    N2     sing N N 44  
0TN RU    N5     sing N N 45  
0TN RU    N8     sing N N 46  
0TN N2    C2     doub Y N 47  
0TN C3    C2     sing Y N 48  
0TN C20   N5     doub Y N 49  
0TN C20   C21    sing Y N 50  
0TN N5    C19    sing Y N 51  
0TN N8    C28    doub Y N 52  
0TN N8    C26    sing Y N 53  
0TN C28   C27    sing Y N 54  
0TN C21   C41    doub Y N 55  
0TN C19   C26    doub Y N 56  
0TN C19   C22    sing Y N 57  
0TN C26   C25    sing Y N 58  
0TN C27   C42    doub Y N 59  
0TN C41   C22    sing Y N 60  
0TN C22   C23    doub Y N 61  
0TN C25   C42    sing Y N 62  
0TN C25   C24    doub Y N 63  
0TN C23   C24    sing Y N 64  
0TN C2    H1     sing N N 65  
0TN C3    H2     sing N N 66  
0TN C4    H3     sing N N 67  
0TN C9    H4     sing N N 68  
0TN C11   H5     sing N N 69  
0TN C12   H6     sing N N 70  
0TN C14   H7     sing N N 71  
0TN C16   H8     sing N N 72  
0TN C17   H9     sing N N 73  
0TN C18   H10    sing N N 74  
0TN C20   H11    sing N N 75  
0TN C21   H12    sing N N 76  
0TN C23   H13    sing N N 77  
0TN C24   H14    sing N N 78  
0TN C27   H15    sing N N 79  
0TN C28   H16    sing N N 80  
0TN C30   H17    sing N N 81  
0TN C31   H18    sing N N 82  
0TN C33   H19    sing N N 83  
0TN C34   H20    sing N N 84  
0TN C37   H21    sing N N 85  
0TN C38   H22    sing N N 86  
0TN C41   H23    sing N N 87  
0TN C42   H24    sing N N 88  
0TN C43   H25    sing N N 89  
0TN C44   H26    sing N N 90  
DA  OP3   P      sing N N 91  
DA  OP3   HOP3   sing N N 92  
DA  P     OP1    doub N N 93  
DA  P     OP2    sing N N 94  
DA  P     "O5'"  sing N N 95  
DA  OP2   HOP2   sing N N 96  
DA  "O5'" "C5'"  sing N N 97  
DA  "C5'" "C4'"  sing N N 98  
DA  "C5'" "H5'"  sing N N 99  
DA  "C5'" "H5''" sing N N 100 
DA  "C4'" "O4'"  sing N N 101 
DA  "C4'" "C3'"  sing N N 102 
DA  "C4'" "H4'"  sing N N 103 
DA  "O4'" "C1'"  sing N N 104 
DA  "C3'" "O3'"  sing N N 105 
DA  "C3'" "C2'"  sing N N 106 
DA  "C3'" "H3'"  sing N N 107 
DA  "O3'" "HO3'" sing N N 108 
DA  "C2'" "C1'"  sing N N 109 
DA  "C2'" "H2'"  sing N N 110 
DA  "C2'" "H2''" sing N N 111 
DA  "C1'" N9     sing N N 112 
DA  "C1'" "H1'"  sing N N 113 
DA  N9    C8     sing Y N 114 
DA  N9    C4     sing Y N 115 
DA  C8    N7     doub Y N 116 
DA  C8    H8     sing N N 117 
DA  N7    C5     sing Y N 118 
DA  C5    C6     sing Y N 119 
DA  C5    C4     doub Y N 120 
DA  C6    N6     sing N N 121 
DA  C6    N1     doub Y N 122 
DA  N6    H61    sing N N 123 
DA  N6    H62    sing N N 124 
DA  N1    C2     sing Y N 125 
DA  C2    N3     doub Y N 126 
DA  C2    H2     sing N N 127 
DA  N3    C4     sing Y N 128 
DC  OP3   P      sing N N 129 
DC  OP3   HOP3   sing N N 130 
DC  P     OP1    doub N N 131 
DC  P     OP2    sing N N 132 
DC  P     "O5'"  sing N N 133 
DC  OP2   HOP2   sing N N 134 
DC  "O5'" "C5'"  sing N N 135 
DC  "C5'" "C4'"  sing N N 136 
DC  "C5'" "H5'"  sing N N 137 
DC  "C5'" "H5''" sing N N 138 
DC  "C4'" "O4'"  sing N N 139 
DC  "C4'" "C3'"  sing N N 140 
DC  "C4'" "H4'"  sing N N 141 
DC  "O4'" "C1'"  sing N N 142 
DC  "C3'" "O3'"  sing N N 143 
DC  "C3'" "C2'"  sing N N 144 
DC  "C3'" "H3'"  sing N N 145 
DC  "O3'" "HO3'" sing N N 146 
DC  "C2'" "C1'"  sing N N 147 
DC  "C2'" "H2'"  sing N N 148 
DC  "C2'" "H2''" sing N N 149 
DC  "C1'" N1     sing N N 150 
DC  "C1'" "H1'"  sing N N 151 
DC  N1    C2     sing N N 152 
DC  N1    C6     sing N N 153 
DC  C2    O2     doub N N 154 
DC  C2    N3     sing N N 155 
DC  N3    C4     doub N N 156 
DC  C4    N4     sing N N 157 
DC  C4    C5     sing N N 158 
DC  N4    H41    sing N N 159 
DC  N4    H42    sing N N 160 
DC  C5    C6     doub N N 161 
DC  C5    H5     sing N N 162 
DC  C6    H6     sing N N 163 
DG  OP3   P      sing N N 164 
DG  OP3   HOP3   sing N N 165 
DG  P     OP1    doub N N 166 
DG  P     OP2    sing N N 167 
DG  P     "O5'"  sing N N 168 
DG  OP2   HOP2   sing N N 169 
DG  "O5'" "C5'"  sing N N 170 
DG  "C5'" "C4'"  sing N N 171 
DG  "C5'" "H5'"  sing N N 172 
DG  "C5'" "H5''" sing N N 173 
DG  "C4'" "O4'"  sing N N 174 
DG  "C4'" "C3'"  sing N N 175 
DG  "C4'" "H4'"  sing N N 176 
DG  "O4'" "C1'"  sing N N 177 
DG  "C3'" "O3'"  sing N N 178 
DG  "C3'" "C2'"  sing N N 179 
DG  "C3'" "H3'"  sing N N 180 
DG  "O3'" "HO3'" sing N N 181 
DG  "C2'" "C1'"  sing N N 182 
DG  "C2'" "H2'"  sing N N 183 
DG  "C2'" "H2''" sing N N 184 
DG  "C1'" N9     sing N N 185 
DG  "C1'" "H1'"  sing N N 186 
DG  N9    C8     sing Y N 187 
DG  N9    C4     sing Y N 188 
DG  C8    N7     doub Y N 189 
DG  C8    H8     sing N N 190 
DG  N7    C5     sing Y N 191 
DG  C5    C6     sing N N 192 
DG  C5    C4     doub Y N 193 
DG  C6    O6     doub N N 194 
DG  C6    N1     sing N N 195 
DG  N1    C2     sing N N 196 
DG  N1    H1     sing N N 197 
DG  C2    N2     sing N N 198 
DG  C2    N3     doub N N 199 
DG  N2    H21    sing N N 200 
DG  N2    H22    sing N N 201 
DG  N3    C4     sing N N 202 
DT  OP3   P      sing N N 203 
DT  OP3   HOP3   sing N N 204 
DT  P     OP1    doub N N 205 
DT  P     OP2    sing N N 206 
DT  P     "O5'"  sing N N 207 
DT  OP2   HOP2   sing N N 208 
DT  "O5'" "C5'"  sing N N 209 
DT  "C5'" "C4'"  sing N N 210 
DT  "C5'" "H5'"  sing N N 211 
DT  "C5'" "H5''" sing N N 212 
DT  "C4'" "O4'"  sing N N 213 
DT  "C4'" "C3'"  sing N N 214 
DT  "C4'" "H4'"  sing N N 215 
DT  "O4'" "C1'"  sing N N 216 
DT  "C3'" "O3'"  sing N N 217 
DT  "C3'" "C2'"  sing N N 218 
DT  "C3'" "H3'"  sing N N 219 
DT  "O3'" "HO3'" sing N N 220 
DT  "C2'" "C1'"  sing N N 221 
DT  "C2'" "H2'"  sing N N 222 
DT  "C2'" "H2''" sing N N 223 
DT  "C1'" N1     sing N N 224 
DT  "C1'" "H1'"  sing N N 225 
DT  N1    C2     sing N N 226 
DT  N1    C6     sing N N 227 
DT  C2    O2     doub N N 228 
DT  C2    N3     sing N N 229 
DT  N3    C4     sing N N 230 
DT  N3    H3     sing N N 231 
DT  C4    O4     doub N N 232 
DT  C4    C5     sing N N 233 
DT  C5    C7     sing N N 234 
DT  C5    C6     doub N N 235 
DT  C7    H71    sing N N 236 
DT  C7    H72    sing N N 237 
DT  C7    H73    sing N N 238 
DT  C6    H6     sing N N 239 
HOH O     H1     sing N N 240 
HOH O     H2     sing N N 241 
NCO CO    N1     sing N N 242 
NCO CO    N2     sing N N 243 
NCO CO    N3     sing N N 244 
NCO CO    N4     sing N N 245 
NCO CO    N5     sing N N 246 
NCO CO    N6     sing N N 247 
NCO N1    HN11   sing N N 248 
NCO N1    HN12   sing N N 249 
NCO N1    HN13   sing N N 250 
NCO N2    HN21   sing N N 251 
NCO N2    HN22   sing N N 252 
NCO N2    HN23   sing N N 253 
NCO N3    HN31   sing N N 254 
NCO N3    HN32   sing N N 255 
NCO N3    HN33   sing N N 256 
NCO N4    HN41   sing N N 257 
NCO N4    HN42   sing N N 258 
NCO N4    HN43   sing N N 259 
NCO N5    HN51   sing N N 260 
NCO N5    HN52   sing N N 261 
NCO N5    HN53   sing N N 262 
NCO N6    HN61   sing N N 263 
NCO N6    HN62   sing N N 264 
NCO N6    HN63   sing N N 265 
# 
loop_
_ndb_struct_conf_na.entry_id 
_ndb_struct_conf_na.feature 
5JEV 'double helix'        
5JEV 'b-form double helix' 
# 
loop_
_ndb_struct_na_base_pair.model_number 
_ndb_struct_na_base_pair.i_label_asym_id 
_ndb_struct_na_base_pair.i_label_comp_id 
_ndb_struct_na_base_pair.i_label_seq_id 
_ndb_struct_na_base_pair.i_symmetry 
_ndb_struct_na_base_pair.j_label_asym_id 
_ndb_struct_na_base_pair.j_label_comp_id 
_ndb_struct_na_base_pair.j_label_seq_id 
_ndb_struct_na_base_pair.j_symmetry 
_ndb_struct_na_base_pair.shear 
_ndb_struct_na_base_pair.stretch 
_ndb_struct_na_base_pair.stagger 
_ndb_struct_na_base_pair.buckle 
_ndb_struct_na_base_pair.propeller 
_ndb_struct_na_base_pair.opening 
_ndb_struct_na_base_pair.pair_number 
_ndb_struct_na_base_pair.pair_name 
_ndb_struct_na_base_pair.i_auth_asym_id 
_ndb_struct_na_base_pair.i_auth_seq_id 
_ndb_struct_na_base_pair.i_PDB_ins_code 
_ndb_struct_na_base_pair.j_auth_asym_id 
_ndb_struct_na_base_pair.j_auth_seq_id 
_ndb_struct_na_base_pair.j_PDB_ins_code 
_ndb_struct_na_base_pair.hbond_type_28 
_ndb_struct_na_base_pair.hbond_type_12 
1 A DC 2 1_555 A DG 9 8_664 0.146  -0.145 0.210  -6.196  -8.087 -1.090 1 A_DC2:DG9_A A 2 ? A 9 ? 19 1 
1 A DG 3 1_555 A DC 8 8_664 -0.153 -0.094 0.331  15.669  -2.833 -1.092 2 A_DG3:DC8_A A 3 ? A 8 ? 19 1 
1 A DG 4 1_555 A DC 7 8_664 -0.129 -0.094 -0.033 -10.796 -7.145 -1.217 3 A_DG4:DC7_A A 4 ? A 7 ? 19 1 
1 A DC 5 1_555 A DG 6 8_664 0.117  -0.164 0.006  2.459   -5.716 -0.769 4 A_DC5:DG6_A A 5 ? A 6 ? 19 1 
1 A DG 6 1_555 A DC 5 8_664 -0.117 -0.164 0.006  -2.459  -5.716 -0.769 5 A_DG6:DC5_A A 6 ? A 5 ? 19 1 
1 A DC 7 1_555 A DG 4 8_664 0.129  -0.094 -0.033 10.796  -7.145 -1.217 6 A_DC7:DG4_A A 7 ? A 4 ? 19 1 
1 A DC 8 1_555 A DG 3 8_664 0.153  -0.094 0.331  -15.669 -2.833 -1.092 7 A_DC8:DG3_A A 8 ? A 3 ? 19 1 
1 A DG 9 1_555 A DC 2 8_664 -0.146 -0.145 0.210  6.196   -8.087 -1.090 8 A_DG9:DC2_A A 9 ? A 2 ? 19 1 
# 
loop_
_ndb_struct_na_base_pair_step.model_number 
_ndb_struct_na_base_pair_step.i_label_asym_id_1 
_ndb_struct_na_base_pair_step.i_label_comp_id_1 
_ndb_struct_na_base_pair_step.i_label_seq_id_1 
_ndb_struct_na_base_pair_step.i_symmetry_1 
_ndb_struct_na_base_pair_step.j_label_asym_id_1 
_ndb_struct_na_base_pair_step.j_label_comp_id_1 
_ndb_struct_na_base_pair_step.j_label_seq_id_1 
_ndb_struct_na_base_pair_step.j_symmetry_1 
_ndb_struct_na_base_pair_step.i_label_asym_id_2 
_ndb_struct_na_base_pair_step.i_label_comp_id_2 
_ndb_struct_na_base_pair_step.i_label_seq_id_2 
_ndb_struct_na_base_pair_step.i_symmetry_2 
_ndb_struct_na_base_pair_step.j_label_asym_id_2 
_ndb_struct_na_base_pair_step.j_label_comp_id_2 
_ndb_struct_na_base_pair_step.j_label_seq_id_2 
_ndb_struct_na_base_pair_step.j_symmetry_2 
_ndb_struct_na_base_pair_step.shift 
_ndb_struct_na_base_pair_step.slide 
_ndb_struct_na_base_pair_step.rise 
_ndb_struct_na_base_pair_step.tilt 
_ndb_struct_na_base_pair_step.roll 
_ndb_struct_na_base_pair_step.twist 
_ndb_struct_na_base_pair_step.x_displacement 
_ndb_struct_na_base_pair_step.y_displacement 
_ndb_struct_na_base_pair_step.helical_rise 
_ndb_struct_na_base_pair_step.inclination 
_ndb_struct_na_base_pair_step.tip 
_ndb_struct_na_base_pair_step.helical_twist 
_ndb_struct_na_base_pair_step.step_number 
_ndb_struct_na_base_pair_step.step_name 
_ndb_struct_na_base_pair_step.i_auth_asym_id_1 
_ndb_struct_na_base_pair_step.i_auth_seq_id_1 
_ndb_struct_na_base_pair_step.i_PDB_ins_code_1 
_ndb_struct_na_base_pair_step.j_auth_asym_id_1 
_ndb_struct_na_base_pair_step.j_auth_seq_id_1 
_ndb_struct_na_base_pair_step.j_PDB_ins_code_1 
_ndb_struct_na_base_pair_step.i_auth_asym_id_2 
_ndb_struct_na_base_pair_step.i_auth_seq_id_2 
_ndb_struct_na_base_pair_step.i_PDB_ins_code_2 
_ndb_struct_na_base_pair_step.j_auth_asym_id_2 
_ndb_struct_na_base_pair_step.j_auth_seq_id_2 
_ndb_struct_na_base_pair_step.j_PDB_ins_code_2 
1 A DC 2 1_555 A DG 9 8_664 A DG 3 1_555 A DC 8 8_664 0.070  0.365  2.829 3.700  3.176  30.773 0.151  0.486  2.840 5.938  -6.917 
31.148 1 AA_DC2DG3:DC8DG9_AA A 2 ? A 9 ? A 3 ? A 8 ? 
1 A DG 3 1_555 A DC 8 8_664 A DG 4 1_555 A DC 7 8_664 -0.519 0.110  5.273 0.701  48.604 23.600 -5.143 0.650  2.478 65.632 -0.947 
53.720 2 AA_DG3DG4:DC7DC8_AA A 3 ? A 8 ? A 4 ? A 7 ? 
1 A DG 4 1_555 A DC 7 8_664 A DC 5 1_555 A DG 6 8_664 0.144  -0.113 3.076 -2.659 2.495  28.933 -0.734 -0.830 3.030 4.968  5.295  
29.157 3 AA_DG4DC5:DG6DC7_AA A 4 ? A 7 ? A 5 ? A 6 ? 
1 A DC 5 1_555 A DG 6 8_664 A DG 6 1_555 A DC 5 8_664 0.000  0.504  3.239 0.000  3.158  39.014 0.376  0.000  3.268 4.719  0.000  
39.137 4 AA_DC5DG6:DC5DG6_AA A 5 ? A 6 ? A 6 ? A 5 ? 
1 A DG 6 1_555 A DC 5 8_664 A DC 7 1_555 A DG 4 8_664 -0.144 -0.113 3.076 2.659  2.495  28.933 -0.734 0.830  3.030 4.968  -5.295 
29.157 5 AA_DG6DC7:DG4DC5_AA A 6 ? A 5 ? A 7 ? A 4 ? 
1 A DC 7 1_555 A DG 4 8_664 A DC 8 1_555 A DG 3 8_664 0.519  0.110  5.273 -0.701 48.604 23.600 -5.143 -0.650 2.478 65.632 0.947  
53.720 6 AA_DC7DC8:DG3DG4_AA A 7 ? A 4 ? A 8 ? A 3 ? 
1 A DC 8 1_555 A DG 3 8_664 A DG 9 1_555 A DC 2 8_664 -0.070 0.365  2.829 -3.700 3.176  30.773 0.151  -0.486 2.840 5.938  6.917  
31.148 7 AA_DC8DG9:DC2DG3_AA A 8 ? A 3 ? A 9 ? A 2 ? 
# 
_atom_sites.entry_id                    5JEV 
_atom_sites.fract_transf_matrix[1][1]   -0.01940727 
_atom_sites.fract_transf_matrix[1][2]   -0.00667016 
_atom_sites.fract_transf_matrix[1][3]   0.00037769 
_atom_sites.fract_transf_matrix[2][1]   -0.00297295 
_atom_sites.fract_transf_matrix[2][2]   0.00966148 
_atom_sites.fract_transf_matrix[2][3]   0.01786318 
_atom_sites.fract_transf_matrix[3][1]   -0.00972948 
_atom_sites.fract_transf_matrix[3][2]   0.02737840 
_atom_sites.fract_transf_matrix[3][3]   -0.01642715 
_atom_sites.fract_transf_vector[1]      0.145936 
_atom_sites.fract_transf_vector[2]      0.863356 
_atom_sites.fract_transf_vector[3]      -0.214308 
# 
loop_
_atom_type.symbol 
C  
CO 
H  
N  
O  
P  
RU 
# 
loop_
_atom_site.group_PDB 
_atom_site.id 
_atom_site.type_symbol 
_atom_site.label_atom_id 
_atom_site.label_alt_id 
_atom_site.label_comp_id 
_atom_site.label_asym_id 
_atom_site.label_entity_id 
_atom_site.label_seq_id 
_atom_site.pdbx_PDB_ins_code 
_atom_site.Cartn_x 
_atom_site.Cartn_y 
_atom_site.Cartn_z 
_atom_site.occupancy 
_atom_site.B_iso_or_equiv 
_atom_site.pdbx_formal_charge 
_atom_site.auth_seq_id 
_atom_site.auth_comp_id 
_atom_site.auth_asym_id 
_atom_site.auth_atom_id 
_atom_site.pdbx_PDB_model_num 
ATOM   1   O  "O5'"  A DT  A 1 1  ? -8.922  -9.522  4.800   0.82 35.12 ? 1   DT  A "O5'"  1 
ATOM   2   O  "O5'"  B DT  A 1 1  ? -9.054  -9.559  4.792   0.18 33.94 ? 1   DT  A "O5'"  1 
ATOM   3   C  "C5'"  A DT  A 1 1  ? -8.863  -8.181  4.286   0.82 31.89 ? 1   DT  A "C5'"  1 
ATOM   4   C  "C5'"  B DT  A 1 1  ? -8.866  -8.300  4.150   0.18 31.62 ? 1   DT  A "C5'"  1 
ATOM   5   C  "C4'"  A DT  A 1 1  ? -10.094 -7.865  3.459   0.82 28.28 ? 1   DT  A "C4'"  1 
ATOM   6   C  "C4'"  B DT  A 1 1  ? -10.118 -7.896  3.408   0.18 28.10 ? 1   DT  A "C4'"  1 
ATOM   7   O  "O4'"  A DT  A 1 1  ? -11.251 -7.889  4.318   0.82 26.43 ? 1   DT  A "O4'"  1 
ATOM   8   O  "O4'"  B DT  A 1 1  ? -11.214 -7.859  4.338   0.18 26.15 ? 1   DT  A "O4'"  1 
ATOM   9   C  "C3'"  A DT  A 1 1  ? -10.100 -6.490  2.774   0.82 25.97 ? 1   DT  A "C3'"  1 
ATOM   10  C  "C3'"  B DT  A 1 1  ? -10.077 -6.516  2.741   0.18 25.88 ? 1   DT  A "C3'"  1 
ATOM   11  O  "O3'"  A DT  A 1 1  ? -10.256 -6.672  1.364   0.82 23.30 ? 1   DT  A "O3'"  1 
ATOM   12  O  "O3'"  B DT  A 1 1  ? -10.265 -6.665  1.354   0.18 23.65 ? 1   DT  A "O3'"  1 
ATOM   13  C  "C2'"  A DT  A 1 1  ? -11.281 -5.739  3.417   0.82 24.55 ? 1   DT  A "C2'"  1 
ATOM   14  C  "C2'"  B DT  A 1 1  ? -11.214 -5.731  3.401   0.18 24.93 ? 1   DT  A "C2'"  1 
ATOM   15  C  "C1'"  A DT  A 1 1  ? -12.141 -6.878  3.936   0.82 23.42 ? 1   DT  A "C1'"  1 
ATOM   16  C  "C1'"  B DT  A 1 1  ? -12.079 -6.828  3.971   0.18 23.93 ? 1   DT  A "C1'"  1 
ATOM   17  N  N1     A DT  A 1 1  ? -12.986 -6.536  5.107   0.82 19.62 ? 1   DT  A N1     1 
ATOM   18  N  N1     B DT  A 1 1  ? -12.854 -6.444  5.140   0.18 21.15 ? 1   DT  A N1     1 
ATOM   19  C  C2     A DT  A 1 1  ? -14.323 -6.842  5.062   0.82 20.05 ? 1   DT  A C2     1 
ATOM   20  C  C2     B DT  A 1 1  ? -12.286 -5.786  6.217   0.18 21.02 ? 1   DT  A C2     1 
ATOM   21  O  O2     A DT  A 1 1  ? -14.858 -7.332  4.088   0.82 21.97 ? 1   DT  A O2     1 
ATOM   22  O  O2     B DT  A 1 1  ? -11.130 -5.464  6.270   0.18 22.02 ? 1   DT  A O2     1 
ATOM   23  N  N3     A DT  A 1 1  ? -15.032 -6.509  6.177   0.82 18.20 ? 1   DT  A N3     1 
ATOM   24  N  N3     B DT  A 1 1  ? -13.149 -5.503  7.234   0.18 19.70 ? 1   DT  A N3     1 
ATOM   25  C  C4     A DT  A 1 1  ? -14.548 -5.900  7.318   0.82 18.57 ? 1   DT  A C4     1 
ATOM   26  C  C4     B DT  A 1 1  ? -14.466 -5.815  7.273   0.18 19.30 ? 1   DT  A C4     1 
ATOM   27  O  O4     A DT  A 1 1  ? -15.274 -5.632  8.253   0.82 18.75 ? 1   DT  A O4     1 
ATOM   28  O  O4     B DT  A 1 1  ? -15.200 -5.536  8.214   0.18 19.38 ? 1   DT  A O4     1 
ATOM   29  C  C5     A DT  A 1 1  ? -13.118 -5.636  7.324   0.82 19.69 ? 1   DT  A C5     1 
ATOM   30  C  C5     B DT  A 1 1  ? -14.933 -6.497  6.131   0.18 19.74 ? 1   DT  A C5     1 
ATOM   31  C  C7     A DT  A 1 1  ? -12.440 -5.027  8.520   0.82 20.15 ? 1   DT  A C7     1 
ATOM   32  C  C7     B DT  A 1 1  ? -16.276 -6.858  6.066   0.18 20.13 ? 1   DT  A C7     1 
ATOM   33  C  C6     A DT  A 1 1  ? -12.417 -5.974  6.232   0.82 20.69 ? 1   DT  A C6     1 
ATOM   34  C  C6     B DT  A 1 1  ? -14.137 -6.780  5.149   0.18 20.22 ? 1   DT  A C6     1 
ATOM   35  H  "H5'"  A DT  A 1 1  ? -8.073  -8.087  3.731   0.82 38.26 ? 1   DT  A "H5'"  1 
ATOM   36  H  "H5'"  B DT  A 1 1  ? -8.129  -8.368  3.522   0.18 37.94 ? 1   DT  A "H5'"  1 
ATOM   37  H  "H5''" A DT  A 1 1  ? -8.809  -7.558  5.028   0.82 38.26 ? 1   DT  A "H5''" 1 
ATOM   38  H  "H5''" B DT  A 1 1  ? -8.657  -7.628  4.817   0.18 37.94 ? 1   DT  A "H5''" 1 
ATOM   39  H  "H4'"  A DT  A 1 1  ? -10.196 -8.550  2.781   0.82 33.93 ? 1   DT  A "H4'"  1 
ATOM   40  H  "H4'"  B DT  A 1 1  ? -10.308 -8.564  2.730   0.18 33.72 ? 1   DT  A "H4'"  1 
ATOM   41  H  "H3'"  A DT  A 1 1  ? -9.270  -6.023  2.960   0.82 31.16 ? 1   DT  A "H3'"  1 
ATOM   42  H  "H3'"  B DT  A 1 1  ? -9.226  -6.086  2.919   0.18 31.06 ? 1   DT  A "H3'"  1 
ATOM   43  H  "H2'"  A DT  A 1 1  ? -10.977 -5.177  4.146   0.82 29.46 ? 1   DT  A "H2'"  1 
ATOM   44  H  "H2'"  B DT  A 1 1  ? -10.873 -5.159  4.106   0.18 29.92 ? 1   DT  A "H2'"  1 
ATOM   45  H  "H2''" A DT  A 1 1  ? -11.762 -5.219  2.753   0.82 29.46 ? 1   DT  A "H2''" 1 
ATOM   46  H  "H2''" B DT  A 1 1  ? -11.702 -5.214  2.741   0.18 29.92 ? 1   DT  A "H2''" 1 
ATOM   47  H  "H1'"  A DT  A 1 1  ? -12.706 -7.204  3.218   0.82 28.11 ? 1   DT  A "H1'"  1 
ATOM   48  H  "H1'"  B DT  A 1 1  ? -12.681 -7.149  3.281   0.18 28.71 ? 1   DT  A "H1'"  1 
ATOM   49  H  H3     A DT  A 1 1  ? -15.879 -6.655  6.151   0.82 21.84 ? 1   DT  A H3     1 
ATOM   50  H  H3     B DT  A 1 1  ? -12.827 -5.088  7.915   0.18 23.63 ? 1   DT  A H3     1 
ATOM   51  H  H71    A DT  A 1 1  ? -11.761 -5.635  8.851   0.82 24.18 ? 1   DT  A H71    1 
ATOM   52  H  H71    B DT  A 1 1  ? -16.728 -6.567  6.873   0.18 24.15 ? 1   DT  A H71    1 
ATOM   53  H  H72    A DT  A 1 1  ? -12.025 -4.189  8.264   0.82 24.18 ? 1   DT  A H72    1 
ATOM   54  H  H72    B DT  A 1 1  ? -16.687 -6.436  5.296   0.18 24.15 ? 1   DT  A H72    1 
ATOM   55  H  H73    A DT  A 1 1  ? -13.096 -4.864  9.215   0.82 24.18 ? 1   DT  A H73    1 
ATOM   56  H  H73    B DT  A 1 1  ? -16.347 -7.822  5.983   0.18 24.15 ? 1   DT  A H73    1 
ATOM   57  H  H6     A DT  A 1 1  ? -11.503 -5.802  6.224   0.82 24.83 ? 1   DT  A H6     1 
ATOM   58  H  H6     B DT  A 1 1  ? -14.485 -7.222  4.409   0.18 24.27 ? 1   DT  A H6     1 
ATOM   59  H  "HO5'" A DT  A 1 1  ? -8.295  -9.819  5.273   0.82 42.14 ? 1   DT  A "HO5'" 1 
ATOM   60  H  "HO5'" B DT  A 1 1  ? -9.816  -9.780  5.069   0.18 40.73 ? 1   DT  A "HO5'" 1 
ATOM   61  P  P      . DC  A 1 2  ? -9.406  -5.797  0.316   1.00 21.12 ? 2   DC  A P      1 
ATOM   62  O  OP1    . DC  A 1 2  ? -9.410  -6.526  -0.959  1.00 24.18 ? 2   DC  A OP1    1 
ATOM   63  O  OP2    . DC  A 1 2  ? -8.114  -5.376  0.916   1.00 22.48 ? 2   DC  A OP2    1 
ATOM   64  O  "O5'"  . DC  A 1 2  ? -10.274 -4.483  0.135   1.00 21.37 ? 2   DC  A "O5'"  1 
ATOM   65  C  "C5'"  . DC  A 1 2  ? -11.532 -4.514  -0.505  1.00 22.12 ? 2   DC  A "C5'"  1 
ATOM   66  C  "C4'"  . DC  A 1 2  ? -12.076 -3.088  -0.655  1.00 21.40 ? 2   DC  A "C4'"  1 
ATOM   67  O  "O4'"  . DC  A 1 2  ? -12.346 -2.522  0.629   1.00 21.00 ? 2   DC  A "O4'"  1 
ATOM   68  C  "C3'"  . DC  A 1 2  ? -11.139 -2.119  -1.332  1.00 21.93 ? 2   DC  A "C3'"  1 
ATOM   69  O  "O3'"  . DC  A 1 2  ? -11.474 -2.064  -2.656  1.00 23.34 ? 2   DC  A "O3'"  1 
ATOM   70  C  "C2'"  . DC  A 1 2  ? -11.358 -0.765  -0.644  1.00 21.91 ? 2   DC  A "C2'"  1 
ATOM   71  C  "C1'"  . DC  A 1 2  ? -11.970 -1.143  0.670   1.00 19.88 ? 2   DC  A "C1'"  1 
ATOM   72  N  N1     . DC  A 1 2  ? -11.109 -0.968  1.840   1.00 16.58 ? 2   DC  A N1     1 
ATOM   73  C  C2     . DC  A 1 2  ? -11.094 0.272   2.453   1.00 15.03 ? 2   DC  A C2     1 
ATOM   74  O  O2     . DC  A 1 2  ? -11.694 1.206   1.907   1.00 15.28 ? 2   DC  A O2     1 
ATOM   75  N  N3     . DC  A 1 2  ? -10.401 0.418   3.596   1.00 14.36 ? 2   DC  A N3     1 
ATOM   76  C  C4     . DC  A 1 2  ? -9.729  -0.612  4.118   1.00 15.42 ? 2   DC  A C4     1 
ATOM   77  N  N4     . DC  A 1 2  ? -9.099  -0.399  5.252   1.00 17.07 ? 2   DC  A N4     1 
ATOM   78  C  C5     . DC  A 1 2  ? -9.731  -1.896  3.521   1.00 16.64 ? 2   DC  A C5     1 
ATOM   79  C  C6     . DC  A 1 2  ? -10.447 -2.039  2.397   1.00 16.52 ? 2   DC  A C6     1 
ATOM   80  H  "H5'"  . DC  A 1 2  ? -12.150 -5.040  0.026   1.00 26.55 ? 2   DC  A "H5'"  1 
ATOM   81  H  "H5''" . DC  A 1 2  ? -11.437 -4.916  -1.382  1.00 26.55 ? 2   DC  A "H5''" 1 
ATOM   82  H  "H4'"  . DC  A 1 2  ? -12.904 -3.123  -1.160  1.00 25.69 ? 2   DC  A "H4'"  1 
ATOM   83  H  "H3'"  . DC  A 1 2  ? -10.219 -2.408  -1.225  1.00 26.32 ? 2   DC  A "H3'"  1 
ATOM   84  H  "H2'"  . DC  A 1 2  ? -10.512 -0.309  -0.509  1.00 26.29 ? 2   DC  A "H2'"  1 
ATOM   85  H  "H2''" . DC  A 1 2  ? -11.966 -0.214  -1.160  1.00 26.29 ? 2   DC  A "H2''" 1 
ATOM   86  H  "H1'"  . DC  A 1 2  ? -12.771 -0.612  0.797   1.00 23.86 ? 2   DC  A "H1'"  1 
ATOM   87  H  H41    . DC  A 1 2  ? -8.654  -1.035  5.623   1.00 20.49 ? 2   DC  A H41    1 
ATOM   88  H  H42    . DC  A 1 2  ? -9.131  0.377   5.623   1.00 20.49 ? 2   DC  A H42    1 
ATOM   89  H  H5     . DC  A 1 2  ? -9.296  -2.616  3.915   1.00 19.97 ? 2   DC  A H5     1 
ATOM   90  H  H6     . DC  A 1 2  ? -10.502 -2.874  1.991   1.00 19.83 ? 2   DC  A H6     1 
ATOM   91  P  P      . DG  A 1 3  ? -10.316 -2.127  -3.737  1.00 22.81 ? 3   DG  A P      1 
ATOM   92  O  OP1    . DG  A 1 3  ? -10.983 -2.469  -5.033  1.00 24.26 ? 3   DG  A OP1    1 
ATOM   93  O  OP2    . DG  A 1 3  ? -9.329  -3.103  -3.229  1.00 23.78 ? 3   DG  A OP2    1 
ATOM   94  O  "O5'"  . DG  A 1 3  ? -9.712  -0.639  -3.730  1.00 21.15 ? 3   DG  A "O5'"  1 
ATOM   95  C  "C5'"  . DG  A 1 3  ? -10.382 0.378   -4.415  1.00 19.16 ? 3   DG  A "C5'"  1 
ATOM   96  C  "C4'"  . DG  A 1 3  ? -9.839  1.742   -4.063  1.00 17.75 ? 3   DG  A "C4'"  1 
ATOM   97  O  "O4'"  . DG  A 1 3  ? -10.112 2.010   -2.680  1.00 17.32 ? 3   DG  A "O4'"  1 
ATOM   98  C  "C3'"  . DG  A 1 3  ? -8.346  1.896   -4.205  1.00 18.27 ? 3   DG  A "C3'"  1 
ATOM   99  O  "O3'"  . DG  A 1 3  ? -8.038  2.271   -5.535  1.00 21.13 ? 3   DG  A "O3'"  1 
ATOM   100 C  "C2'"  . DG  A 1 3  ? -8.008  2.966   -3.171  1.00 18.40 ? 3   DG  A "C2'"  1 
ATOM   101 C  "C1'"  . DG  A 1 3  ? -9.078  2.754   -2.100  1.00 16.80 ? 3   DG  A "C1'"  1 
ATOM   102 N  N9     . DG  A 1 3  ? -8.564  2.050   -0.948  1.00 16.48 ? 3   DG  A N9     1 
ATOM   103 C  C8     . DG  A 1 3  ? -8.082  0.763   -0.902  1.00 17.13 ? 3   DG  A C8     1 
ATOM   104 N  N7     . DG  A 1 3  ? -7.614  0.415   0.264   1.00 16.96 ? 3   DG  A N7     1 
ATOM   105 C  C5     . DG  A 1 3  ? -7.815  1.551   1.053   1.00 15.26 ? 3   DG  A C5     1 
ATOM   106 C  C6     . DG  A 1 3  ? -7.513  1.783   2.404   1.00 14.68 ? 3   DG  A C6     1 
ATOM   107 O  O6     . DG  A 1 3  ? -6.973  1.015   3.214   1.00 15.79 ? 3   DG  A O6     1 
ATOM   108 N  N1     . DG  A 1 3  ? -7.856  3.078   2.800   1.00 14.31 ? 3   DG  A N1     1 
ATOM   109 C  C2     . DG  A 1 3  ? -8.432  4.018   1.986   1.00 13.33 ? 3   DG  A C2     1 
ATOM   110 N  N2     . DG  A 1 3  ? -8.684  5.213   2.556   1.00 13.18 ? 3   DG  A N2     1 
ATOM   111 N  N3     . DG  A 1 3  ? -8.753  3.807   0.726   1.00 13.90 ? 3   DG  A N3     1 
ATOM   112 C  C4     . DG  A 1 3  ? -8.403  2.554   0.317   1.00 14.51 ? 3   DG  A C4     1 
ATOM   113 H  "H5'"  . DG  A 1 3  ? -11.325 0.345   -4.187  1.00 23.00 ? 3   DG  A "H5'"  1 
ATOM   114 H  "H5''" . DG  A 1 3  ? -10.283 0.236   -5.370  1.00 23.00 ? 3   DG  A "H5''" 1 
ATOM   115 H  "H4'"  . DG  A 1 3  ? -10.280 2.411   -4.609  1.00 21.30 ? 3   DG  A "H4'"  1 
ATOM   116 H  "H3'"  . DG  A 1 3  ? -7.903  1.063   -3.981  1.00 21.92 ? 3   DG  A "H3'"  1 
ATOM   117 H  "H2'"  . DG  A 1 3  ? -7.122  2.821   -2.804  1.00 22.08 ? 3   DG  A "H2'"  1 
ATOM   118 H  "H2''" . DG  A 1 3  ? -8.081  3.852   -3.558  1.00 22.08 ? 3   DG  A "H2''" 1 
ATOM   119 H  "H1'"  . DG  A 1 3  ? -9.424  3.616   -1.820  1.00 20.16 ? 3   DG  A "H1'"  1 
ATOM   120 H  H8     . DG  A 1 3  ? -8.077  0.197   -1.639  1.00 20.55 ? 3   DG  A H8     1 
ATOM   121 H  H1     . DG  A 1 3  ? -7.710  3.295   3.619   1.00 17.18 ? 3   DG  A H1     1 
ATOM   122 H  H21    . DG  A 1 3  ? -9.055  5.839   2.097   1.00 15.82 ? 3   DG  A H21    1 
ATOM   123 H  H22    . DG  A 1 3  ? -8.474  5.350   3.379   1.00 15.82 ? 3   DG  A H22    1 
ATOM   124 P  P      . DG  A 1 4  ? -6.580  1.983   -6.144  1.00 23.41 ? 4   DG  A P      1 
ATOM   125 O  OP1    . DG  A 1 4  ? -6.682  2.225   -7.612  1.00 26.80 ? 4   DG  A OP1    1 
ATOM   126 O  OP2    . DG  A 1 4  ? -5.984  0.680   -5.686  1.00 22.76 ? 4   DG  A OP2    1 
ATOM   127 O  "O5'"  . DG  A 1 4  ? -5.646  3.085   -5.448  1.00 21.62 ? 4   DG  A "O5'"  1 
ATOM   128 C  "C5'"  . DG  A 1 4  ? -5.850  4.480   -5.671  1.00 20.25 ? 4   DG  A "C5'"  1 
ATOM   129 C  "C4'"  . DG  A 1 4  ? -4.642  5.284   -5.206  1.00 19.53 ? 4   DG  A "C4'"  1 
ATOM   130 O  "O4'"  . DG  A 1 4  ? -4.397  5.049   -3.786  1.00 17.90 ? 4   DG  A "O4'"  1 
ATOM   131 C  "C3'"  . DG  A 1 4  ? -3.341  4.944   -5.911  1.00 19.81 ? 4   DG  A "C3'"  1 
ATOM   132 O  "O3'"  . DG  A 1 4  ? -2.559  6.126   -6.037  1.00 21.26 ? 4   DG  A "O3'"  1 
ATOM   133 C  "C2'"  . DG  A 1 4  ? -2.711  3.900   -4.985  1.00 18.21 ? 4   DG  A "C2'"  1 
ATOM   134 C  "C1'"  . DG  A 1 4  ? -3.140  4.380   -3.609  1.00 16.90 ? 4   DG  A "C1'"  1 
ATOM   135 N  N9     . DG  A 1 4  ? -3.354  3.340   -2.614  1.00 15.59 ? 4   DG  A N9     1 
ATOM   136 C  C8     . DG  A 1 4  ? -4.072  2.185   -2.776  1.00 15.33 ? 4   DG  A C8     1 
ATOM   137 N  N7     . DG  A 1 4  ? -4.167  1.467   -1.692  1.00 15.80 ? 4   DG  A N7     1 
ATOM   138 C  C5     . DG  A 1 4  ? -3.469  2.197   -0.746  1.00 14.27 ? 4   DG  A C5     1 
ATOM   139 C  C6     . DG  A 1 4  ? -3.226  1.928   0.616   1.00 14.65 ? 4   DG  A C6     1 
ATOM   140 O  O6     . DG  A 1 4  ? -3.612  0.986   1.294   1.00 15.48 ? 4   DG  A O6     1 
ATOM   141 N  N1     . DG  A 1 4  ? -2.480  2.940   1.211   1.00 14.27 ? 4   DG  A N1     1 
ATOM   142 C  C2     . DG  A 1 4  ? -2.033  4.068   0.575   1.00 14.40 ? 4   DG  A C2     1 
ATOM   143 N  N2     . DG  A 1 4  ? -1.356  4.953   1.325   1.00 15.35 ? 4   DG  A N2     1 
ATOM   144 N  N3     . DG  A 1 4  ? -2.247  4.322   -0.705  1.00 14.44 ? 4   DG  A N3     1 
ATOM   145 C  C4     . DG  A 1 4  ? -2.965  3.356   -1.296  1.00 14.49 ? 4   DG  A C4     1 
ATOM   146 H  "H5'"  . DG  A 1 4  ? -6.634  4.769   -5.181  1.00 24.30 ? 4   DG  A "H5'"  1 
ATOM   147 H  "H5''" . DG  A 1 4  ? -5.991  4.634   -6.618  1.00 24.30 ? 4   DG  A "H5''" 1 
ATOM   148 H  "H4'"  . DG  A 1 4  ? -4.829  6.227   -5.337  1.00 23.43 ? 4   DG  A "H4'"  1 
ATOM   149 H  "H3'"  . DG  A 1 4  ? -3.520  4.560   -6.784  1.00 23.77 ? 4   DG  A "H3'"  1 
ATOM   150 H  "H2'"  . DG  A 1 4  ? -3.068  3.018   -5.168  1.00 21.85 ? 4   DG  A "H2'"  1 
ATOM   151 H  "H2''" . DG  A 1 4  ? -1.744  3.908   -5.066  1.00 21.85 ? 4   DG  A "H2''" 1 
ATOM   152 H  "H1'"  . DG  A 1 4  ? -2.486  5.014   -3.274  1.00 20.29 ? 4   DG  A "H1'"  1 
ATOM   153 H  H8     . DG  A 1 4  ? -4.453  1.934   -3.586  1.00 18.39 ? 4   DG  A H8     1 
ATOM   154 H  H1     . DG  A 1 4  ? -2.297  2.859   2.048   1.00 17.12 ? 4   DG  A H1     1 
ATOM   155 H  H21    . DG  A 1 4  ? -1.063  5.681   0.973   1.00 18.43 ? 4   DG  A H21    1 
ATOM   156 H  H22    . DG  A 1 4  ? -1.216  4.792   2.159   1.00 18.43 ? 4   DG  A H22    1 
ATOM   157 P  P      . DC  A 1 5  ? -1.151  6.112   -6.811  1.00 25.26 ? 5   DC  A P      1 
ATOM   158 O  OP1    . DC  A 1 5  ? -0.925  7.460   -7.364  1.00 27.18 ? 5   DC  A OP1    1 
ATOM   159 O  OP2    . DC  A 1 5  ? -1.151  4.972   -7.746  1.00 27.05 ? 5   DC  A OP2    1 
ATOM   160 O  "O5'"  . DC  A 1 5  ? -0.088  5.822   -5.678  1.00 23.81 ? 5   DC  A "O5'"  1 
ATOM   161 C  "C5'"  . DC  A 1 5  ? 0.097   6.762   -4.685  1.00 24.64 ? 5   DC  A "C5'"  1 
ATOM   162 C  "C4'"  . DC  A 1 5  ? 1.096   6.263   -3.686  1.00 24.87 ? 5   DC  A "C4'"  1 
ATOM   163 O  "O4'"  . DC  A 1 5  ? 0.481   5.231   -2.873  1.00 23.91 ? 5   DC  A "O4'"  1 
ATOM   164 C  "C3'"  . DC  A 1 5  ? 2.347   5.598   -4.293  1.00 26.90 ? 5   DC  A "C3'"  1 
ATOM   165 O  "O3'"  . DC  A 1 5  ? 3.489   6.013   -3.593  1.00 30.20 ? 5   DC  A "O3'"  1 
ATOM   166 C  "C2'"  . DC  A 1 5  ? 2.076   4.116   -4.070  1.00 25.58 ? 5   DC  A "C2'"  1 
ATOM   167 C  "C1'"  . DC  A 1 5  ? 1.402   4.191   -2.718  1.00 24.23 ? 5   DC  A "C1'"  1 
ATOM   168 N  N1     . DC  A 1 5  ? 0.705   2.979   -2.285  1.00 20.55 ? 5   DC  A N1     1 
ATOM   169 C  C2     . DC  A 1 5  ? 0.744   2.639   -0.928  1.00 20.31 ? 5   DC  A C2     1 
ATOM   170 O  O2     . DC  A 1 5  ? 1.363   3.366   -0.140  1.00 20.44 ? 5   DC  A O2     1 
ATOM   171 N  N3     . DC  A 1 5  ? 0.118   1.514   -0.514  1.00 19.39 ? 5   DC  A N3     1 
ATOM   172 C  C4     . DC  A 1 5  ? -0.538  0.756   -1.389  1.00 19.66 ? 5   DC  A C4     1 
ATOM   173 N  N4     . DC  A 1 5  ? -1.147  -0.321  -0.924  1.00 20.33 ? 5   DC  A N4     1 
ATOM   174 C  C5     . DC  A 1 5  ? -0.586  1.080   -2.782  1.00 20.03 ? 5   DC  A C5     1 
ATOM   175 C  C6     . DC  A 1 5  ? 0.044   2.187   -3.181  1.00 20.14 ? 5   DC  A C6     1 
ATOM   176 H  "H5'"  . DC  A 1 5  ? -0.748  6.929   -4.239  1.00 29.57 ? 5   DC  A "H5'"  1 
ATOM   177 H  "H5''" . DC  A 1 5  ? 0.421   7.586   -5.079  1.00 29.57 ? 5   DC  A "H5''" 1 
ATOM   178 H  "H4'"  . DC  A 1 5  ? 1.371   6.997   -3.115  1.00 29.84 ? 5   DC  A "H4'"  1 
ATOM   179 H  "H3'"  . DC  A 1 5  ? 2.423   5.800   -5.238  1.00 32.28 ? 5   DC  A "H3'"  1 
ATOM   180 H  "H2'"  . DC  A 1 5  ? 1.474   3.763   -4.745  1.00 30.70 ? 5   DC  A "H2'"  1 
ATOM   181 H  "H2''" . DC  A 1 5  ? 2.901   3.609   -4.025  1.00 30.70 ? 5   DC  A "H2''" 1 
ATOM   182 H  "H1'"  . DC  A 1 5  ? 2.057   4.441   -2.048  1.00 29.07 ? 5   DC  A "H1'"  1 
ATOM   183 H  H41    . DC  A 1 5  ? -1.580  -0.835  -1.461  1.00 24.39 ? 5   DC  A H41    1 
ATOM   184 H  H42    . DC  A 1 5  ? -1.110  -0.509  -0.086  1.00 24.39 ? 5   DC  A H42    1 
ATOM   185 H  H5     . DC  A 1 5  ? -1.047  0.543   -3.386  1.00 24.04 ? 5   DC  A H5     1 
ATOM   186 H  H6     . DC  A 1 5  ? 0.026   2.427   -4.079  1.00 24.17 ? 5   DC  A H6     1 
ATOM   187 P  P      A DG  A 1 6  ? 4.685   6.797   -4.312  0.49 34.44 ? 6   DG  A P      1 
ATOM   188 P  P      B DG  A 1 6  ? 4.946   5.980   -4.273  0.51 25.56 ? 6   DG  A P      1 
ATOM   189 O  OP1    A DG  A 1 6  ? 4.431   8.252   -4.223  0.49 36.95 ? 6   DG  A OP1    1 
ATOM   190 O  OP1    B DG  A 1 6  ? 5.163   7.302   -4.891  0.51 26.82 ? 6   DG  A OP1    1 
ATOM   191 O  OP2    A DG  A 1 6  ? 4.870   6.159   -5.633  0.49 36.29 ? 6   DG  A OP2    1 
ATOM   192 O  OP2    B DG  A 1 6  ? 5.092   4.777   -5.126  0.51 27.29 ? 6   DG  A OP2    1 
ATOM   193 O  "O5'"  A DG  A 1 6  ? 5.950   6.432   -3.402  0.49 33.99 ? 6   DG  A "O5'"  1 
ATOM   194 O  "O5'"  B DG  A 1 6  ? 5.896   5.897   -2.991  0.51 24.49 ? 6   DG  A "O5'"  1 
ATOM   195 C  "C5'"  A DG  A 1 6  ? 6.053   6.969   -2.095  0.49 31.42 ? 6   DG  A "C5'"  1 
ATOM   196 C  "C5'"  B DG  A 1 6  ? 5.587   6.698   -1.824  0.51 23.39 ? 6   DG  A "C5'"  1 
ATOM   197 C  "C4'"  A DG  A 1 6  ? 6.374   5.891   -1.069  0.49 28.28 ? 6   DG  A "C4'"  1 
ATOM   198 C  "C4'"  B DG  A 1 6  ? 6.179   6.092   -0.553  0.51 22.18 ? 6   DG  A "C4'"  1 
ATOM   199 O  "O4'"  A DG  A 1 6  ? 5.233   5.039   -0.863  0.49 26.61 ? 6   DG  A "O4'"  1 
ATOM   200 O  "O4'"  B DG  A 1 6  ? 5.372   4.963   -0.102  0.51 22.14 ? 6   DG  A "O4'"  1 
ATOM   201 C  "C3'"  A DG  A 1 6  ? 7.481   4.929   -1.456  0.49 26.92 ? 6   DG  A "C3'"  1 
ATOM   202 C  "C3'"  B DG  A 1 6  ? 7.587   5.553   -0.716  0.51 21.01 ? 6   DG  A "C3'"  1 
ATOM   203 O  "O3'"  A DG  A 1 6  ? 8.729   5.444   -1.120  0.49 25.33 ? 6   DG  A "O3'"  1 
ATOM   204 O  "O3'"  B DG  A 1 6  ? 8.346   5.777   0.446   0.51 21.15 ? 6   DG  A "O3'"  1 
ATOM   205 C  "C2'"  A DG  A 1 6  ? 7.162   3.671   -0.651  0.49 26.66 ? 6   DG  A "C2'"  1 
ATOM   206 C  "C2'"  B DG  A 1 6  ? 7.364   4.073   -0.982  0.51 20.48 ? 6   DG  A "C2'"  1 
ATOM   207 C  "C1'"  A DG  A 1 6  ? 5.684   3.817   -0.299  0.49 25.40 ? 6   DG  A "C1'"  1 
ATOM   208 C  "C1'"  B DG  A 1 6  ? 6.142   3.764   -0.134  0.51 20.26 ? 6   DG  A "C1'"  1 
ATOM   209 N  N9     A DG  A 1 6  ? 4.850   2.745   -0.815  0.49 22.92 ? 6   DG  A N9     1 
ATOM   210 N  N9     B DG  A 1 6  ? 5.290   2.710   -0.676  0.51 17.84 ? 6   DG  A N9     1 
ATOM   211 C  C8     A DG  A 1 6  ? 4.428   2.589   -2.109  0.49 22.06 ? 6   DG  A C8     1 
ATOM   212 C  C8     B DG  A 1 6  ? 4.876   2.588   -1.978  0.51 16.78 ? 6   DG  A C8     1 
ATOM   213 N  N7     A DG  A 1 6  ? 3.671   1.547   -2.290  0.49 21.44 ? 6   DG  A N7     1 
ATOM   214 N  N7     B DG  A 1 6  ? 4.084   1.580   -2.181  0.51 16.68 ? 6   DG  A N7     1 
ATOM   215 C  C5     A DG  A 1 6  ? 3.582   0.972   -1.031  0.49 19.98 ? 6   DG  A C5     1 
ATOM   216 C  C5     B DG  A 1 6  ? 3.953   0.995   -0.938  0.51 16.44 ? 6   DG  A C5     1 
ATOM   217 C  C6     A DG  A 1 6  ? 2.880   -0.179  -0.598  0.49 18.68 ? 6   DG  A C6     1 
ATOM   218 C  C6     B DG  A 1 6  ? 3.194   -0.124  -0.540  0.51 17.79 ? 6   DG  A C6     1 
ATOM   219 O  O6     A DG  A 1 6  ? 2.177   -0.955  -1.265  0.49 19.04 ? 6   DG  A O6     1 
ATOM   220 O  O6     B DG  A 1 6  ? 2.486   -0.863  -1.240  0.51 18.87 ? 6   DG  A O6     1 
ATOM   221 N  N1     A DG  A 1 6  ? 3.056   -0.408  0.760   0.49 18.85 ? 6   DG  A N1     1 
ATOM   222 N  N1     B DG  A 1 6  ? 3.334   -0.381  0.821   0.51 17.91 ? 6   DG  A N1     1 
ATOM   223 C  C2     A DG  A 1 6  ? 3.808   0.381   1.600   0.49 19.58 ? 6   DG  A C2     1 
ATOM   224 C  C2     B DG  A 1 6  ? 4.094   0.370   1.689   0.51 17.11 ? 6   DG  A C2     1 
ATOM   225 N  N2     A DG  A 1 6  ? 3.852   0.002   2.880   0.49 20.86 ? 6   DG  A N2     1 
ATOM   226 N  N2     B DG  A 1 6  ? 4.115   -0.030  2.963   0.51 18.12 ? 6   DG  A N2     1 
ATOM   227 N  N3     A DG  A 1 6  ? 4.459   1.472   1.216   0.49 20.41 ? 6   DG  A N3     1 
ATOM   228 N  N3     B DG  A 1 6  ? 4.805   1.432   1.331   0.51 17.74 ? 6   DG  A N3     1 
ATOM   229 C  C4     A DG  A 1 6  ? 4.304   1.705   -0.108  0.49 20.89 ? 6   DG  A C4     1 
ATOM   230 C  C4     B DG  A 1 6  ? 4.673   1.694   0.012   0.51 17.16 ? 6   DG  A C4     1 
ATOM   231 H  "H5'"  A DG  A 1 6  ? 5.211   7.389   -1.859  0.49 37.71 ? 6   DG  A "H5'"  1 
ATOM   232 H  "H5'"  B DG  A 1 6  ? 4.623   6.757   -1.727  0.51 28.07 ? 6   DG  A "H5'"  1 
ATOM   233 H  "H5''" A DG  A 1 6  ? 6.755   7.637   -2.081  0.49 37.71 ? 6   DG  A "H5''" 1 
ATOM   234 H  "H5''" B DG  A 1 6  ? 5.948   7.589   -1.947  0.51 28.07 ? 6   DG  A "H5''" 1 
ATOM   235 H  "H4'"  A DG  A 1 6  ? 6.605   6.315   -0.228  0.49 33.93 ? 6   DG  A "H4'"  1 
ATOM   236 H  "H4'"  B DG  A 1 6  ? 6.182   6.770   0.140   0.51 26.62 ? 6   DG  A "H4'"  1 
ATOM   237 H  "H3'"  A DG  A 1 6  ? 7.440   4.738   -2.406  0.49 32.31 ? 6   DG  A "H3'"  1 
ATOM   238 H  "H3'"  B DG  A 1 6  ? 8.016   5.968   -1.481  0.51 25.21 ? 6   DG  A "H3'"  1 
ATOM   239 H  "H2'"  A DG  A 1 6  ? 7.305   2.877   -1.191  0.49 31.99 ? 6   DG  A "H2'"  1 
ATOM   240 H  "H2'"  B DG  A 1 6  ? 7.180   3.917   -1.922  0.51 24.58 ? 6   DG  A "H2'"  1 
ATOM   241 H  "H2''" A DG  A 1 6  ? 7.701   3.637   0.154   0.49 31.99 ? 6   DG  A "H2''" 1 
ATOM   242 H  "H2''" B DG  A 1 6  ? 8.128   3.552   -0.687  0.51 24.58 ? 6   DG  A "H2''" 1 
ATOM   243 H  "H1'"  A DG  A 1 6  ? 5.589   3.858   0.665   0.49 30.48 ? 6   DG  A "H1'"  1 
ATOM   244 H  "H1'"  B DG  A 1 6  ? 6.418   3.531   0.765   0.51 24.32 ? 6   DG  A "H1'"  1 
ATOM   245 H  H8     A DG  A 1 6  ? 4.660   3.174   -2.794  0.49 26.48 ? 6   DG  A H8     1 
ATOM   246 H  H8     B DG  A 1 6  ? 5.141   3.171   -2.652  0.51 20.14 ? 6   DG  A H8     1 
ATOM   247 H  H1     A DG  A 1 6  ? 2.667   -1.094  1.102   0.49 22.63 ? 6   DG  A H1     1 
ATOM   248 H  H1     B DG  A 1 6  ? 2.914   -1.060  1.144   0.51 21.49 ? 6   DG  A H1     1 
ATOM   249 H  H21    A DG  A 1 6  ? 4.301   0.465   3.450   0.49 25.03 ? 6   DG  A H21    1 
ATOM   250 H  H21    B DG  A 1 6  ? 4.585   0.399   3.541   0.51 21.75 ? 6   DG  A H21    1 
ATOM   251 H  H22    A DG  A 1 6  ? 3.432   -0.704  3.134   0.49 25.03 ? 6   DG  A H22    1 
ATOM   252 H  H22    B DG  A 1 6  ? 3.657   -0.717  3.205   0.51 21.75 ? 6   DG  A H22    1 
ATOM   253 P  P      A DC  A 1 7  ? 10.044  4.701   -1.647  0.49 22.85 ? 7   DC  A P      1 
ATOM   254 P  P      B DC  A 1 7  ? 9.945   5.746   0.360   0.51 21.02 ? 7   DC  A P      1 
ATOM   255 O  OP1    A DC  A 1 7  ? 11.153  5.660   -1.482  0.49 24.53 ? 7   DC  A OP1    1 
ATOM   256 O  OP1    B DC  A 1 7  ? 10.443  6.592   1.464   0.51 22.22 ? 7   DC  A OP1    1 
ATOM   257 O  OP2    A DC  A 1 7  ? 9.818   4.061   -2.962  0.49 24.30 ? 7   DC  A OP2    1 
ATOM   258 O  OP2    B DC  A 1 7  ? 10.368  6.020   -1.040  0.51 21.64 ? 7   DC  A OP2    1 
ATOM   259 O  "O5'"  A DC  A 1 7  ? 10.293  3.523   -0.624  0.49 21.10 ? 7   DC  A "O5'"  1 
ATOM   260 O  "O5'"  B DC  A 1 7  ? 10.321  4.213   0.605   0.51 18.51 ? 7   DC  A "O5'"  1 
ATOM   261 C  "C5'"  A DC  A 1 7  ? 10.592  3.803   0.706   0.49 18.85 ? 7   DC  A "C5'"  1 
ATOM   262 C  "C5'"  B DC  A 1 7  ? 10.370  3.708   1.908   0.51 17.86 ? 7   DC  A "C5'"  1 
ATOM   263 C  "C4'"  A DC  A 1 7  ? 10.476  2.545   1.512   0.49 17.12 ? 7   DC  A "C4'"  1 
ATOM   264 C  "C4'"  B DC  A 1 7  ? 10.358  2.198   1.894   0.51 17.21 ? 7   DC  A "C4'"  1 
ATOM   265 O  "O4'"  A DC  A 1 7  ? 9.120   2.071   1.440   0.49 16.63 ? 7   DC  A "O4'"  1 
ATOM   266 O  "O4'"  B DC  A 1 7  ? 9.080   1.720   1.470   0.51 17.13 ? 7   DC  A "O4'"  1 
ATOM   267 C  "C3'"  A DC  A 1 7  ? 11.317  1.390   1.002   0.49 16.48 ? 7   DC  A "C3'"  1 
ATOM   268 C  "C3'"  B DC  A 1 7  ? 11.319  1.538   0.926   0.51 16.66 ? 7   DC  A "C3'"  1 
ATOM   269 O  "O3'"  A DC  A 1 7  ? 12.639  1.481   1.518   0.49 17.34 ? 7   DC  A "O3'"  1 
ATOM   270 O  "O3'"  B DC  A 1 7  ? 12.624  1.481   1.494   0.51 17.57 ? 7   DC  A "O3'"  1 
ATOM   271 C  "C2'"  A DC  A 1 7  ? 10.553  0.169   1.523   0.49 16.02 ? 7   DC  A "C2'"  1 
ATOM   272 C  "C2'"  B DC  A 1 7  ? 10.674  0.155   0.729   0.51 16.51 ? 7   DC  A "C2'"  1 
ATOM   273 C  "C1'"  A DC  A 1 7  ? 9.096   0.666   1.616   0.49 15.86 ? 7   DC  A "C1'"  1 
ATOM   274 C  "C1'"  B DC  A 1 7  ? 9.224   0.352   1.209   0.51 16.80 ? 7   DC  A "C1'"  1 
ATOM   275 N  N1     A DC  A 1 7  ? 8.202   0.086   0.573   0.49 14.89 ? 7   DC  A N1     1 
ATOM   276 N  N1     B DC  A 1 7  ? 8.220   -0.067  0.212   0.51 17.12 ? 7   DC  A N1     1 
ATOM   277 C  C2     A DC  A 1 7  ? 7.267   -0.897  0.917   0.49 13.21 ? 7   DC  A C2     1 
ATOM   278 C  C2     B DC  A 1 7  ? 7.205   -0.935  0.594   0.51 16.24 ? 7   DC  A C2     1 
ATOM   279 O  O2     A DC  A 1 7  ? 7.191   -1.262  2.092   0.49 13.82 ? 7   DC  A O2     1 
ATOM   280 O  O2     B DC  A 1 7  ? 7.156   -1.316  1.768   0.51 16.16 ? 7   DC  A O2     1 
ATOM   281 N  N3     A DC  A 1 7  ? 6.478   -1.431  -0.057  0.49 13.10 ? 7   DC  A N3     1 
ATOM   282 N  N3     B DC  A 1 7  ? 6.306   -1.339  -0.335  0.51 16.21 ? 7   DC  A N3     1 
ATOM   283 C  C4     A DC  A 1 7  ? 6.592   -0.995  -1.315  0.49 13.42 ? 7   DC  A C4     1 
ATOM   284 C  C4     B DC  A 1 7  ? 6.405   -0.899  -1.592  0.51 17.05 ? 7   DC  A C4     1 
ATOM   285 N  N4     A DC  A 1 7  ? 5.795   -1.552  -2.244  0.49 12.72 ? 7   DC  A N4     1 
ATOM   286 N  N4     B DC  A 1 7  ? 5.498   -1.327  -2.476  0.51 17.14 ? 7   DC  A N4     1 
ATOM   287 C  C5     A DC  A 1 7  ? 7.532   0.028   -1.675  0.49 14.17 ? 7   DC  A C5     1 
ATOM   288 C  C5     B DC  A 1 7  ? 7.436   -0.002  -1.997  0.51 18.07 ? 7   DC  A C5     1 
ATOM   289 C  C6     A DC  A 1 7  ? 8.312   0.520   -0.712  0.49 14.89 ? 7   DC  A C6     1 
ATOM   290 C  C6     B DC  A 1 7  ? 8.316   0.375   -1.073  0.51 18.05 ? 7   DC  A C6     1 
ATOM   291 H  "H5'"  A DC  A 1 7  ? 9.969   4.465   1.045   0.49 22.62 ? 7   DC  A "H5'"  1 
ATOM   292 H  "H5'"  B DC  A 1 7  ? 9.601   4.029   2.404   0.51 21.43 ? 7   DC  A "H5'"  1 
ATOM   293 H  "H5''" A DC  A 1 7  ? 11.497  4.147   0.769   0.49 22.62 ? 7   DC  A "H5''" 1 
ATOM   294 H  "H5''" B DC  A 1 7  ? 11.182  4.017   2.341   0.51 21.43 ? 7   DC  A "H5''" 1 
ATOM   295 H  "H4'"  A DC  A 1 7  ? 10.706  2.730   2.436   0.49 20.54 ? 7   DC  A "H4'"  1 
ATOM   296 H  "H4'"  B DC  A 1 7  ? 10.537  1.871   2.789   0.51 20.66 ? 7   DC  A "H4'"  1 
ATOM   297 H  "H3'"  A DC  A 1 7  ? 11.332  1.388   0.032   0.49 19.78 ? 7   DC  A "H3'"  1 
ATOM   298 H  "H3'"  B DC  A 1 7  ? 11.335  2.024   0.087   0.51 19.99 ? 7   DC  A "H3'"  1 
ATOM   299 H  "H2'"  A DC  A 1 7  ? 10.622  -0.568  0.897   0.49 19.22 ? 7   DC  A "H2'"  1 
ATOM   300 H  "H2'"  B DC  A 1 7  ? 10.691  -0.099  -0.207  0.51 19.82 ? 7   DC  A "H2'"  1 
ATOM   301 H  "H2''" A DC  A 1 7  ? 10.881  -0.091  2.397   0.49 19.22 ? 7   DC  A "H2''" 1 
ATOM   302 H  "H2''" B DC  A 1 7  ? 11.125  -0.511  1.272   0.51 19.82 ? 7   DC  A "H2''" 1 
ATOM   303 H  "H1'"  A DC  A 1 7  ? 8.741   0.458   2.494   0.49 19.04 ? 7   DC  A "H1'"  1 
ATOM   304 H  "H1'"  B DC  A 1 7  ? 9.088   -0.147  2.029   0.51 20.16 ? 7   DC  A "H1'"  1 
ATOM   305 H  H41    A DC  A 1 7  ? 5.843   -1.294  -3.062  0.49 15.26 ? 7   DC  A H41    1 
ATOM   306 H  H41    B DC  A 1 7  ? 5.535   -1.061  -3.292  0.51 20.57 ? 7   DC  A H41    1 
ATOM   307 H  H42    A DC  A 1 7  ? 5.236   -2.166  -2.019  0.49 15.26 ? 7   DC  A H42    1 
ATOM   308 H  H42    B DC  A 1 7  ? 4.878   -1.867  -2.227  0.51 20.57 ? 7   DC  A H42    1 
ATOM   309 H  H5     A DC  A 1 7  ? 7.620   0.312   -2.556  0.49 17.00 ? 7   DC  A H5     1 
ATOM   310 H  H5     B DC  A 1 7  ? 7.503   0.293   -2.876  0.51 21.69 ? 7   DC  A H5     1 
ATOM   311 H  H6     A DC  A 1 7  ? 8.938   1.175   -0.921  0.49 17.86 ? 7   DC  A H6     1 
ATOM   312 H  H6     B DC  A 1 7  ? 9.007   0.951   -1.308  0.51 21.66 ? 7   DC  A H6     1 
ATOM   313 P  P      . DC  A 1 8  ? 13.901  1.169   0.587   1.00 18.02 ? 8   DC  A P      1 
ATOM   314 O  OP1    . DC  A 1 8  ? 15.064  1.437   1.465   1.00 20.00 ? 8   DC  A OP1    1 
ATOM   315 O  OP2    . DC  A 1 8  ? 13.772  1.851   -0.717  1.00 21.50 ? 8   DC  A OP2    1 
ATOM   316 O  "O5'"  . DC  A 1 8  ? 13.812  -0.383  0.295   1.00 16.32 ? 8   DC  A "O5'"  1 
ATOM   317 C  "C5'"  . DC  A 1 8  ? 13.947  -1.277  1.356   1.00 15.16 ? 8   DC  A "C5'"  1 
ATOM   318 C  "C4'"  . DC  A 1 8  ? 13.975  -2.698  0.853   1.00 15.82 ? 8   DC  A "C4'"  1 
ATOM   319 O  "O4'"  . DC  A 1 8  ? 12.717  -3.030  0.212   1.00 17.03 ? 8   DC  A "O4'"  1 
ATOM   320 C  "C3'"  . DC  A 1 8  ? 15.056  -2.993  -0.165  1.00 16.23 ? 8   DC  A "C3'"  1 
ATOM   321 O  "O3'"  . DC  A 1 8  ? 15.594  -4.223  0.190   1.00 18.61 ? 8   DC  A "O3'"  1 
ATOM   322 C  "C2'"  . DC  A 1 8  ? 14.297  -3.044  -1.499  1.00 18.11 ? 8   DC  A "C2'"  1 
ATOM   323 C  "C1'"  . DC  A 1 8  ? 12.971  -3.620  -1.064  1.00 17.16 ? 8   DC  A "C1'"  1 
ATOM   324 N  N1     . DC  A 1 8  ? 11.822  -3.300  -1.934  1.00 16.62 ? 8   DC  A N1     1 
ATOM   325 C  C2     . DC  A 1 8  ? 10.927  -4.312  -2.295  1.00 14.99 ? 8   DC  A C2     1 
ATOM   326 O  O2     . DC  A 1 8  ? 11.159  -5.487  -1.962  1.00 14.73 ? 8   DC  A O2     1 
ATOM   327 N  N3     . DC  A 1 8  ? 9.839   -3.987  -3.039  1.00 14.72 ? 8   DC  A N3     1 
ATOM   328 C  C4     . DC  A 1 8  ? 9.641   -2.731  -3.407  1.00 16.20 ? 8   DC  A C4     1 
ATOM   329 N  N4     . DC  A 1 8  ? 8.561   -2.451  -4.127  1.00 16.58 ? 8   DC  A N4     1 
ATOM   330 C  C5     . DC  A 1 8  ? 10.530  -1.695  -3.027  1.00 17.56 ? 8   DC  A C5     1 
ATOM   331 C  C6     . DC  A 1 8  ? 11.589  -2.015  -2.295  1.00 18.23 ? 8   DC  A C6     1 
ATOM   332 H  "H5'"  . DC  A 1 8  ? 13.199  -1.168  1.963   1.00 18.19 ? 8   DC  A "H5'"  1 
ATOM   333 H  "H5''" . DC  A 1 8  ? 14.772  -1.089  1.830   1.00 18.19 ? 8   DC  A "H5''" 1 
ATOM   334 H  "H4'"  . DC  A 1 8  ? 14.099  -3.290  1.612   1.00 18.99 ? 8   DC  A "H4'"  1 
ATOM   335 H  "H3'"  . DC  A 1 8  ? 15.732  -2.298  -0.169  1.00 19.48 ? 8   DC  A "H3'"  1 
ATOM   336 H  "H2'"  . DC  A 1 8  ? 14.185  -2.155  -1.869  1.00 21.73 ? 8   DC  A "H2'"  1 
ATOM   337 H  "H2''" . DC  A 1 8  ? 14.741  -3.633  -2.130  1.00 21.73 ? 8   DC  A "H2''" 1 
ATOM   338 H  "H1'"  . DC  A 1 8  ? 13.050  -4.582  -0.967  1.00 20.59 ? 8   DC  A "H1'"  1 
ATOM   339 H  H41    . DC  A 1 8  ? 8.409   -1.643  -4.379  1.00 19.90 ? 8   DC  A H41    1 
ATOM   340 H  H42    . DC  A 1 8  ? 8.013   -3.078  -4.342  1.00 19.90 ? 8   DC  A H42    1 
ATOM   341 H  H5     . DC  A 1 8  ? 10.370  -0.813  -3.277  1.00 21.07 ? 8   DC  A H5     1 
ATOM   342 H  H6     . DC  A 1 8  ? 12.176  -1.348  -2.021  1.00 21.87 ? 8   DC  A H6     1 
ATOM   343 P  P      A DG  A 1 9  ? 17.039  -4.702  -0.285  0.54 17.37 ? 9   DG  A P      1 
ATOM   344 P  P      B DG  A 1 9  ? 17.093  -4.635  -0.181  0.46 17.68 ? 9   DG  A P      1 
ATOM   345 O  OP1    A DG  A 1 9  ? 17.688  -5.107  0.988   0.54 20.32 ? 9   DG  A OP1    1 
ATOM   346 O  OP1    B DG  A 1 9  ? 17.709  -4.885  1.146   0.46 20.10 ? 9   DG  A OP1    1 
ATOM   347 O  OP2    A DG  A 1 9  ? 17.713  -3.697  -1.141  0.54 17.93 ? 9   DG  A OP2    1 
ATOM   348 O  OP2    B DG  A 1 9  ? 17.725  -3.693  -1.135  0.46 18.07 ? 9   DG  A OP2    1 
ATOM   349 O  "O5'"  A DG  A 1 9  ? 16.706  -5.973  -1.202  0.54 15.27 ? 9   DG  A "O5'"  1 
ATOM   350 O  "O5'"  B DG  A 1 9  ? 16.895  -6.009  -0.971  0.46 15.33 ? 9   DG  A "O5'"  1 
ATOM   351 C  "C5'"  A DG  A 1 9  ? 16.309  -7.181  -0.615  0.54 15.75 ? 9   DG  A "C5'"  1 
ATOM   352 C  "C5'"  B DG  A 1 9  ? 16.124  -7.041  -0.407  0.46 14.91 ? 9   DG  A "C5'"  1 
ATOM   353 C  "C4'"  A DG  A 1 9  ? 15.636  -8.072  -1.638  0.54 14.59 ? 9   DG  A "C4'"  1 
ATOM   354 C  "C4'"  B DG  A 1 9  ? 15.531  -7.913  -1.487  0.46 14.56 ? 9   DG  A "C4'"  1 
ATOM   355 O  "O4'"  A DG  A 1 9  ? 14.468  -7.377  -2.178  0.54 13.74 ? 9   DG  A "O4'"  1 
ATOM   356 O  "O4'"  B DG  A 1 9  ? 14.407  -7.213  -2.093  0.46 13.84 ? 9   DG  A "O4'"  1 
ATOM   357 C  "C3'"  A DG  A 1 9  ? 16.478  -8.439  -2.881  0.54 14.58 ? 9   DG  A "C3'"  1 
ATOM   358 C  "C3'"  B DG  A 1 9  ? 16.476  -8.263  -2.658  0.46 15.83 ? 9   DG  A "C3'"  1 
ATOM   359 O  "O3'"  A DG  A 1 9  ? 16.192  -9.765  -3.303  0.54 15.81 ? 9   DG  A "O3'"  1 
ATOM   360 O  "O3'"  B DG  A 1 9  ? 16.404  -9.634  -2.968  0.46 18.54 ? 9   DG  A "O3'"  1 
ATOM   361 C  "C2'"  A DG  A 1 9  ? 15.991  -7.449  -3.913  0.54 14.60 ? 9   DG  A "C2'"  1 
ATOM   362 C  "C2'"  B DG  A 1 9  ? 15.939  -7.426  -3.805  0.46 15.59 ? 9   DG  A "C2'"  1 
ATOM   363 C  "C1'"  A DG  A 1 9  ? 14.516  -7.465  -3.583  0.54 13.64 ? 9   DG  A "C1'"  1 
ATOM   364 C  "C1'"  B DG  A 1 9  ? 14.463  -7.420  -3.479  0.46 14.12 ? 9   DG  A "C1'"  1 
ATOM   365 N  N9     A DG  A 1 9  ? 13.735  -6.399  -4.180  0.54 12.49 ? 9   DG  A N9     1 
ATOM   366 N  N9     B DG  A 1 9  ? 13.698  -6.392  -4.159  0.46 12.98 ? 9   DG  A N9     1 
ATOM   367 C  C8     A DG  A 1 9  ? 14.081  -5.080  -4.340  0.54 13.60 ? 9   DG  A C8     1 
ATOM   368 C  C8     B DG  A 1 9  ? 14.052  -5.082  -4.369  0.46 13.66 ? 9   DG  A C8     1 
ATOM   369 N  N7     A DG  A 1 9  ? 13.157  -4.368  -4.923  0.54 13.71 ? 9   DG  A N7     1 
ATOM   370 N  N7     B DG  A 1 9  ? 13.155  -4.399  -5.021  0.46 13.76 ? 9   DG  A N7     1 
ATOM   371 C  C5     A DG  A 1 9  ? 12.130  -5.277  -5.162  0.54 12.89 ? 9   DG  A C5     1 
ATOM   372 C  C5     B DG  A 1 9  ? 12.131  -5.313  -5.247  0.46 13.01 ? 9   DG  A C5     1 
ATOM   373 C  C6     A DG  A 1 9  ? 10.873  -5.101  -5.797  0.54 13.30 ? 9   DG  A C6     1 
ATOM   374 C  C6     B DG  A 1 9  ? 10.899  -5.159  -5.930  0.46 12.68 ? 9   DG  A C6     1 
ATOM   375 O  O6     A DG  A 1 9  ? 10.387  -4.070  -6.262  0.54 14.50 ? 9   DG  A O6     1 
ATOM   376 O  O6     B DG  A 1 9  ? 10.442  -4.149  -6.467  0.46 13.37 ? 9   DG  A O6     1 
ATOM   377 N  N1     A DG  A 1 9  ? 10.157  -6.295  -5.851  0.54 12.85 ? 9   DG  A N1     1 
ATOM   378 N  N1     B DG  A 1 9  ? 10.174  -6.347  -5.953  0.46 12.12 ? 9   DG  A N1     1 
ATOM   379 C  C2     A DG  A 1 9  ? 10.587  -7.493  -5.334  0.54 11.56 ? 9   DG  A C2     1 
ATOM   380 C  C2     B DG  A 1 9  ? 10.575  -7.524  -5.366  0.46 11.50 ? 9   DG  A C2     1 
ATOM   381 N  N2     A DG  A 1 9  ? 9.761   -8.534  -5.477  0.54 11.93 ? 9   DG  A N2     1 
ATOM   382 N  N2     B DG  A 1 9  ? 9.741   -8.562  -5.490  0.46 11.89 ? 9   DG  A N2     1 
ATOM   383 N  N3     A DG  A 1 9  ? 11.761  -7.669  -4.760  0.54 11.59 ? 9   DG  A N3     1 
ATOM   384 N  N3     B DG  A 1 9  ? 11.731  -7.682  -4.743  0.46 11.75 ? 9   DG  A N3     1 
ATOM   385 C  C4     A DG  A 1 9  ? 12.474  -6.521  -4.695  0.54 11.83 ? 9   DG  A C4     1 
ATOM   386 C  C4     B DG  A 1 9  ? 12.452  -6.536  -4.711  0.46 12.19 ? 9   DG  A C4     1 
ATOM   387 H  "H5'"  A DG  A 1 9  ? 15.687  -6.997  0.107   0.54 18.90 ? 9   DG  A "H5'"  1 
ATOM   388 H  "H5'"  B DG  A 1 9  ? 15.408  -6.654  0.121   0.46 17.89 ? 9   DG  A "H5'"  1 
ATOM   389 H  "H5''" A DG  A 1 9  ? 17.088  -7.635  -0.259  0.54 18.90 ? 9   DG  A "H5''" 1 
ATOM   390 H  "H5''" B DG  A 1 9  ? 16.687  -7.583  0.169   0.46 17.89 ? 9   DG  A "H5''" 1 
ATOM   391 H  "H4'"  A DG  A 1 9  ? 15.343  -8.888  -1.202  0.54 17.51 ? 9   DG  A "H4'"  1 
ATOM   392 H  "H4'"  B DG  A 1 9  ? 15.209  -8.735  -1.086  0.46 17.47 ? 9   DG  A "H4'"  1 
ATOM   393 H  "H3'"  A DG  A 1 9  ? 17.425  -8.322  -2.707  0.54 17.50 ? 9   DG  A "H3'"  1 
ATOM   394 H  "H3'"  B DG  A 1 9  ? 17.387  -8.007  -2.448  0.46 18.99 ? 9   DG  A "H3'"  1 
ATOM   395 H  "H2'"  A DG  A 1 9  ? 16.375  -6.570  -3.768  0.54 17.52 ? 9   DG  A "H2'"  1 
ATOM   396 H  "H2'"  B DG  A 1 9  ? 16.306  -6.527  -3.783  0.46 18.71 ? 9   DG  A "H2'"  1 
ATOM   397 H  "H2''" A DG  A 1 9  ? 16.155  -7.768  -4.814  0.54 17.52 ? 9   DG  A "H2''" 1 
ATOM   398 H  "H2''" B DG  A 1 9  ? 16.107  -7.854  -4.659  0.46 18.71 ? 9   DG  A "H2''" 1 
ATOM   399 H  "H1'"  A DG  A 1 9  ? 14.143  -8.318  -3.857  0.54 16.37 ? 9   DG  A "H1'"  1 
ATOM   400 H  "H1'"  B DG  A 1 9  ? 14.086  -8.289  -3.688  0.46 16.94 ? 9   DG  A "H1'"  1 
ATOM   401 H  H8     A DG  A 1 9  ? 14.891  -4.726  -4.051  0.54 16.32 ? 9   DG  A H8     1 
ATOM   402 H  H8     B DG  A 1 9  ? 14.856  -4.717  -4.075  0.46 16.39 ? 9   DG  A H8     1 
ATOM   403 H  H1     A DG  A 1 9  ? 9.369   -6.270  -6.195  0.54 15.42 ? 9   DG  A H1     1 
ATOM   404 H  H1     B DG  A 1 9  ? 9.400   -6.333  -6.325  0.46 14.54 ? 9   DG  A H1     1 
ATOM   405 H  H21    A DG  A 1 9  ? 9.997   -9.311  -5.196  0.54 14.32 ? 9   DG  A H21    1 
ATOM   406 H  H21    B DG  A 1 9  ? 9.957   -9.328  -5.164  0.46 14.27 ? 9   DG  A H21    1 
ATOM   407 H  H22    A DG  A 1 9  ? 8.994   -8.425  -5.851  0.54 14.32 ? 9   DG  A H22    1 
ATOM   408 H  H22    B DG  A 1 9  ? 8.988   -8.463  -5.895  0.46 14.27 ? 9   DG  A H22    1 
ATOM   409 P  P      A DA  A 1 10 ? 17.308  -10.917 -3.328  0.54 16.65 ? 10  DA  A P      1 
ATOM   410 P  P      B DA  A 1 10 ? 17.283  -10.716 -2.180  0.46 20.78 ? 10  DA  A P      1 
ATOM   411 O  OP1    A DA  A 1 10 ? 17.992  -10.914 -2.021  0.54 18.63 ? 10  DA  A OP1    1 
ATOM   412 O  OP1    B DA  A 1 10 ? 17.712  -10.194 -0.874  0.46 21.88 ? 10  DA  A OP1    1 
ATOM   413 O  OP2    A DA  A 1 10 ? 18.159  -10.795 -4.527  0.54 20.11 ? 10  DA  A OP2    1 
ATOM   414 O  OP2    B DA  A 1 10 ? 18.354  -11.126 -3.114  0.46 21.73 ? 10  DA  A OP2    1 
ATOM   415 O  "O5'"  A DA  A 1 10 ? 16.443  -12.248 -3.480  0.54 16.99 ? 10  DA  A "O5'"  1 
ATOM   416 O  "O5'"  B DA  A 1 10 ? 16.216  -11.852 -1.891  0.46 21.89 ? 10  DA  A "O5'"  1 
ATOM   417 C  "C5'"  A DA  A 1 10 ? 15.391  -12.533 -2.554  0.54 17.00 ? 10  DA  A "C5'"  1 
ATOM   418 C  "C5'"  B DA  A 1 10 ? 15.526  -12.406 -2.935  0.46 22.22 ? 10  DA  A "C5'"  1 
ATOM   419 C  "C4'"  A DA  A 1 10 ? 15.296  -14.030 -2.243  0.54 14.30 ? 10  DA  A "C4'"  1 
ATOM   420 C  "C4'"  B DA  A 1 10 ? 15.075  -13.799 -2.591  0.46 20.55 ? 10  DA  A "C4'"  1 
ATOM   421 O  "O4'"  A DA  A 1 10 ? 14.190  -14.199 -1.337  0.54 14.69 ? 10  DA  A "O4'"  1 
ATOM   422 O  "O4'"  B DA  A 1 10 ? 14.179  -13.751 -1.451  0.46 18.02 ? 10  DA  A "O4'"  1 
ATOM   423 C  "C3'"  A DA  A 1 10 ? 14.996  -14.947 -3.428  0.54 16.31 ? 10  DA  A "C3'"  1 
ATOM   424 C  "C3'"  B DA  A 1 10 ? 14.317  -14.451 -3.712  0.46 20.42 ? 10  DA  A "C3'"  1 
ATOM   425 O  "O3'"  A DA  A 1 10 ? 15.525  -16.268 -3.218  0.54 18.01 ? 10  DA  A "O3'"  1 
ATOM   426 O  "O3'"  B DA  A 1 10 ? 15.202  -15.236 -4.472  0.46 22.66 ? 10  DA  A "O3'"  1 
ATOM   427 C  "C2'"  A DA  A 1 10 ? 13.478  -14.926 -3.480  0.54 14.37 ? 10  DA  A "C2'"  1 
ATOM   428 C  "C2'"  B DA  A 1 10 ? 13.235  -15.270 -3.022  0.46 18.37 ? 10  DA  A "C2'"  1 
ATOM   429 C  "C1'"  A DA  A 1 10 ? 13.100  -14.795 -2.012  0.54 14.46 ? 10  DA  A "C1'"  1 
ATOM   430 C  "C1'"  B DA  A 1 10 ? 13.079  -14.613 -1.646  0.46 17.52 ? 10  DA  A "C1'"  1 
ATOM   431 N  N9     A DA  A 1 10 ? 11.917  -13.987 -1.742  0.54 13.64 ? 10  DA  A N9     1 
ATOM   432 N  N9     B DA  A 1 10 ? 11.855  -13.819 -1.468  0.46 16.42 ? 10  DA  A N9     1 
ATOM   433 C  C8     A DA  A 1 10 ? 11.028  -14.238 -0.750  0.54 14.85 ? 10  DA  A C8     1 
ATOM   434 C  C8     B DA  A 1 10 ? 10.894  -14.014 -0.514  0.46 16.90 ? 10  DA  A C8     1 
ATOM   435 N  N7     A DA  A 1 10 ? 10.076  -13.355 -0.658  0.54 14.51 ? 10  DA  A N7     1 
ATOM   436 N  N7     B DA  A 1 10 ? 9.922   -13.136 -0.552  0.46 16.44 ? 10  DA  A N7     1 
ATOM   437 C  C5     A DA  A 1 10 ? 10.347  -12.451 -1.666  0.54 12.86 ? 10  DA  A C5     1 
ATOM   438 C  C5     B DA  A 1 10 ? 10.259  -12.302 -1.601  0.46 14.95 ? 10  DA  A C5     1 
ATOM   439 C  C6     A DA  A 1 10 ? 9.688   -11.285 -2.083  0.54 12.27 ? 10  DA  A C6     1 
ATOM   440 C  C6     B DA  A 1 10 ? 9.628   -11.170 -2.148  0.46 14.08 ? 10  DA  A C6     1 
ATOM   441 N  N6     A DA  A 1 10 ? 8.564   -10.837 -1.512  0.54 14.07 ? 10  DA  A N6     1 
ATOM   442 N  N6     B DA  A 1 10 ? 8.460   -10.685 -1.698  0.46 15.14 ? 10  DA  A N6     1 
ATOM   443 N  N1     A DA  A 1 10 ? 10.225  -10.583 -3.115  0.54 11.56 ? 10  DA  A N1     1 
ATOM   444 N  N1     B DA  A 1 10 ? 10.237  -10.550 -3.188  0.46 13.07 ? 10  DA  A N1     1 
ATOM   445 C  C2     A DA  A 1 10 ? 11.345  -11.059 -3.690  0.54 11.51 ? 10  DA  A C2     1 
ATOM   446 C  C2     B DA  A 1 10 ? 11.398  -11.057 -3.644  0.46 13.31 ? 10  DA  A C2     1 
ATOM   447 N  N3     A DA  A 1 10 ? 12.039  -12.160 -3.384  0.54 11.86 ? 10  DA  A N3     1 
ATOM   448 N  N3     B DA  A 1 10 ? 12.080  -12.117 -3.206  0.46 14.02 ? 10  DA  A N3     1 
ATOM   449 C  C4     A DA  A 1 10 ? 11.497  -12.808 -2.341  0.54 11.80 ? 10  DA  A C4     1 
ATOM   450 C  C4     B DA  A 1 10 ? 11.457  -12.699 -2.173  0.46 14.59 ? 10  DA  A C4     1 
ATOM   451 H  "H5'"  A DA  A 1 10 ? 14.549  -12.235 -2.932  0.54 20.40 ? 10  DA  A "H5'"  1 
ATOM   452 H  "H5'"  B DA  A 1 10 ? 16.100  -12.439 -3.716  0.46 26.66 ? 10  DA  A "H5'"  1 
ATOM   453 H  "H5''" A DA  A 1 10 ? 15.556  -12.048 -1.731  0.54 20.40 ? 10  DA  A "H5''" 1 
ATOM   454 H  "H5''" B DA  A 1 10 ? 14.750  -11.857 -3.132  0.46 26.66 ? 10  DA  A "H5''" 1 
ATOM   455 H  "H4'"  A DA  A 1 10 ? 16.113  -14.321 -1.809  0.54 17.16 ? 10  DA  A "H4'"  1 
ATOM   456 H  "H4'"  B DA  A 1 10 ? 15.848  -14.340 -2.369  0.46 24.66 ? 10  DA  A "H4'"  1 
ATOM   457 H  "H3'"  A DA  A 1 10 ? 15.362  -14.567 -4.243  0.54 19.57 ? 10  DA  A "H3'"  1 
ATOM   458 H  "H3'"  B DA  A 1 10 ? 13.911  -13.773 -4.274  0.46 24.51 ? 10  DA  A "H3'"  1 
ATOM   459 H  "HO3'" A DA  A 1 10 ? 16.091  -16.583 -3.752  0.54 21.61 ? 10  DA  A "HO3'" 1 
ATOM   460 H  "HO3'" B DA  A 1 10 ? 15.315  -15.073 -5.288  0.46 27.20 ? 10  DA  A "HO3'" 1 
ATOM   461 H  "H2'"  A DA  A 1 10 ? 13.162  -14.161 -3.986  0.54 17.25 ? 10  DA  A "H2'"  1 
ATOM   462 H  "H2'"  B DA  A 1 10 ? 12.402  -15.218 -3.518  0.46 22.05 ? 10  DA  A "H2'"  1 
ATOM   463 H  "H2''" A DA  A 1 10 ? 13.135  -15.754 -3.851  0.54 17.25 ? 10  DA  A "H2''" 1 
ATOM   464 H  "H2''" B DA  A 1 10 ? 13.517  -16.192 -2.926  0.46 22.05 ? 10  DA  A "H2''" 1 
ATOM   465 H  "H1'"  A DA  A 1 10 ? 12.957  -15.684 -1.648  0.54 17.36 ? 10  DA  A "H1'"  1 
ATOM   466 H  "H1'"  B DA  A 1 10 ? 13.102  -15.305 -0.967  0.46 21.02 ? 10  DA  A "H1'"  1 
ATOM   467 H  H8     A DA  A 1 10 ? 11.096  -14.971 -0.182  0.54 17.82 ? 10  DA  A H8     1 
ATOM   468 H  H8     B DA  A 1 10 ? 10.927  -14.707 0.105   0.46 20.28 ? 10  DA  A H8     1 
ATOM   469 H  H61    A DA  A 1 10 ? 8.193   -10.116 -1.799  0.54 16.88 ? 10  DA  A H61    1 
ATOM   470 H  H61    B DA  A 1 10 ? 8.111   -9.991  -2.069  0.46 18.17 ? 10  DA  A H61    1 
ATOM   471 H  H62    A DA  A 1 10 ? 8.211   -11.271 -0.858  0.54 16.88 ? 10  DA  A H62    1 
ATOM   472 H  H62    B DA  A 1 10 ? 8.061   -11.068 -1.039  0.46 18.17 ? 10  DA  A H62    1 
ATOM   473 H  H2     A DA  A 1 10 ? 11.678  -10.558 -4.399  0.54 13.82 ? 10  DA  A H2     1 
ATOM   474 H  H2     B DA  A 1 10 ? 11.779  -10.603 -4.361  0.46 15.97 ? 10  DA  A H2     1 
HETATM 475 RU RU     . 0TN B 2 .  ? -16.416 3.785   1.555   1.00 12.38 ? 101 0TN A RU     1 
HETATM 476 C  C1     . 0TN B 2 .  ? -15.115 4.480   4.045   1.00 11.92 ? 101 0TN A C1     1 
HETATM 477 N  N1     . 0TN B 2 .  ? -15.506 2.465   2.880   1.00 12.55 ? 101 0TN A N1     1 
HETATM 478 C  C2     . 0TN B 2 .  ? -15.874 6.420   3.027   1.00 12.74 ? 101 0TN A C2     1 
HETATM 479 N  N2     . 0TN B 2 .  ? -15.718 5.083   2.998   1.00 11.82 ? 101 0TN A N2     1 
HETATM 480 C  C3     . 0TN B 2 .  ? -15.474 7.189   4.117   1.00 13.39 ? 101 0TN A C3     1 
HETATM 481 N  N3     . 0TN B 2 .  ? -13.669 5.183   7.353   1.00 14.16 ? 101 0TN A N3     1 
HETATM 482 C  C4     . 0TN B 2 .  ? -14.874 6.585   5.211   1.00 13.73 ? 101 0TN A C4     1 
HETATM 483 N  N4     . 0TN B 2 .  ? -13.263 2.434   7.162   1.00 14.09 ? 101 0TN A N4     1 
HETATM 484 C  C5     . 0TN B 2 .  ? -14.671 5.196   5.176   1.00 12.78 ? 101 0TN A C5     1 
HETATM 485 N  N5     . 0TN B 2 .  ? -18.278 3.672   2.456   1.00 14.10 ? 101 0TN A N5     1 
HETATM 486 C  C6     . 0TN B 2 .  ? -14.055 4.499   6.245   1.00 12.83 ? 101 0TN A C6     1 
HETATM 487 C  C7     . 0TN B 2 .  ? -13.863 3.100   6.151   1.00 13.07 ? 101 0TN A C7     1 
HETATM 488 C  C8     . 0TN B 2 .  ? -14.334 2.382   5.007   1.00 12.97 ? 101 0TN A C8     1 
HETATM 489 N  N8     . 0TN B 2 .  ? -17.322 2.350   0.377   1.00 13.67 ? 101 0TN A N8     1 
HETATM 490 C  C9     . 0TN B 2 .  ? -14.212 1.008   4.832   1.00 14.01 ? 101 0TN A C9     1 
HETATM 491 N  N9     . 0TN B 2 .  ? -14.701 3.958   0.419   1.00 11.79 ? 101 0TN A N9     1 
HETATM 492 C  C10    . 0TN B 2 .  ? -14.974 3.085   3.974   1.00 12.32 ? 101 0TN A C10    1 
HETATM 493 C  C11    . 0TN B 2 .  ? -14.729 0.380   3.713   1.00 14.81 ? 101 0TN A C11    1 
HETATM 494 C  C12    . 0TN B 2 .  ? -15.366 1.137   2.721   1.00 13.94 ? 101 0TN A C12    1 
HETATM 495 N  N12    . 0TN B 2 .  ? -16.962 5.323   0.277   1.00 11.50 ? 101 0TN A N12    1 
HETATM 496 C  C13    . 0TN B 2 .  ? -12.869 3.135   8.256   1.00 13.65 ? 101 0TN A C13    1 
HETATM 497 C  C14    . 0TN B 2 .  ? -12.246 2.445   9.288   1.00 15.42 ? 101 0TN A C14    1 
HETATM 498 C  C15    . 0TN B 2 .  ? -13.073 4.520   8.375   1.00 14.27 ? 101 0TN A C15    1 
HETATM 499 C  C16    . 0TN B 2 .  ? -12.652 5.207   9.519   1.00 16.14 ? 101 0TN A C16    1 
HETATM 500 C  C17    . 0TN B 2 .  ? -12.033 4.508   10.539  1.00 16.81 ? 101 0TN A C17    1 
HETATM 501 C  C18    . 0TN B 2 .  ? -11.851 3.142   10.419  1.00 15.61 ? 101 0TN A C18    1 
HETATM 502 C  C19    . 0TN B 2 .  ? -19.116 2.811   1.825   1.00 15.21 ? 101 0TN A C19    1 
HETATM 503 C  C20    . 0TN B 2 .  ? -18.722 4.398   3.509   1.00 14.99 ? 101 0TN A C20    1 
HETATM 504 C  C21    . 0TN B 2 .  ? -20.049 4.240   3.958   1.00 17.33 ? 101 0TN A C21    1 
HETATM 505 C  C22    . 0TN B 2 .  ? -20.434 2.605   2.233   1.00 16.45 ? 101 0TN A C22    1 
HETATM 506 C  C23    . 0TN B 2 .  ? -21.248 1.695   1.554   1.00 17.85 ? 101 0TN A C23    1 
HETATM 507 C  C24    . 0TN B 2 .  ? -20.728 1.008   0.458   1.00 17.37 ? 101 0TN A C24    1 
HETATM 508 C  C25    . 0TN B 2 .  ? -19.401 1.192   0.056   1.00 16.17 ? 101 0TN A C25    1 
HETATM 509 C  C26    . 0TN B 2 .  ? -18.604 2.106   0.735   1.00 14.97 ? 101 0TN A C26    1 
HETATM 510 C  C27    . 0TN B 2 .  ? -17.524 0.752   -1.390  1.00 16.32 ? 101 0TN A C27    1 
HETATM 511 C  C28    . 0TN B 2 .  ? -16.783 1.702   -0.675  1.00 14.50 ? 101 0TN A C28    1 
HETATM 512 C  C29    . 0TN B 2 .  ? -14.731 5.006   -0.448  1.00 11.41 ? 101 0TN A C29    1 
HETATM 513 C  C30    . 0TN B 2 .  ? -13.589 3.186   0.451   1.00 12.13 ? 101 0TN A C30    1 
HETATM 514 C  C31    . 0TN B 2 .  ? -12.491 3.468   -0.365  1.00 13.15 ? 101 0TN A C31    1 
HETATM 515 C  C32    . 0TN B 2 .  ? -13.665 5.345   -1.286  1.00 12.16 ? 101 0TN A C32    1 
HETATM 516 C  C33    . 0TN B 2 .  ? -13.783 6.469   -2.136  1.00 13.49 ? 101 0TN A C33    1 
HETATM 517 C  C34    . 0TN B 2 .  ? -14.962 7.199   -2.163  1.00 13.58 ? 101 0TN A C34    1 
HETATM 518 C  C35    . 0TN B 2 .  ? -16.068 6.841   -1.379  1.00 11.83 ? 101 0TN A C35    1 
HETATM 519 C  C36    . 0TN B 2 .  ? -15.941 5.739   -0.505  1.00 11.26 ? 101 0TN A C36    1 
HETATM 520 C  C37    . 0TN B 2 .  ? -18.321 7.080   -0.582  1.00 12.86 ? 101 0TN A C37    1 
HETATM 521 C  C38    . 0TN B 2 .  ? -18.126 5.984   0.255   1.00 11.97 ? 101 0TN A C38    1 
HETATM 522 C  C41    . 0TN B 2 .  ? -20.885 3.343   3.319   1.00 17.63 ? 101 0TN A C41    1 
HETATM 523 C  C42    . 0TN B 2 .  ? -18.834 0.520   -1.021  1.00 16.95 ? 101 0TN A C42    1 
HETATM 524 C  C43    . 0TN B 2 .  ? -12.511 4.553   -1.220  1.00 13.41 ? 101 0TN A C43    1 
HETATM 525 C  C44    . 0TN B 2 .  ? -17.287 7.531   -1.394  1.00 12.19 ? 101 0TN A C44    1 
HETATM 526 H  H1     . 0TN B 2 .  ? -16.399 6.902   2.211   1.00 15.29 ? 101 0TN A H1     1 
HETATM 527 H  H2     . 0TN B 2 .  ? -15.658 8.257   4.121   1.00 16.07 ? 101 0TN A H2     1 
HETATM 528 H  H3     . 0TN B 2 .  ? -14.551 7.173   6.062   1.00 16.47 ? 101 0TN A H3     1 
HETATM 529 H  H4     . 0TN B 2 .  ? -13.788 0.409   5.628   1.00 16.81 ? 101 0TN A H4     1 
HETATM 530 H  H5     . 0TN B 2 .  ? -14.626 -0.692  3.595   1.00 17.77 ? 101 0TN A H5     1 
HETATM 531 H  H6     . 0TN B 2 .  ? -15.699 0.663   1.807   1.00 16.73 ? 101 0TN A H6     1 
HETATM 532 H  H7     . 0TN B 2 .  ? -12.151 1.366   9.247   1.00 18.50 ? 101 0TN A H7     1 
HETATM 533 H  H8     . 0TN B 2 .  ? -12.708 6.287   9.558   1.00 19.37 ? 101 0TN A H8     1 
HETATM 534 H  H9     . 0TN B 2 .  ? -11.629 5.038   11.393  1.00 20.17 ? 101 0TN A H9     1 
HETATM 535 H  H10    . 0TN B 2 .  ? -11.361 2.604   11.222  1.00 18.73 ? 101 0TN A H10    1 
HETATM 536 H  H11    . 0TN B 2 .  ? -18.063 5.106   3.995   1.00 17.99 ? 101 0TN A H11    1 
HETATM 537 H  H12    . 0TN B 2 .  ? -20.405 4.805   4.811   1.00 20.79 ? 101 0TN A H12    1 
HETATM 538 H  H13    . 0TN B 2 .  ? -22.269 1.525   1.875   1.00 21.41 ? 101 0TN A H13    1 
HETATM 539 H  H14    . 0TN B 2 .  ? -21.343 0.281   -0.057  1.00 20.84 ? 101 0TN A H14    1 
HETATM 540 H  H15    . 0TN B 2 .  ? -17.090 0.236   -2.237  1.00 19.59 ? 101 0TN A H15    1 
HETATM 541 H  H16    . 0TN B 2 .  ? -15.754 1.894   -0.951  1.00 17.40 ? 101 0TN A H16    1 
HETATM 542 H  H17    . 0TN B 2 .  ? -13.526 2.375   1.167   1.00 14.56 ? 101 0TN A H17    1 
HETATM 543 H  H18    . 0TN B 2 .  ? -11.573 2.907   -0.237  1.00 15.78 ? 101 0TN A H18    1 
HETATM 544 H  H19    . 0TN B 2 .  ? -12.972 6.727   -2.805  1.00 16.18 ? 101 0TN A H19    1 
HETATM 545 H  H20    . 0TN B 2 .  ? -15.063 8.007   -2.877  1.00 16.29 ? 101 0TN A H20    1 
HETATM 546 H  H21    . 0TN B 2 .  ? -19.247 7.641   -0.529  1.00 15.43 ? 101 0TN A H21    1 
HETATM 547 H  H22    . 0TN B 2 .  ? -18.906 5.705   0.952   1.00 14.37 ? 101 0TN A H22    1 
HETATM 548 H  H23    . 0TN B 2 .  ? -21.898 3.209   3.675   1.00 21.16 ? 101 0TN A H23    1 
HETATM 549 H  H24    . 0TN B 2 .  ? -19.429 -0.195  -1.577  1.00 20.34 ? 101 0TN A H24    1 
HETATM 550 H  H25    . 0TN B 2 .  ? -11.640 4.800   -1.814  1.00 16.10 ? 101 0TN A H25    1 
HETATM 551 H  H26    . 0TN B 2 .  ? -17.429 8.385   -2.045  1.00 14.62 ? 101 0TN A H26    1 
HETATM 552 RU RU     . 0TN C 2 .  ? -5.484  9.646   2.097   1.00 15.09 ? 102 0TN A RU     1 
HETATM 553 C  C1     . 0TN C 2 .  ? -3.654  11.056  3.845   1.00 13.84 ? 102 0TN A C1     1 
HETATM 554 N  N1     . 0TN C 2 .  ? -3.477  9.997   1.731   1.00 15.02 ? 102 0TN A N1     1 
HETATM 555 C  C2     . 0TN C 2 .  ? -5.725  10.904  4.885   1.00 15.64 ? 102 0TN A C2     1 
HETATM 556 N  N2     . 0TN C 2 .  ? -4.943  10.631  3.822   1.00 15.00 ? 102 0TN A N2     1 
HETATM 557 C  C3     . 0TN C 2 .  ? -5.246  11.633  5.981   1.00 15.56 ? 102 0TN A C3     1 
HETATM 558 N  N3     . 0TN C 2 .  ? -1.222  12.907  5.848   1.00 13.72 ? 102 0TN A N3     1 
HETATM 559 C  C4     . 0TN C 2 .  ? -3.917  12.070  5.993   1.00 14.76 ? 102 0TN A C4     1 
HETATM 560 N  N4     . 0TN C 2 .  ? 0.327   12.247  3.640   1.00 14.43 ? 102 0TN A N4     1 
HETATM 561 C  C5     . 0TN C 2 .  ? -3.107  11.790  4.905   1.00 13.89 ? 102 0TN A C5     1 
HETATM 562 N  N5     . 0TN C 2 .  ? -5.088  7.733   2.776   1.00 14.20 ? 102 0TN A N5     1 
HETATM 563 C  C6     . 0TN C 2 .  ? -1.753  12.199  4.826   1.00 13.77 ? 102 0TN A C6     1 
HETATM 564 C  C7     . 0TN C 2 .  ? -0.976  11.868  3.693   1.00 14.00 ? 102 0TN A C7     1 
HETATM 565 C  C8     . 0TN C 2 .  ? -1.548  11.119  2.627   1.00 14.67 ? 102 0TN A C8     1 
HETATM 566 N  N8     . 0TN C 2 .  ? -5.868  8.541   0.391   1.00 14.59 ? 102 0TN A N8     1 
HETATM 567 C  C9     . 0TN C 2 .  ? -0.841  10.757  1.485   1.00 15.79 ? 102 0TN A C9     1 
HETATM 568 N  N9     . 0TN C 2 .  ? -6.127  11.442  1.280   1.00 16.10 ? 102 0TN A N9     1 
HETATM 569 C  C10    . 0TN C 2 .  ? -2.886  10.728  2.719   1.00 14.72 ? 102 0TN A C10    1 
HETATM 570 C  C11    . 0TN C 2 .  ? -1.489  10.016  0.490   1.00 17.17 ? 102 0TN A C11    1 
HETATM 571 C  C12    . 0TN C 2 .  ? -2.817  9.646   0.623   1.00 16.37 ? 102 0TN A C12    1 
HETATM 572 N  N12    . 0TN C 2 .  ? -7.509  9.532   2.465   1.00 14.74 ? 102 0TN A N12    1 
HETATM 573 C  C13    . 0TN C 2 .  ? 0.859   12.968  4.657   1.00 14.28 ? 102 0TN A C13    1 
HETATM 574 C  C14    . 0TN C 2 .  ? 2.193   13.394  4.595   1.00 15.45 ? 102 0TN A C14    1 
HETATM 575 C  C15    . 0TN C 2 .  ? 0.069   13.320  5.763   1.00 13.85 ? 102 0TN A C15    1 
HETATM 576 C  C16    . 0TN C 2 .  ? 0.634   14.056  6.816   1.00 15.06 ? 102 0TN A C16    1 
HETATM 577 C  C17    . 0TN C 2 .  ? 1.963   14.459  6.758   1.00 15.18 ? 102 0TN A C17    1 
HETATM 578 C  C18    . 0TN C 2 .  ? 2.731   14.124  5.642   1.00 16.61 ? 102 0TN A C18    1 
HETATM 579 C  C19    . 0TN C 2 .  ? -5.288  6.787   1.824   1.00 13.70 ? 102 0TN A C19    1 
HETATM 580 C  C20    . 0TN C 2 .  ? -4.696  7.349   3.997   1.00 14.72 ? 102 0TN A C20    1 
HETATM 581 C  C21    . 0TN C 2 .  ? -4.490  6.002   4.282   1.00 14.71 ? 102 0TN A C21    1 
HETATM 582 C  C22    . 0TN C 2 .  ? -5.117  5.416   2.057   1.00 13.44 ? 102 0TN A C22    1 
HETATM 583 C  C23    . 0TN C 2 .  ? -5.364  4.488   1.012   1.00 14.19 ? 102 0TN A C23    1 
HETATM 584 C  C24    . 0TN C 2 .  ? -5.772  4.929   -0.239  1.00 14.61 ? 102 0TN A C24    1 
HETATM 585 C  C25    . 0TN C 2 .  ? -5.944  6.300   -0.480  1.00 14.11 ? 102 0TN A C25    1 
HETATM 586 C  C26    . 0TN C 2 .  ? -5.708  7.223   0.559   1.00 13.68 ? 102 0TN A C26    1 
HETATM 587 C  C27    . 0TN C 2 .  ? -6.513  8.135   -1.878  1.00 16.58 ? 102 0TN A C27    1 
HETATM 588 C  C28    . 0TN C 2 .  ? -6.256  9.005   -0.805  1.00 15.91 ? 102 0TN A C28    1 
HETATM 589 C  C29    . 0TN C 2 .  ? -7.467  11.572  1.323   1.00 16.78 ? 102 0TN A C29    1 
HETATM 590 C  C30    . 0TN C 2 .  ? -5.366  12.362  0.688   1.00 17.70 ? 102 0TN A C30    1 
HETATM 591 C  C31    . 0TN C 2 .  ? -5.949  13.493  0.127   1.00 19.69 ? 102 0TN A C31    1 
HETATM 592 C  C32    . 0TN C 2 .  ? -8.101  12.681  0.786   1.00 18.92 ? 102 0TN A C32    1 
HETATM 593 C  C33    . 0TN C 2 .  ? -9.489  12.773  0.867   1.00 19.23 ? 102 0TN A C33    1 
HETATM 594 C  C34    . 0TN C 2 .  ? -10.233 11.773  1.487   1.00 18.04 ? 102 0TN A C34    1 
HETATM 595 C  C35    . 0TN C 2 .  ? -9.591  10.648  2.030   1.00 16.62 ? 102 0TN A C35    1 
HETATM 596 C  C36    . 0TN C 2 .  ? -8.200  10.559  1.941   1.00 16.34 ? 102 0TN A C36    1 
HETATM 597 C  C37    . 0TN C 2 .  ? -9.569  8.567   3.181   1.00 14.95 ? 102 0TN A C37    1 
HETATM 598 C  C38    . 0TN C 2 .  ? -8.173  8.525   3.069   1.00 14.17 ? 102 0TN A C38    1 
HETATM 599 C  C41    . 0TN C 2 .  ? -4.690  5.025   3.324   1.00 14.22 ? 102 0TN A C41    1 
HETATM 600 C  C42    . 0TN C 2 .  ? -6.364  6.773   -1.717  1.00 15.80 ? 102 0TN A C42    1 
HETATM 601 C  C43    . 0TN C 2 .  ? -7.325  13.660  0.175   1.00 19.85 ? 102 0TN A C43    1 
HETATM 602 C  C44    . 0TN C 2 .  ? -10.287 9.634   2.663   1.00 16.38 ? 102 0TN A C44    1 
HETATM 603 H  H1     . 0TN C 2 .  ? -6.757  10.576  4.879   1.00 18.77 ? 102 0TN A H1     1 
HETATM 604 H  H2     . 0TN C 2 .  ? -5.904  11.867  6.809   1.00 18.68 ? 102 0TN A H2     1 
HETATM 605 H  H3     . 0TN C 2 .  ? -3.540  12.656  6.822   1.00 17.72 ? 102 0TN A H3     1 
HETATM 606 H  H4     . 0TN C 2 .  ? 0.197   11.043  1.368   1.00 18.94 ? 102 0TN A H4     1 
HETATM 607 H  H5     . 0TN C 2 .  ? -0.946  9.739   -0.406  1.00 20.61 ? 102 0TN A H5     1 
HETATM 608 H  H6     . 0TN C 2 .  ? -3.313  9.084   -0.159  1.00 19.64 ? 102 0TN A H6     1 
HETATM 609 H  H7     . 0TN C 2 .  ? 2.804   13.143  3.738   1.00 18.54 ? 102 0TN A H7     1 
HETATM 610 H  H8     . 0TN C 2 .  ? 0.037   14.291  7.689   1.00 18.08 ? 102 0TN A H8     1 
HETATM 611 H  H9     . 0TN C 2 .  ? 2.402   15.016  7.577   1.00 18.21 ? 102 0TN A H9     1 
HETATM 612 H  H10    . 0TN C 2 .  ? 3.768   14.433  5.598   1.00 19.93 ? 102 0TN A H10    1 
HETATM 613 H  H11    . 0TN C 2 .  ? -4.525  8.093   4.766   1.00 17.66 ? 102 0TN A H11    1 
HETATM 614 H  H12    . 0TN C 2 .  ? -4.175  5.713   5.277   1.00 17.65 ? 102 0TN A H12    1 
HETATM 615 H  H13    . 0TN C 2 .  ? -5.209  3.430   1.186   1.00 17.02 ? 102 0TN A H13    1 
HETATM 616 H  H14    . 0TN C 2 .  ? -5.940  4.214   -1.035  1.00 17.53 ? 102 0TN A H14    1 
HETATM 617 H  H15    . 0TN C 2 .  ? -6.838  8.534   -2.830  1.00 19.89 ? 102 0TN A H15    1 
HETATM 618 H  H16    . 0TN C 2 .  ? -6.399  10.070  -0.939  1.00 19.10 ? 102 0TN A H16    1 
HETATM 619 H  H17    . 0TN C 2 .  ? -4.293  12.226  0.637   1.00 21.24 ? 102 0TN A H17    1 
HETATM 620 H  H18    . 0TN C 2 .  ? -5.330  14.242  -0.350  1.00 23.62 ? 102 0TN A H18    1 
HETATM 621 H  H19    . 0TN C 2 .  ? -9.993  13.641  0.460   1.00 23.07 ? 102 0TN A H19    1 
HETATM 622 H  H20    . 0TN C 2 .  ? -11.309 11.867  1.560   1.00 21.64 ? 102 0TN A H20    1 
HETATM 623 H  H21    . 0TN C 2 .  ? -10.094 7.753   3.668   1.00 17.94 ? 102 0TN A H21    1 
HETATM 624 H  H22    . 0TN C 2 .  ? -7.625  7.674   3.455   1.00 17.00 ? 102 0TN A H22    1 
HETATM 625 H  H23    . 0TN C 2 .  ? -4.543  3.978   3.561   1.00 17.06 ? 102 0TN A H23    1 
HETATM 626 H  H24    . 0TN C 2 .  ? -6.547  6.092   -2.540  1.00 18.96 ? 102 0TN A H24    1 
HETATM 627 H  H25    . 0TN C 2 .  ? -7.787  14.539  -0.257  1.00 23.82 ? 102 0TN A H25    1 
HETATM 628 H  H26    . 0TN C 2 .  ? -11.365 9.675   2.755   1.00 19.66 ? 102 0TN A H26    1 
HETATM 629 CO CO     . NCO D 3 .  ? -5.057  -2.886  1.134   0.45 16.70 ? 103 NCO A CO     1 
HETATM 630 N  N1     . NCO D 3 .  ? -5.146  -4.476  2.307   0.45 18.55 ? 103 NCO A N1     1 
HETATM 631 N  N2     . NCO D 3 .  ? -5.055  -1.226  -0.008  0.45 15.50 ? 103 NCO A N2     1 
HETATM 632 N  N3     . NCO D 3 .  ? -5.579  -4.017  -0.401  0.45 18.83 ? 103 NCO A N3     1 
HETATM 633 N  N4     . NCO D 3 .  ? -3.155  -3.288  0.708   0.45 17.86 ? 103 NCO A N4     1 
HETATM 634 N  N5     . NCO D 3 .  ? -4.462  -1.703  2.618   0.45 18.00 ? 103 NCO A N5     1 
HETATM 635 N  N6     . NCO D 3 .  ? -6.980  -2.504  1.479   0.45 17.14 ? 103 NCO A N6     1 
HETATM 636 O  O      . HOH E 4 .  ? -6.119  -1.326  2.649   0.63 29.57 ? 201 HOH A O      1 
HETATM 637 O  O      . HOH E 4 .  ? -2.823  -2.038  1.818   0.60 30.00 ? 202 HOH A O      1 
HETATM 638 O  O      . HOH E 4 .  ? -9.668  -4.431  6.055   1.00 33.32 ? 203 HOH A O      1 
HETATM 639 O  O      . HOH E 4 .  ? 16.637  -10.751 1.258   1.00 36.33 ? 204 HOH A O      1 
HETATM 640 O  O      . HOH E 4 .  ? -8.962  -5.836  -3.400  1.00 49.78 ? 205 HOH A O      1 
HETATM 641 O  O      . HOH E 4 .  ? -10.670 -9.313  6.856   1.00 40.36 ? 206 HOH A O      1 
HETATM 642 O  O      . HOH E 4 .  ? 2.981   0.593   -4.660  1.00 34.49 ? 207 HOH A O      1 
HETATM 643 O  O      . HOH E 4 .  ? 17.486  -7.103  2.817   1.00 20.68 ? 208 HOH A O      1 
HETATM 644 O  O      . HOH E 4 .  ? 8.253   -13.676 1.525   1.00 35.01 ? 209 HOH A O      1 
HETATM 645 O  O      . HOH E 4 .  ? 17.072  -3.934  -3.786  1.00 26.34 ? 210 HOH A O      1 
HETATM 646 O  O      . HOH E 4 .  ? -0.250  2.604   -6.719  1.00 38.27 ? 211 HOH A O      1 
HETATM 647 O  O      . HOH E 4 .  ? 6.901   0.536   4.176   1.00 26.45 ? 212 HOH A O      1 
HETATM 648 O  O      . HOH E 4 .  ? 14.714  3.197   3.590   1.00 30.14 ? 213 HOH A O      1 
HETATM 649 O  O      . HOH E 4 .  ? 18.312  -0.986  -0.557  1.00 32.47 ? 214 HOH A O      1 
HETATM 650 O  O      . HOH E 4 .  ? 11.914  1.393   -2.806  1.00 41.83 ? 215 HOH A O      1 
HETATM 651 O  O      . HOH E 4 .  ? 6.083   -0.369  -5.081  1.00 31.10 ? 216 HOH A O      1 
HETATM 652 O  O      . HOH E 4 .  ? 5.246   3.398   3.342   1.00 34.25 ? 217 HOH A O      1 
HETATM 653 O  O      . HOH E 4 .  ? 14.063  4.708   -0.705  1.00 43.39 ? 218 HOH A O      1 
HETATM 654 O  O      . HOH E 4 .  ? 8.776   0.139   -5.352  1.00 30.43 ? 219 HOH A O      1 
HETATM 655 O  O      . HOH E 4 .  ? 17.469  -9.330  -6.954  1.00 51.44 ? 220 HOH A O      1 
HETATM 656 O  O      . HOH E 4 .  ? 16.787  -2.714  2.889   0.47 15.88 ? 221 HOH A O      1 
HETATM 657 O  O      . HOH E 4 .  ? -2.204  7.205   -1.414  1.00 26.43 ? 222 HOH A O      1 
HETATM 658 O  O      . HOH E 4 .  ? 17.281  -12.980 -6.440  1.00 32.24 ? 223 HOH A O      1 
HETATM 659 O  O      . HOH E 4 .  ? 4.054   10.673  -2.378  1.00 31.32 ? 224 HOH A O      1 
HETATM 660 O  O      . HOH E 4 .  ? 0.189   7.135   -0.189  1.00 33.48 ? 225 HOH A O      1 
HETATM 661 O  O      . HOH E 4 .  ? -12.548 -5.083  -4.554  1.00 62.46 ? 226 HOH A O      1 
HETATM 662 O  O      . HOH E 4 .  ? -2.940  -2.480  -2.420  1.00 27.39 ? 227 HOH A O      1 
HETATM 663 O  O      . HOH E 4 .  ? 2.788   11.252  1.872   1.00 37.61 ? 228 HOH A O      1 
HETATM 664 O  O      . HOH E 4 .  ? 3.570   5.893   2.426   1.00 45.02 ? 229 HOH A O      1 
HETATM 665 O  O      . HOH E 4 .  ? 1.702   13.515  0.974   1.00 35.82 ? 230 HOH A O      1 
HETATM 666 O  O      A HOH E 4 .  ? -7.531  0.059   -9.997  0.65 22.97 ? 231 HOH A O      1 
HETATM 667 O  O      B HOH E 4 .  ? -6.412  -0.988  -10.723 0.35 25.76 ? 231 HOH A O      1 
HETATM 668 O  O      . HOH E 4 .  ? -0.102  15.382  2.443   1.00 28.78 ? 232 HOH A O      1 
HETATM 669 O  O      . HOH E 4 .  ? 13.349  -16.087 1.400   1.00 51.06 ? 233 HOH A O      1 
HETATM 670 O  O      . HOH E 4 .  ? -10.773 2.421   -7.621  1.00 37.56 ? 234 HOH A O      1 
HETATM 671 O  O      . HOH E 4 .  ? -6.832  -3.012  5.032   1.00 29.16 ? 235 HOH A O      1 
HETATM 672 O  O      . HOH E 4 .  ? -15.259 -5.320  1.170   1.00 36.58 ? 236 HOH A O      1 
HETATM 673 O  O      . HOH E 4 .  ? -14.479 -0.331  -1.797  1.00 60.10 ? 237 HOH A O      1 
HETATM 674 O  O      . HOH E 4 .  ? -5.008  4.906   -9.412  1.00 32.72 ? 238 HOH A O      1 
HETATM 675 O  O      . HOH E 4 .  ? -5.006  8.925   -5.160  1.00 38.35 ? 239 HOH A O      1 
HETATM 676 O  O      . HOH E 4 .  ? 15.685  5.057   -1.671  1.00 30.77 ? 240 HOH A O      1 
HETATM 677 O  O      . HOH E 4 .  ? -3.929  11.312  -1.899  1.00 29.12 ? 241 HOH A O      1 
HETATM 678 O  O      . HOH E 4 .  ? 3.450   11.401  -6.257  1.00 31.29 ? 242 HOH A O      1 
HETATM 679 O  O      A HOH E 4 .  ? -17.657 -9.069  2.030   0.84 17.77 ? 243 HOH A O      1 
HETATM 680 O  O      B HOH E 4 .  ? -16.226 -9.053  1.031   0.16 22.68 ? 243 HOH A O      1 
HETATM 681 O  O      . HOH E 4 .  ? -8.244  12.801  4.458   1.00 24.13 ? 244 HOH A O      1 
HETATM 682 O  O      . HOH E 4 .  ? -2.824  14.274  2.387   1.00 23.03 ? 245 HOH A O      1 
HETATM 683 O  O      . HOH E 4 .  ? 7.529   4.313   4.370   1.00 47.57 ? 246 HOH A O      1 
HETATM 684 O  O      . HOH E 4 .  ? -3.016  9.040   -3.136  1.00 31.33 ? 247 HOH A O      1 
HETATM 685 O  O      . HOH E 4 .  ? 21.562  -2.087  -1.007  1.00 45.98 ? 248 HOH A O      1 
HETATM 686 O  O      . HOH E 4 .  ? -0.537  10.172  -4.143  1.00 32.10 ? 249 HOH A O      1 
HETATM 687 O  O      . HOH E 4 .  ? -8.616  1.146   9.161   1.00 42.48 ? 250 HOH A O      1 
HETATM 688 O  O      . HOH E 4 .  ? -9.709  6.106   -3.680  1.00 16.48 ? 251 HOH A O      1 
HETATM 689 O  O      . HOH E 4 .  ? -2.517  13.486  -0.543  1.00 33.04 ? 252 HOH A O      1 
HETATM 690 O  O      . HOH E 4 .  ? -18.474 8.542   2.652   1.00 19.93 ? 253 HOH A O      1 
HETATM 691 O  O      . HOH E 4 .  ? -7.581  7.506   -5.260  1.00 33.87 ? 254 HOH A O      1 
HETATM 692 O  O      . HOH E 4 .  ? -8.803  11.156  -2.143  1.00 30.81 ? 255 HOH A O      1 
HETATM 693 O  O      . HOH E 4 .  ? -18.565 6.618   6.017   1.00 28.50 ? 256 HOH A O      1 
HETATM 694 O  O      . HOH E 4 .  ? -15.045 7.619   10.899  1.00 33.29 ? 257 HOH A O      1 
HETATM 695 O  O      . HOH E 4 .  ? 18.783  -5.388  -5.203  1.00 47.51 ? 258 HOH A O      1 
HETATM 696 O  O      . HOH E 4 .  ? -17.928 7.020   7.457   1.00 28.58 ? 259 HOH A O      1 
HETATM 697 O  O      . HOH E 4 .  ? 2.047   9.114   0.033   1.00 40.47 ? 260 HOH A O      1 
HETATM 698 O  O      . HOH E 4 .  ? 0.122   13.183  -1.276  1.00 36.72 ? 261 HOH A O      1 
HETATM 699 O  O      . HOH E 4 .  ? 11.439  -14.918 4.062   1.00 32.57 ? 262 HOH A O      1 
HETATM 700 O  O      . HOH E 4 .  ? -6.731  16.571  2.537   1.00 33.93 ? 263 HOH A O      1 
HETATM 701 O  O      . HOH E 4 .  ? -8.508  3.891   10.347  1.00 23.06 ? 264 HOH A O      1 
HETATM 702 O  O      . HOH E 4 .  ? -3.580  15.870  -1.838  1.00 32.18 ? 265 HOH A O      1 
HETATM 703 O  O      . HOH E 4 .  ? -9.443  16.444  1.686   1.00 32.38 ? 266 HOH A O      1 
HETATM 704 O  O      . HOH E 4 .  ? 0.975   16.130  -1.959  0.5  31.38 ? 267 HOH A O      1 
# 
loop_
_atom_site_anisotrop.id 
_atom_site_anisotrop.type_symbol 
_atom_site_anisotrop.pdbx_label_atom_id 
_atom_site_anisotrop.pdbx_label_alt_id 
_atom_site_anisotrop.pdbx_label_comp_id 
_atom_site_anisotrop.pdbx_label_asym_id 
_atom_site_anisotrop.pdbx_label_seq_id 
_atom_site_anisotrop.pdbx_PDB_ins_code 
_atom_site_anisotrop.U[1][1] 
_atom_site_anisotrop.U[2][2] 
_atom_site_anisotrop.U[3][3] 
_atom_site_anisotrop.U[1][2] 
_atom_site_anisotrop.U[1][3] 
_atom_site_anisotrop.U[2][3] 
_atom_site_anisotrop.pdbx_auth_seq_id 
_atom_site_anisotrop.pdbx_auth_comp_id 
_atom_site_anisotrop.pdbx_auth_asym_id 
_atom_site_anisotrop.pdbx_auth_atom_id 
1   O  "O5'" A DT  A 1  ? 0.4082 0.3368 0.5894 0.0972  0.0443  0.0423  1   DT  A "O5'" 
2   O  "O5'" B DT  A 1  ? 0.3949 0.3017 0.5931 0.1072  0.0472  0.0411  1   DT  A "O5'" 
3   C  "C5'" A DT  A 1  ? 0.3732 0.2915 0.5470 0.1067  0.0509  0.0406  1   DT  A "C5'" 
4   C  "C5'" B DT  A 1  ? 0.3730 0.2776 0.5509 0.1043  0.0515  0.0393  1   DT  A "C5'" 
5   C  "C4'" A DT  A 1  ? 0.3341 0.2692 0.4712 0.0984  0.0684  0.0317  1   DT  A "C4'" 
6   C  "C4'" B DT  A 1  ? 0.3400 0.2526 0.4751 0.0918  0.0587  0.0349  1   DT  A "C4'" 
7   O  "O4'" A DT  A 1  ? 0.3148 0.2533 0.4362 0.1029  0.0809  0.0426  1   DT  A "O4'" 
8   O  "O4'" B DT  A 1  ? 0.3228 0.2346 0.4360 0.0911  0.0631  0.0432  1   DT  A "O4'" 
9   C  "C3'" A DT  A 1  ? 0.3237 0.2578 0.4052 0.0548  0.0657  0.0244  1   DT  A "C3'" 
10  C  "C3'" B DT  A 1  ? 0.3253 0.2391 0.4189 0.0677  0.0573  0.0254  1   DT  A "C3'" 
11  O  "O3'" A DT  A 1  ? 0.3145 0.1995 0.3712 0.0283  0.0563  -0.0128 1   DT  A "O3'" 
12  O  "O3'" B DT  A 1  ? 0.3100 0.2114 0.3772 0.0549  0.0455  -0.0009 1   DT  A "O3'" 
13  C  "C2'" A DT  A 1  ? 0.3122 0.2233 0.3972 0.0614  0.0758  0.0373  1   DT  A "C2'" 
14  C  "C2'" B DT  A 1  ? 0.3187 0.2247 0.4040 0.0682  0.0631  0.0374  1   DT  A "C2'" 
15  C  "C1'" A DT  A 1  ? 0.2985 0.2066 0.3849 0.0780  0.0808  0.0400  1   DT  A "C1'" 
16  C  "C1'" B DT  A 1  ? 0.3112 0.2093 0.3884 0.0750  0.0618  0.0456  1   DT  A "C1'" 
17  N  N1    A DT  A 1  ? 0.2667 0.1754 0.3033 0.0666  0.0755  0.0486  1   DT  A N1    
18  N  N1    B DT  A 1  ? 0.2947 0.1845 0.3244 0.0632  0.0510  0.0527  1   DT  A N1    
19  C  C2    A DT  A 1  ? 0.2821 0.2010 0.2787 0.0368  0.0655  0.0398  1   DT  A C2    
20  C  C2    B DT  A 1  ? 0.2989 0.2030 0.2968 0.0488  0.0409  0.0462  1   DT  A C2    
21  O  O2    A DT  A 1  ? 0.3214 0.2317 0.2816 0.0170  0.0629  0.0064  1   DT  A O2    
22  O  O2    B DT  A 1  ? 0.3056 0.2397 0.2915 0.0439  0.0473  0.0322  1   DT  A O2    
23  N  N3    A DT  A 1  ? 0.2753 0.1618 0.2544 0.0218  0.0393  0.0533  1   DT  A N3    
24  N  N3    B DT  A 1  ? 0.2957 0.1755 0.2770 0.0371  0.0345  0.0597  1   DT  A N3    
25  C  C4    A DT  A 1  ? 0.2847 0.1617 0.2590 0.0097  0.0345  0.0476  1   DT  A C4    
26  C  C4    B DT  A 1  ? 0.2930 0.1655 0.2751 0.0277  0.0318  0.0611  1   DT  A C4    
27  O  O4    A DT  A 1  ? 0.2490 0.1993 0.2641 -0.0270 0.0385  0.0317  1   DT  A O4    
28  O  O4    B DT  A 1  ? 0.2836 0.1834 0.2691 0.0111  0.0314  0.0563  1   DT  A O4    
29  C  C5    A DT  A 1  ? 0.2903 0.1646 0.2934 0.0237  0.0437  0.0472  1   DT  A C5    
30  C  C5    B DT  A 1  ? 0.2914 0.1682 0.2905 0.0406  0.0357  0.0616  1   DT  A C5    
31  C  C7    A DT  A 1  ? 0.2893 0.1702 0.3061 0.0283  0.0430  0.0425  1   DT  A C7    
32  C  C7    B DT  A 1  ? 0.2925 0.1736 0.2987 0.0391  0.0321  0.0606  1   DT  A C7    
33  C  C6    A DT  A 1  ? 0.2789 0.1991 0.3083 0.0430  0.0488  0.0450  1   DT  A C6    
34  C  C6    B DT  A 1  ? 0.2863 0.1782 0.3038 0.0569  0.0429  0.0597  1   DT  A C6    
61  P  P     . DC  A 2  ? 0.2857 0.1917 0.3250 0.0565  0.0247  -0.0212 2   DC  A P     
62  O  OP1   . DC  A 2  ? 0.3367 0.2231 0.3588 0.0471  0.0241  -0.0560 2   DC  A OP1   
63  O  OP2   . DC  A 2  ? 0.2505 0.2597 0.3441 0.0452  0.0058  0.0223  2   DC  A OP2   
64  O  "O5'" . DC  A 2  ? 0.2778 0.1904 0.3438 0.0678  -0.0259 -0.0331 2   DC  A "O5'" 
65  C  "C5'" . DC  A 2  ? 0.2995 0.2045 0.3366 0.0344  -0.0378 -0.0421 2   DC  A "C5'" 
66  C  "C4'" . DC  A 2  ? 0.2950 0.1873 0.3309 0.0439  -0.0582 -0.0641 2   DC  A "C4'" 
67  O  "O4'" . DC  A 2  ? 0.2633 0.1811 0.3534 0.0335  -0.0546 -0.0781 2   DC  A "O4'" 
68  C  "C3'" . DC  A 2  ? 0.3135 0.2073 0.3127 0.0554  -0.0687 -0.0452 2   DC  A "C3'" 
69  O  "O3'" . DC  A 2  ? 0.3130 0.2678 0.3061 0.0385  -0.0768 -0.0716 2   DC  A "O3'" 
70  C  "C2'" . DC  A 2  ? 0.3104 0.1885 0.3334 0.0367  -0.0537 -0.0523 2   DC  A "C2'" 
71  C  "C1'" . DC  A 2  ? 0.2493 0.1643 0.3418 0.0477  -0.0496 -0.0641 2   DC  A "C1'" 
72  N  N1    . DC  A 2  ? 0.1949 0.1681 0.2668 0.0431  -0.0448 -0.0284 2   DC  A N1    
73  C  C2    . DC  A 2  ? 0.1821 0.1472 0.2419 0.0242  -0.0434 -0.0225 2   DC  A C2    
74  O  O2    . DC  A 2  ? 0.1885 0.1433 0.2488 0.0355  -0.0644 -0.0190 2   DC  A O2    
75  N  N3    . DC  A 2  ? 0.1594 0.1508 0.2355 0.0134  -0.0243 -0.0004 2   DC  A N3    
76  C  C4    . DC  A 2  ? 0.1541 0.1685 0.2632 0.0249  -0.0285 0.0036  2   DC  A C4    
77  N  N4    . DC  A 2  ? 0.2015 0.1829 0.2644 0.0304  -0.0470 0.0323  2   DC  A N4    
78  C  C5    . DC  A 2  ? 0.2023 0.1713 0.2587 0.0363  -0.0145 0.0072  2   DC  A C5    
79  C  C6    . DC  A 2  ? 0.2074 0.1514 0.2689 0.0321  -0.0192 -0.0096 2   DC  A C6    
91  P  P     . DG  A 3  ? 0.3006 0.2425 0.3235 0.0805  -0.0466 -0.0791 3   DG  A P     
92  O  OP1   . DG  A 3  ? 0.3460 0.2796 0.2962 0.0550  -0.0651 -0.0838 3   DG  A OP1   
93  O  OP2   . DG  A 3  ? 0.3073 0.2725 0.3238 0.0635  -0.0454 -0.0614 3   DG  A OP2   
94  O  "O5'" . DG  A 3  ? 0.3090 0.2205 0.2742 0.1181  -0.0163 -0.0315 3   DG  A "O5'" 
95  C  "C5'" . DG  A 3  ? 0.2841 0.2263 0.2177 0.0885  -0.0320 -0.0448 3   DG  A "C5'" 
96  C  "C4'" . DG  A 3  ? 0.2280 0.2510 0.1954 0.0666  -0.0281 -0.0627 3   DG  A "C4'" 
97  O  "O4'" . DG  A 3  ? 0.2000 0.2559 0.2024 0.0713  -0.0172 -0.0644 3   DG  A "O4'" 
98  C  "C3'" . DG  A 3  ? 0.2175 0.2938 0.1829 0.0670  -0.0317 -0.0690 3   DG  A "C3'" 
99  O  "O3'" . DG  A 3  ? 0.2408 0.3577 0.2042 0.0633  -0.0143 -0.0766 3   DG  A "O3'" 
100 C  "C2'" . DG  A 3  ? 0.2331 0.2772 0.1888 0.0532  -0.0148 -0.0707 3   DG  A "C2'" 
101 C  "C1'" . DG  A 3  ? 0.2207 0.2247 0.1930 0.0703  -0.0043 -0.0729 3   DG  A "C1'" 
102 N  N9    . DG  A 3  ? 0.2027 0.2309 0.1927 0.0723  -0.0185 -0.0735 3   DG  A N9    
103 C  C8    . DG  A 3  ? 0.2187 0.2283 0.2038 0.0845  -0.0118 -0.0654 3   DG  A C8    
104 N  N7    . DG  A 3  ? 0.2011 0.2331 0.2103 0.0860  -0.0139 -0.0640 3   DG  A N7    
105 C  C5    . DG  A 3  ? 0.1533 0.2194 0.2070 0.0446  -0.0242 -0.0602 3   DG  A C5    
106 C  C6    . DG  A 3  ? 0.1418 0.2127 0.2031 0.0256  -0.0223 -0.0523 3   DG  A C6    
107 O  O6    . DG  A 3  ? 0.1707 0.2300 0.1992 0.0104  -0.0157 -0.0346 3   DG  A O6    
108 N  N1    . DG  A 3  ? 0.1305 0.2130 0.2003 0.0039  -0.0058 -0.0561 3   DG  A N1    
109 C  C2    . DG  A 3  ? 0.1219 0.1939 0.1908 0.0130  -0.0014 -0.0486 3   DG  A C2    
110 N  N2    . DG  A 3  ? 0.1347 0.1889 0.1773 -0.0022 0.0081  -0.0457 3   DG  A N2    
111 N  N3    . DG  A 3  ? 0.1308 0.2040 0.1935 0.0202  -0.0044 -0.0642 3   DG  A N3    
112 C  C4    . DG  A 3  ? 0.1589 0.1978 0.1949 0.0453  -0.0208 -0.0693 3   DG  A C4    
124 P  P     . DG  A 4  ? 0.2866 0.3844 0.2186 0.0497  0.0005  -0.0702 4   DG  A P     
125 O  OP1   . DG  A 4  ? 0.3500 0.4546 0.2135 0.0320  0.0261  -0.0728 4   DG  A OP1   
126 O  OP2   . DG  A 4  ? 0.3100 0.3103 0.2444 0.0982  -0.0127 -0.0857 4   DG  A OP2   
127 O  "O5'" . DG  A 4  ? 0.2590 0.3628 0.1998 0.0574  -0.0152 -0.0216 4   DG  A "O5'" 
128 C  "C5'" . DG  A 4  ? 0.2440 0.3379 0.1878 0.0486  -0.0111 0.0070  4   DG  A "C5'" 
129 C  "C4'" . DG  A 4  ? 0.2354 0.3281 0.1785 0.0444  0.0007  0.0092  4   DG  A "C4'" 
130 O  "O4'" . DG  A 4  ? 0.2052 0.2986 0.1764 0.0633  0.0100  -0.0045 4   DG  A "O4'" 
131 C  "C3'" . DG  A 4  ? 0.2510 0.3166 0.1852 0.0327  0.0048  0.0059  4   DG  A "C3'" 
132 O  "O3'" . DG  A 4  ? 0.2638 0.3264 0.2178 0.0330  0.0252  0.0495  4   DG  A "O3'" 
133 C  "C2'" . DG  A 4  ? 0.2185 0.3010 0.1726 0.0403  0.0113  -0.0226 4   DG  A "C2'" 
134 C  "C1'" . DG  A 4  ? 0.2035 0.2803 0.1585 0.0412  0.0092  -0.0309 4   DG  A "C1'" 
135 N  N9    . DG  A 4  ? 0.1977 0.2354 0.1593 0.0364  0.0073  -0.0432 4   DG  A N9    
136 C  C8    . DG  A 4  ? 0.1865 0.2179 0.1780 0.0461  -0.0016 -0.0474 4   DG  A C8    
137 N  N7    . DG  A 4  ? 0.1788 0.2140 0.2076 0.0432  -0.0065 -0.0553 4   DG  A N7    
138 C  C5    . DG  A 4  ? 0.1749 0.1933 0.1739 0.0420  0.0067  -0.0377 4   DG  A C5    
139 C  C6    . DG  A 4  ? 0.1679 0.1968 0.1918 0.0421  0.0132  -0.0198 4   DG  A C6    
140 O  O6    . DG  A 4  ? 0.1790 0.2087 0.2005 0.0397  0.0103  -0.0141 4   DG  A O6    
141 N  N1    . DG  A 4  ? 0.1569 0.2081 0.1770 0.0398  0.0108  -0.0313 4   DG  A N1    
142 C  C2    . DG  A 4  ? 0.1539 0.2260 0.1673 0.0261  0.0121  -0.0338 4   DG  A C2    
143 N  N2    . DG  A 4  ? 0.1821 0.2403 0.1609 0.0141  0.0023  -0.0393 4   DG  A N2    
144 N  N3    . DG  A 4  ? 0.1742 0.2210 0.1536 0.0236  0.0014  -0.0292 4   DG  A N3    
145 C  C4    . DG  A 4  ? 0.1738 0.2011 0.1758 0.0407  0.0187  -0.0374 4   DG  A C4    
157 P  P     . DC  A 5  ? 0.3083 0.4120 0.2395 0.0170  0.0360  0.0361  5   DC  A P     
158 O  OP1   . DC  A 5  ? 0.3441 0.4070 0.2816 -0.0022 0.0346  0.0382  5   DC  A OP1   
159 O  OP2   . DC  A 5  ? 0.3197 0.4564 0.2516 0.0146  0.0545  0.0003  5   DC  A OP2   
160 O  "O5'" . DC  A 5  ? 0.2728 0.3577 0.2742 0.0587  0.0643  0.0300  5   DC  A "O5'" 
161 C  "C5'" . DC  A 5  ? 0.2790 0.3749 0.2824 0.0441  0.0561  0.0387  5   DC  A "C5'" 
162 C  "C4'" . DC  A 5  ? 0.2836 0.3803 0.2808 0.0475  0.0670  0.0554  5   DC  A "C4'" 
163 O  "O4'" . DC  A 5  ? 0.2635 0.3663 0.2787 0.0766  0.0936  0.0537  5   DC  A "O4'" 
164 C  "C3'" . DC  A 5  ? 0.2859 0.4207 0.3156 0.0413  0.0576  0.0693  5   DC  A "C3'" 
165 O  "O3'" . DC  A 5  ? 0.3180 0.4479 0.3814 -0.0074 0.0663  0.0850  5   DC  A "O3'" 
166 C  "C2'" . DC  A 5  ? 0.2531 0.4095 0.3093 0.0750  0.0699  0.0591  5   DC  A "C2'" 
167 C  "C1'" . DC  A 5  ? 0.2705 0.3704 0.2796 0.0710  0.0614  0.0482  5   DC  A "C1'" 
168 N  N1    . DC  A 5  ? 0.2432 0.3098 0.2279 0.0991  0.0512  0.0420  5   DC  A N1    
169 C  C2    . DC  A 5  ? 0.2404 0.3039 0.2273 0.1066  0.0464  0.0295  5   DC  A C2    
170 O  O2    . DC  A 5  ? 0.2430 0.3106 0.2229 0.0914  0.0421  0.0298  5   DC  A O2    
171 N  N3    . DC  A 5  ? 0.2232 0.2829 0.2304 0.1138  0.0533  0.0123  5   DC  A N3    
172 C  C4    . DC  A 5  ? 0.2362 0.2752 0.2357 0.1135  0.0466  0.0036  5   DC  A C4    
173 N  N4    . DC  A 5  ? 0.2450 0.2776 0.2498 0.1067  0.0362  -0.0051 5   DC  A N4    
174 C  C5    . DC  A 5  ? 0.2543 0.3074 0.1994 0.1121  0.0410  0.0103  5   DC  A C5    
175 C  C6    . DC  A 5  ? 0.2415 0.3108 0.2132 0.1178  0.0468  0.0206  5   DC  A C6    
187 P  P     A DG  A 6  ? 0.3799 0.5116 0.4171 -0.0447 0.0826  0.0852  6   DG  A P     
188 P  P     B DG  A 6  ? 0.2763 0.2866 0.4081 0.0133  0.0460  0.1356  6   DG  A P     
189 O  OP1   A DG  A 6  ? 0.4052 0.5589 0.4398 -0.0474 0.0904  0.0638  6   DG  A OP1   
190 O  OP1   B DG  A 6  ? 0.3060 0.2791 0.4340 0.0186  0.0319  0.1348  6   DG  A OP1   
191 O  OP2   A DG  A 6  ? 0.3996 0.5546 0.4246 -0.0547 0.1000  0.0823  6   DG  A OP2   
192 O  OP2   B DG  A 6  ? 0.2906 0.3404 0.4058 -0.0091 0.0547  0.1322  6   DG  A OP2   
193 O  "O5'" A DG  A 6  ? 0.3929 0.4720 0.4266 -0.0404 0.0516  0.0745  6   DG  A "O5'" 
194 O  "O5'" B DG  A 6  ? 0.2860 0.2771 0.3672 0.0161  0.0269  0.1351  6   DG  A "O5'" 
195 C  "C5'" A DG  A 6  ? 0.3771 0.3928 0.4240 -0.0308 0.0281  0.0756  6   DG  A "C5'" 
196 C  "C5'" B DG  A 6  ? 0.2583 0.2462 0.3841 0.0423  0.0089  0.0916  6   DG  A "C5'" 
197 C  "C4'" A DG  A 6  ? 0.3419 0.3237 0.4087 -0.0168 0.0053  0.0727  6   DG  A "C4'" 
198 C  "C4'" B DG  A 6  ? 0.2362 0.2480 0.3586 0.0307  -0.0021 0.0540  6   DG  A "C4'" 
199 O  "O4'" A DG  A 6  ? 0.3267 0.2933 0.3912 -0.0185 0.0034  0.0806  6   DG  A "O4'" 
200 O  "O4'" B DG  A 6  ? 0.2248 0.2755 0.3409 0.0327  0.0182  0.0302  6   DG  A "O4'" 
201 C  "C3'" A DG  A 6  ? 0.3151 0.3090 0.3987 -0.0081 -0.0054 0.0618  6   DG  A "C3'" 
202 C  "C3'" B DG  A 6  ? 0.2250 0.2424 0.3309 0.0270  -0.0197 0.0408  6   DG  A "C3'" 
203 O  "O3'" A DG  A 6  ? 0.2978 0.2995 0.3651 0.0024  -0.0032 0.0646  6   DG  A "O3'" 
204 O  "O3'" B DG  A 6  ? 0.2587 0.2225 0.3227 0.0022  -0.0311 0.0356  6   DG  A "O3'" 
205 C  "C2'" A DG  A 6  ? 0.3116 0.2979 0.4033 -0.0208 -0.0046 0.0593  6   DG  A "C2'" 
206 C  "C2'" B DG  A 6  ? 0.2217 0.2388 0.3177 0.0174  -0.0041 0.0308  6   DG  A "C2'" 
207 C  "C1'" A DG  A 6  ? 0.3049 0.2736 0.3864 -0.0250 0.0120  0.0718  6   DG  A "C1'" 
208 C  "C1'" B DG  A 6  ? 0.2224 0.2391 0.3085 0.0189  0.0167  0.0274  6   DG  A "C1'" 
209 N  N9    A DG  A 6  ? 0.2584 0.2544 0.3582 -0.0089 0.0319  0.0680  6   DG  A N9    
210 N  N9    B DG  A 6  ? 0.2026 0.2014 0.2739 0.0308  0.0159  0.0131  6   DG  A N9    
211 C  C8    A DG  A 6  ? 0.2445 0.2531 0.3406 -0.0013 0.0259  0.0707  6   DG  A C8    
212 C  C8    B DG  A 6  ? 0.1854 0.2118 0.2404 0.0449  0.0099  0.0292  6   DG  A C8    
213 N  N7    A DG  A 6  ? 0.2153 0.2500 0.3492 0.0178  0.0389  0.0612  6   DG  A N7    
214 N  N7    B DG  A 6  ? 0.1719 0.1843 0.2777 0.0572  0.0338  0.0188  6   DG  A N7    
215 C  C5    A DG  A 6  ? 0.2050 0.2236 0.3304 0.0394  0.0402  0.0594  6   DG  A C5    
216 C  C5    B DG  A 6  ? 0.1594 0.1838 0.2813 0.0573  0.0403  0.0044  6   DG  A C5    
217 C  C6    A DG  A 6  ? 0.1718 0.2121 0.3258 0.0752  0.0555  0.0530  6   DG  A C6    
218 C  C6    B DG  A 6  ? 0.1617 0.2215 0.2928 0.0386  0.0377  -0.0001 6   DG  A C6    
219 O  O6    A DG  A 6  ? 0.1821 0.2187 0.3227 0.0653  0.0725  0.0446  6   DG  A O6    
220 O  O6    B DG  A 6  ? 0.1791 0.2366 0.3015 0.0165  0.0360  -0.0099 6   DG  A O6    
221 N  N1    A DG  A 6  ? 0.1934 0.2080 0.3150 0.0620  0.0593  0.0554  6   DG  A N1    
222 N  N1    B DG  A 6  ? 0.1653 0.2195 0.2958 0.0517  0.0535  -0.0075 6   DG  A N1    
223 C  C2    A DG  A 6  ? 0.2111 0.2206 0.3123 0.0360  0.0541  0.0628  6   DG  A C2    
224 C  C2    B DG  A 6  ? 0.1556 0.2282 0.2663 0.0381  0.0475  0.0112  6   DG  A C2    
225 N  N2    A DG  A 6  ? 0.2389 0.2398 0.3139 0.0361  0.0506  0.0584  6   DG  A N2    
226 N  N2    B DG  A 6  ? 0.1747 0.2353 0.2788 0.0358  0.0785  0.0061  6   DG  A N2    
227 N  N3    A DG  A 6  ? 0.2249 0.2304 0.3200 0.0235  0.0401  0.0711  6   DG  A N3    
228 N  N3    B DG  A 6  ? 0.1809 0.2269 0.2663 0.0195  0.0345  0.0149  6   DG  A N3    
229 C  C4    A DG  A 6  ? 0.2170 0.2417 0.3350 0.0187  0.0423  0.0633  6   DG  A C4    
230 C  C4    B DG  A 6  ? 0.1705 0.2187 0.2629 0.0366  0.0343  0.0085  6   DG  A C4    
253 P  P     A DC  A 7  ? 0.2756 0.2803 0.3125 0.0130  0.0014  0.0801  7   DC  A P     
254 P  P     B DC  A 7  ? 0.2581 0.2202 0.3206 -0.0270 -0.0187 0.0203  7   DC  A P     
255 O  OP1   A DC  A 7  ? 0.3166 0.2636 0.3517 -0.0078 0.0031  0.0762  7   DC  A OP1   
256 O  OP1   B DC  A 7  ? 0.2757 0.2416 0.3271 -0.0554 -0.0353 0.0023  7   DC  A OP1   
257 O  OP2   A DC  A 7  ? 0.3033 0.2828 0.3368 0.0047  -0.0146 0.0629  7   DC  A OP2   
258 O  OP2   B DC  A 7  ? 0.2676 0.2320 0.3226 -0.0382 0.0047  0.0501  7   DC  A OP2   
259 O  "O5'" A DC  A 7  ? 0.2732 0.2349 0.2935 -0.0125 -0.0185 0.0618  7   DC  A "O5'" 
260 O  "O5'" B DC  A 7  ? 0.2372 0.1742 0.2919 -0.0213 -0.0226 0.0276  7   DC  A "O5'" 
261 C  "C5'" A DC  A 7  ? 0.2477 0.1985 0.2700 -0.0267 -0.0135 0.0468  7   DC  A "C5'" 
262 C  "C5'" B DC  A 7  ? 0.2304 0.1760 0.2720 -0.0357 -0.0144 0.0219  7   DC  A "C5'" 
263 C  "C4'" A DC  A 7  ? 0.2248 0.1814 0.2443 -0.0302 -0.0103 0.0335  7   DC  A "C4'" 
264 C  "C4'" B DC  A 7  ? 0.2099 0.1923 0.2519 -0.0284 -0.0044 0.0058  7   DC  A "C4'" 
265 O  "O4'" A DC  A 7  ? 0.1943 0.1795 0.2581 -0.0190 0.0084  0.0191  7   DC  A "O4'" 
266 O  "O4'" B DC  A 7  ? 0.2035 0.1883 0.2592 -0.0148 0.0137  -0.0051 7   DC  A "O4'" 
267 C  "C3'" A DC  A 7  ? 0.1891 0.1960 0.2413 -0.0289 -0.0243 0.0265  7   DC  A "C3'" 
268 C  "C3'" B DC  A 7  ? 0.1867 0.2015 0.2450 -0.0352 -0.0054 0.0148  7   DC  A "C3'" 
269 O  "O3'" A DC  A 7  ? 0.1924 0.2124 0.2542 -0.0354 -0.0317 0.0230  7   DC  A "O3'" 
270 O  "O3'" B DC  A 7  ? 0.1928 0.2172 0.2577 -0.0385 -0.0221 0.0164  7   DC  A "O3'" 
271 C  "C2'" A DC  A 7  ? 0.1727 0.1933 0.2427 -0.0145 -0.0019 0.0240  7   DC  A "C2'" 
272 C  "C2'" B DC  A 7  ? 0.1813 0.1887 0.2575 -0.0324 0.0159  -0.0006 7   DC  A "C2'" 
273 C  "C1'" A DC  A 7  ? 0.1756 0.1866 0.2405 -0.0060 0.0060  0.0205  7   DC  A "C1'" 
274 C  "C1'" B DC  A 7  ? 0.1903 0.1831 0.2649 -0.0038 0.0098  -0.0111 7   DC  A "C1'" 
275 N  N1    A DC  A 7  ? 0.1634 0.1790 0.2234 -0.0038 0.0288  0.0188  7   DC  A N1    
276 N  N1    B DC  A 7  ? 0.2032 0.1979 0.2495 -0.0116 0.0130  -0.0090 7   DC  A N1    
277 C  C2    A DC  A 7  ? 0.1466 0.1461 0.2094 -0.0027 0.0032  0.0081  7   DC  A C2    
278 C  C2    B DC  A 7  ? 0.1822 0.2086 0.2262 -0.0024 0.0107  -0.0081 7   DC  A C2    
279 O  O2    A DC  A 7  ? 0.1504 0.1703 0.2045 -0.0133 0.0074  0.0051  7   DC  A O2    
280 O  O2    B DC  A 7  ? 0.1818 0.2417 0.1907 -0.0178 0.0144  -0.0045 7   DC  A O2    
281 N  N3    A DC  A 7  ? 0.1477 0.1523 0.1976 0.0036  0.0022  0.0029  7   DC  A N3    
282 N  N3    B DC  A 7  ? 0.1895 0.1979 0.2286 0.0034  0.0088  -0.0022 7   DC  A N3    
283 C  C4    A DC  A 7  ? 0.1555 0.1583 0.1963 0.0118  0.0132  0.0056  7   DC  A C4    
284 C  C4    B DC  A 7  ? 0.1967 0.2081 0.2432 0.0156  0.0114  -0.0038 7   DC  A C4    
285 N  N4    A DC  A 7  ? 0.1547 0.1530 0.1757 0.0227  0.0040  0.0140  7   DC  A N4    
286 N  N4    B DC  A 7  ? 0.1947 0.2146 0.2419 0.0363  -0.0013 -0.0004 7   DC  A N4    
287 C  C5    A DC  A 7  ? 0.1540 0.1806 0.2038 0.0118  0.0276  0.0107  7   DC  A C5    
288 C  C5    B DC  A 7  ? 0.2166 0.2204 0.2498 0.0032  0.0266  0.0038  7   DC  A C5    
289 C  C6    A DC  A 7  ? 0.1688 0.1834 0.2134 0.0100  0.0242  0.0171  7   DC  A C6    
290 C  C6    B DC  A 7  ? 0.2202 0.2147 0.2511 -0.0056 0.0252  -0.0008 7   DC  A C6    
313 P  P     . DC  A 8  ? 0.1859 0.2298 0.2690 -0.0476 -0.0265 0.0357  8   DC  A P     
314 O  OP1   . DC  A 8  ? 0.1975 0.2217 0.3409 -0.0513 -0.0582 0.0029  8   DC  A OP1   
315 O  OP2   . DC  A 8  ? 0.2211 0.2854 0.3105 -0.0331 -0.0001 0.0731  8   DC  A OP2   
316 O  "O5'" . DC  A 8  ? 0.1967 0.2440 0.1793 -0.0356 -0.0194 0.0090  8   DC  A "O5'" 
317 C  "C5'" . DC  A 8  ? 0.1819 0.2081 0.1859 -0.0448 -0.0226 -0.0199 8   DC  A "C5'" 
318 C  "C4'" . DC  A 8  ? 0.1871 0.2198 0.1945 -0.0579 0.0043  -0.0411 8   DC  A "C4'" 
319 O  "O4'" . DC  A 8  ? 0.1918 0.2537 0.2015 -0.0730 0.0260  -0.0713 8   DC  A "O4'" 
320 C  "C3'" . DC  A 8  ? 0.1763 0.2365 0.2040 -0.0441 0.0111  -0.0507 8   DC  A "C3'" 
321 O  "O3'" . DC  A 8  ? 0.2116 0.2491 0.2466 -0.0564 0.0426  -0.0582 8   DC  A "O3'" 
322 C  "C2'" . DC  A 8  ? 0.1927 0.2916 0.2036 -0.0570 0.0132  -0.0695 8   DC  A "C2'" 
323 C  "C1'" . DC  A 8  ? 0.1870 0.2618 0.2030 -0.0493 0.0099  -0.0768 8   DC  A "C1'" 
324 N  N1    . DC  A 8  ? 0.1876 0.2382 0.2056 -0.0428 0.0199  -0.0695 8   DC  A N1    
325 C  C2    . DC  A 8  ? 0.1702 0.2140 0.1854 -0.0310 0.0191  -0.0664 8   DC  A C2    
326 O  O2    . DC  A 8  ? 0.1498 0.2285 0.1811 -0.0279 0.0031  -0.0561 8   DC  A O2    
327 N  N3    . DC  A 8  ? 0.1645 0.2147 0.1801 -0.0290 0.0138  -0.0570 8   DC  A N3    
328 C  C4    . DC  A 8  ? 0.2047 0.1880 0.2232 -0.0275 0.0220  -0.0665 8   DC  A C4    
329 N  N4    . DC  A 8  ? 0.2114 0.1712 0.2475 -0.0012 0.0156  -0.0506 8   DC  A N4    
330 C  C5    . DC  A 8  ? 0.2176 0.2115 0.2379 -0.0367 0.0249  -0.0685 8   DC  A C5    
331 C  C6    . DC  A 8  ? 0.2156 0.2356 0.2413 -0.0600 0.0317  -0.0763 8   DC  A C6    
343 P  P     A DG  A 9  ? 0.1759 0.2805 0.2035 -0.0590 -0.0183 -0.0475 9   DG  A P     
344 P  P     B DG  A 9  ? 0.1837 0.2636 0.2246 -0.0356 0.0045  -0.0413 9   DG  A P     
345 O  OP1   A DG  A 9  ? 0.2257 0.3102 0.2362 -0.0806 -0.0538 -0.0346 9   DG  A OP1   
346 O  OP1   B DG  A 9  ? 0.2229 0.3126 0.2281 -0.0599 -0.0256 -0.0364 9   DG  A OP1   
347 O  OP2   A DG  A 9  ? 0.2000 0.2600 0.2210 -0.0529 0.0188  -0.0349 9   DG  A OP2   
348 O  OP2   B DG  A 9  ? 0.1896 0.2621 0.2348 -0.0357 0.0218  -0.0274 9   DG  A OP2   
349 O  "O5'" A DG  A 9  ? 0.1500 0.2375 0.1925 -0.0157 -0.0120 -0.0190 9   DG  A "O5'" 
350 O  "O5'" B DG  A 9  ? 0.1568 0.2194 0.2060 0.0043  0.0232  0.0057  9   DG  A "O5'" 
351 C  "C5'" A DG  A 9  ? 0.1497 0.2404 0.2082 -0.0127 -0.0090 -0.0047 9   DG  A "C5'" 
352 C  "C5'" B DG  A 9  ? 0.1442 0.2165 0.2059 0.0187  0.0041  0.0004  9   DG  A "C5'" 
353 C  "C4'" A DG  A 9  ? 0.1278 0.2164 0.2103 -0.0112 0.0009  0.0237  9   DG  A "C4'" 
354 C  "C4'" B DG  A 9  ? 0.1492 0.1892 0.2148 0.0050  0.0021  -0.0120 9   DG  A "C4'" 
355 O  "O4'" A DG  A 9  ? 0.1251 0.2201 0.1769 0.0050  -0.0005 0.0305  9   DG  A "O4'" 
356 O  "O4'" B DG  A 9  ? 0.1530 0.1866 0.1863 -0.0043 -0.0031 -0.0234 9   DG  A "O4'" 
357 C  "C3'" A DG  A 9  ? 0.1207 0.2073 0.2261 -0.0226 -0.0043 0.0123  9   DG  A "C3'" 
358 C  "C3'" B DG  A 9  ? 0.1728 0.1684 0.2601 -0.0018 -0.0114 -0.0349 9   DG  A "C3'" 
359 O  "O3'" A DG  A 9  ? 0.1316 0.1950 0.2741 -0.0215 -0.0187 0.0005  9   DG  A "O3'" 
360 O  "O3'" B DG  A 9  ? 0.1844 0.1929 0.3273 0.0245  -0.0284 -0.0609 9   DG  A "O3'" 
361 C  "C2'" A DG  A 9  ? 0.1271 0.2087 0.2190 -0.0213 0.0134  0.0066  9   DG  A "C2'" 
362 C  "C2'" B DG  A 9  ? 0.1682 0.1852 0.2388 -0.0118 -0.0024 -0.0273 9   DG  A "C2'" 
363 C  "C1'" A DG  A 9  ? 0.1298 0.1879 0.2007 -0.0081 0.0092  0.0014  9   DG  A "C1'" 
364 C  "C1'" B DG  A 9  ? 0.1561 0.1716 0.2088 -0.0060 0.0029  -0.0313 9   DG  A "C1'" 
365 N  N9    A DG  A 9  ? 0.1409 0.1699 0.1639 -0.0123 0.0074  -0.0029 9   DG  A N9    
366 N  N9    B DG  A 9  ? 0.1600 0.1663 0.1667 -0.0101 0.0115  -0.0132 9   DG  A N9    
367 C  C8    A DG  A 9  ? 0.1748 0.1713 0.1708 -0.0372 0.0194  -0.0061 9   DG  A C8    
368 C  C8    B DG  A 9  ? 0.1830 0.1660 0.1698 -0.0298 0.0200  -0.0134 9   DG  A C8    
369 N  N7    A DG  A 9  ? 0.1872 0.1659 0.1677 -0.0187 0.0201  0.0038  9   DG  A N7    
370 N  N7    B DG  A 9  ? 0.1946 0.1604 0.1676 -0.0170 0.0269  -0.0069 9   DG  A N7    
371 C  C5    A DG  A 9  ? 0.1768 0.1573 0.1557 0.0050  0.0061  -0.0056 9   DG  A C5    
372 C  C5    B DG  A 9  ? 0.1893 0.1396 0.1652 0.0039  0.0158  -0.0165 9   DG  A C5    
373 C  C6    A DG  A 9  ? 0.1922 0.1466 0.1664 0.0141  0.0071  -0.0026 9   DG  A C6    
374 C  C6    B DG  A 9  ? 0.2079 0.1218 0.1524 0.0138  0.0134  -0.0196 9   DG  A C6    
375 O  O6    A DG  A 9  ? 0.1979 0.1544 0.1985 0.0211  -0.0173 -0.0170 9   DG  A O6    
376 O  O6    B DG  A 9  ? 0.2350 0.1273 0.1458 0.0032  -0.0063 -0.0132 9   DG  A O6    
377 N  N1    A DG  A 9  ? 0.1731 0.1519 0.1630 0.0131  -0.0008 -0.0169 9   DG  A N1    
378 N  N1    B DG  A 9  ? 0.1878 0.1233 0.1493 0.0119  0.0137  -0.0225 9   DG  A N1    
379 C  C2    A DG  A 9  ? 0.1447 0.1358 0.1585 0.0149  -0.0058 -0.0155 9   DG  A C2    
380 C  C2    B DG  A 9  ? 0.1591 0.1257 0.1521 0.0151  0.0034  -0.0172 9   DG  A C2    
381 N  N2    A DG  A 9  ? 0.1396 0.1422 0.1716 0.0164  -0.0166 -0.0150 9   DG  A N2    
382 N  N2    B DG  A 9  ? 0.1526 0.1360 0.1632 0.0128  -0.0063 -0.0155 9   DG  A N2    
383 N  N3    A DG  A 9  ? 0.1371 0.1407 0.1627 0.0083  0.0048  -0.0071 9   DG  A N3    
384 N  N3    B DG  A 9  ? 0.1524 0.1336 0.1604 0.0095  0.0141  -0.0102 9   DG  A N3    
385 C  C4    A DG  A 9  ? 0.1489 0.1561 0.1443 -0.0035 0.0061  -0.0086 9   DG  A C4    
386 C  C4    B DG  A 9  ? 0.1621 0.1515 0.1497 0.0012  0.0151  -0.0124 9   DG  A C4    
409 P  P     A DA  A 10 ? 0.1352 0.2182 0.2792 0.0166  -0.0139 0.0077  10  DA  A P     
410 P  P     B DA  A 10 ? 0.1960 0.2178 0.3758 0.0297  -0.0244 -0.0530 10  DA  A P     
411 O  OP1   A DA  A 10 ? 0.1866 0.2473 0.2740 0.0275  -0.0445 0.0181  10  DA  A OP1   
412 O  OP1   B DA  A 10 ? 0.2176 0.2551 0.3587 0.0169  -0.0447 -0.0525 10  DA  A OP1   
413 O  OP2   A DA  A 10 ? 0.2028 0.2592 0.3023 0.0042  0.0329  0.0135  10  DA  A OP2   
414 O  OP2   B DA  A 10 ? 0.1929 0.2346 0.3982 0.0493  -0.0207 -0.0546 10  DA  A OP2   
415 O  "O5'" A DA  A 10 ? 0.1567 0.2251 0.2638 0.0278  0.0056  0.0317  10  DA  A "O5'" 
416 O  "O5'" B DA  A 10 ? 0.2438 0.2211 0.3667 -0.0003 -0.0163 -0.0204 10  DA  A "O5'" 
417 C  "C5'" A DA  A 10 ? 0.1635 0.2529 0.2298 0.0326  -0.0187 0.0510  10  DA  A "C5'" 
418 C  "C5'" B DA  A 10 ? 0.2482 0.2652 0.3309 0.0282  -0.0214 0.0197  10  DA  A "C5'" 
419 C  "C4'" A DA  A 10 ? 0.1446 0.1953 0.2033 0.0414  -0.0331 0.0504  10  DA  A "C4'" 
420 C  "C4'" B DA  A 10 ? 0.2343 0.2367 0.3097 0.0467  -0.0174 0.0237  10  DA  A "C4'" 
421 O  "O4'" A DA  A 10 ? 0.1587 0.1893 0.2102 0.0277  -0.0314 0.0491  10  DA  A "O4'" 
422 O  "O4'" B DA  A 10 ? 0.2108 0.1955 0.2784 0.0514  -0.0232 0.0479  10  DA  A "O4'" 
423 C  "C3'" A DA  A 10 ? 0.1824 0.2115 0.2259 0.0156  -0.0168 0.0307  10  DA  A "C3'" 
424 C  "C3'" B DA  A 10 ? 0.2309 0.2409 0.3042 0.0740  -0.0213 0.0207  10  DA  A "C3'" 
425 O  "O3'" A DA  A 10 ? 0.1789 0.2107 0.2944 0.0625  -0.0090 -0.0100 10  DA  A "O3'" 
426 O  "O3'" B DA  A 10 ? 0.2387 0.3065 0.3158 0.0803  -0.0071 -0.0137 10  DA  A "O3'" 
427 C  "C2'" A DA  A 10 ? 0.1679 0.1658 0.2124 0.0039  0.0058  0.0287  10  DA  A "C2'" 
428 C  "C2'" B DA  A 10 ? 0.2237 0.2075 0.2670 0.0650  -0.0291 0.0463  10  DA  A "C2'" 
429 C  "C1'" A DA  A 10 ? 0.1605 0.1831 0.2060 0.0112  -0.0297 0.0183  10  DA  A "C1'" 
430 C  "C1'" B DA  A 10 ? 0.2103 0.2007 0.2547 0.0466  -0.0288 0.0402  10  DA  A "C1'" 
431 N  N9    A DA  A 10 ? 0.1553 0.1719 0.1911 0.0044  -0.0205 0.0165  10  DA  A N9    
432 N  N9    B DA  A 10 ? 0.1966 0.1909 0.2362 0.0264  -0.0123 0.0313  10  DA  A N9    
433 C  C8    A DA  A 10 ? 0.1650 0.2078 0.1914 0.0003  -0.0083 0.0240  10  DA  A C8    
434 C  C8    B DA  A 10 ? 0.2052 0.2112 0.2256 0.0026  -0.0102 0.0401  10  DA  A C8    
435 N  N7    A DA  A 10 ? 0.1544 0.2047 0.1924 0.0120  0.0019  0.0159  10  DA  A N7    
436 N  N7    B DA  A 10 ? 0.2010 0.2169 0.2067 0.0004  0.0047  0.0389  10  DA  A N7    
437 C  C5    A DA  A 10 ? 0.1392 0.1646 0.1849 -0.0142 -0.0181 -0.0128 10  DA  A C5    
438 C  C5    B DA  A 10 ? 0.1758 0.1904 0.2020 -0.0029 0.0010  0.0137  10  DA  A C5    
439 C  C6    A DA  A 10 ? 0.1399 0.1435 0.1828 0.0056  -0.0134 -0.0220 10  DA  A C6    
440 C  C6    B DA  A 10 ? 0.1605 0.1843 0.1905 0.0024  -0.0069 0.0042  10  DA  A C6    
441 N  N6    A DA  A 10 ? 0.1518 0.1763 0.2065 0.0200  -0.0042 -0.0207 10  DA  A N6    
442 N  N6    B DA  A 10 ? 0.1634 0.2029 0.2089 -0.0026 -0.0008 -0.0124 10  DA  A N6    
443 N  N1    A DA  A 10 ? 0.1255 0.1381 0.1755 -0.0052 -0.0104 -0.0228 10  DA  A N1    
444 N  N1    B DA  A 10 ? 0.1454 0.1651 0.1859 0.0026  -0.0084 0.0033  10  DA  A N1    
445 C  C2    A DA  A 10 ? 0.1203 0.1334 0.1838 -0.0063 -0.0186 -0.0130 10  DA  A C2    
446 C  C2    B DA  A 10 ? 0.1451 0.1675 0.1931 0.0137  -0.0087 0.0064  10  DA  A C2    
447 N  N3    A DA  A 10 ? 0.1262 0.1348 0.1896 -0.0006 -0.0134 -0.0123 10  DA  A N3    
448 N  N3    B DA  A 10 ? 0.1618 0.1814 0.1893 0.0179  0.0012  0.0209  10  DA  A N3    
449 C  C4    A DA  A 10 ? 0.1267 0.1462 0.1754 0.0035  -0.0278 -0.0063 10  DA  A C4    
450 C  C4    B DA  A 10 ? 0.1746 0.1773 0.2024 0.0148  -0.0026 0.0216  10  DA  A C4    
475 RU RU    . 0TN B .  ? 0.1532 0.1482 0.1691 0.0205  -0.0218 0.0247  101 0TN A RU    
476 C  C1    . 0TN B .  ? 0.1529 0.1649 0.1352 0.0285  -0.0034 0.0260  101 0TN A C1    
477 N  N1    . 0TN B .  ? 0.1412 0.1593 0.1763 0.0162  -0.0186 0.0269  101 0TN A N1    
478 C  C2    . 0TN B .  ? 0.1730 0.1631 0.1482 0.0288  0.0015  0.0009  101 0TN A C2    
479 N  N2    . 0TN B .  ? 0.1463 0.1551 0.1477 0.0271  -0.0101 0.0159  101 0TN A N2    
480 C  C3    . 0TN B .  ? 0.1774 0.1707 0.1606 0.0267  0.0139  -0.0005 101 0TN A C3    
481 N  N3    . 0TN B .  ? 0.1677 0.2264 0.1441 0.0200  0.0235  0.0152  101 0TN A N3    
482 C  C4    . 0TN B .  ? 0.1748 0.1983 0.1484 0.0232  0.0148  0.0022  101 0TN A C4    
483 N  N4    . 0TN B .  ? 0.1722 0.2027 0.1607 0.0231  0.0097  0.0309  101 0TN A N4    
484 C  C5    . 0TN B .  ? 0.1495 0.1930 0.1433 0.0271  0.0188  0.0197  101 0TN A C5    
485 N  N5    . 0TN B .  ? 0.1599 0.1649 0.2108 0.0283  -0.0118 0.0615  101 0TN A N5    
486 C  C6    . 0TN B .  ? 0.1474 0.2004 0.1398 0.0227  0.0194  0.0202  101 0TN A C6    
487 C  C7    . 0TN B .  ? 0.1396 0.2241 0.1328 0.0261  0.0017  0.0363  101 0TN A C7    
488 C  C8    . 0TN B .  ? 0.1561 0.1848 0.1521 0.0298  0.0027  0.0378  101 0TN A C8    
489 N  N8    . 0TN B .  ? 0.1699 0.1397 0.2099 0.0094  -0.0609 0.0271  101 0TN A N8    
490 C  C9    . 0TN B .  ? 0.1817 0.1825 0.1679 0.0300  -0.0014 0.0311  101 0TN A C9    
491 N  N9    . 0TN B .  ? 0.1551 0.1465 0.1464 0.0180  -0.0185 -0.0018 101 0TN A N9    
492 C  C10   . 0TN B .  ? 0.1389 0.1834 0.1456 0.0236  -0.0141 0.0385  101 0TN A C10   
493 C  C11   . 0TN B .  ? 0.1913 0.1626 0.2087 0.0353  -0.0123 0.0252  101 0TN A C11   
494 C  C12   . 0TN B .  ? 0.1799 0.1469 0.2029 0.0317  -0.0203 0.0330  101 0TN A C12   
495 N  N12   . 0TN B .  ? 0.1459 0.1317 0.1593 0.0227  -0.0346 0.0208  101 0TN A N12   
496 C  C13   . 0TN B .  ? 0.1569 0.2274 0.1344 0.0203  0.0088  0.0287  101 0TN A C13   
497 C  C14   . 0TN B .  ? 0.1781 0.2574 0.1504 -0.0131 -0.0050 0.0449  101 0TN A C14   
498 C  C15   . 0TN B .  ? 0.1638 0.2435 0.1347 0.0188  0.0078  0.0205  101 0TN A C15   
499 C  C16   . 0TN B .  ? 0.1998 0.2667 0.1467 0.0107  -0.0053 0.0181  101 0TN A C16   
500 C  C17   . 0TN B .  ? 0.2009 0.2653 0.1725 0.0132  -0.0081 0.0184  101 0TN A C17   
501 C  C18   . 0TN B .  ? 0.1742 0.2611 0.1576 0.0003  0.0090  0.0490  101 0TN A C18   
502 C  C19   . 0TN B .  ? 0.1566 0.1709 0.2505 -0.0001 -0.0303 0.0780  101 0TN A C19   
503 C  C20   . 0TN B .  ? 0.1531 0.2247 0.1918 0.0477  0.0174  0.0852  101 0TN A C20   
504 C  C21   . 0TN B .  ? 0.1978 0.2429 0.2178 0.0543  0.0085  0.0906  101 0TN A C21   
505 C  C22   . 0TN B .  ? 0.1841 0.1770 0.2640 0.0067  -0.0155 0.0937  101 0TN A C22   
506 C  C23   . 0TN B .  ? 0.2035 0.1926 0.2820 -0.0042 -0.0268 0.0889  101 0TN A C23   
507 C  C24   . 0TN B .  ? 0.2106 0.1648 0.2845 -0.0257 -0.0405 0.0745  101 0TN A C24   
508 C  C25   . 0TN B .  ? 0.1796 0.1506 0.2841 -0.0039 -0.0429 0.0613  101 0TN A C25   
509 C  C26   . 0TN B .  ? 0.1666 0.1515 0.2506 -0.0150 -0.0514 0.0725  101 0TN A C26   
510 C  C27   . 0TN B .  ? 0.2117 0.1527 0.2559 0.0229  -0.0632 0.0111  101 0TN A C27   
511 C  C28   . 0TN B .  ? 0.2067 0.1299 0.2143 0.0101  -0.0683 0.0075  101 0TN A C28   
512 C  C29   . 0TN B .  ? 0.1540 0.1404 0.1391 0.0074  -0.0259 -0.0036 101 0TN A C29   
513 C  C30   . 0TN B .  ? 0.1450 0.1580 0.1580 0.0159  -0.0189 -0.0077 101 0TN A C30   
514 C  C31   . 0TN B .  ? 0.1542 0.1753 0.1703 0.0052  -0.0204 -0.0258 101 0TN A C31   
515 C  C32   . 0TN B .  ? 0.1643 0.1581 0.1397 0.0126  -0.0229 -0.0066 101 0TN A C32   
516 C  C33   . 0TN B .  ? 0.1774 0.1913 0.1437 0.0057  -0.0188 -0.0085 101 0TN A C33   
517 C  C34   . 0TN B .  ? 0.2096 0.1679 0.1383 0.0031  -0.0267 0.0114  101 0TN A C34   
518 C  C35   . 0TN B .  ? 0.1704 0.1423 0.1368 0.0045  -0.0252 0.0067  101 0TN A C35   
519 C  C36   . 0TN B .  ? 0.1502 0.1351 0.1424 0.0131  -0.0184 0.0147  101 0TN A C36   
520 C  C37   . 0TN B .  ? 0.1653 0.1397 0.1836 0.0151  -0.0341 0.0045  101 0TN A C37   
521 C  C38   . 0TN B .  ? 0.1586 0.1365 0.1598 0.0153  -0.0268 0.0210  101 0TN A C38   
522 C  C41   . 0TN B .  ? 0.2093 0.2034 0.2573 0.0225  0.0022  0.0998  101 0TN A C41   
523 C  C42   . 0TN B .  ? 0.2170 0.1542 0.2728 -0.0091 -0.0740 0.0449  101 0TN A C42   
524 C  C43   . 0TN B .  ? 0.1569 0.2017 0.1511 0.0117  -0.0152 -0.0144 101 0TN A C43   
525 C  C44   . 0TN B .  ? 0.1628 0.1491 0.1512 0.0100  -0.0321 0.0080  101 0TN A C44   
552 RU RU    . 0TN C .  ? 0.1970 0.1978 0.1787 -0.0357 0.0121  -0.0475 102 0TN A RU    
553 C  C1    . 0TN C .  ? 0.1754 0.1839 0.1666 -0.0302 0.0142  -0.0367 102 0TN A C1    
554 N  N1    . 0TN C .  ? 0.1927 0.2046 0.1731 -0.0341 0.0009  -0.0439 102 0TN A N1    
555 C  C2    . 0TN C .  ? 0.1955 0.2076 0.1913 -0.0414 0.0229  -0.0602 102 0TN A C2    
556 N  N2    . 0TN C .  ? 0.1945 0.1772 0.1984 -0.0471 0.0245  -0.0526 102 0TN A N2    
557 C  C3    . 0TN C .  ? 0.1980 0.2028 0.1904 -0.0420 0.0099  -0.0385 102 0TN A C3    
558 N  N3    . 0TN C .  ? 0.1725 0.1861 0.1627 -0.0124 0.0071  -0.0217 102 0TN A N3    
559 C  C4    . 0TN C .  ? 0.1918 0.1765 0.1926 -0.0402 0.0146  -0.0421 102 0TN A C4    
560 N  N4    . 0TN C .  ? 0.1789 0.1918 0.1775 -0.0188 0.0181  -0.0228 102 0TN A N4    
561 C  C5    . 0TN C .  ? 0.1742 0.1732 0.1805 -0.0214 0.0154  -0.0327 102 0TN A C5    
562 N  N5    . 0TN C .  ? 0.1693 0.1913 0.1789 -0.0275 0.0169  -0.0416 102 0TN A N5    
563 C  C6    . 0TN C .  ? 0.1774 0.1747 0.1711 -0.0233 0.0183  -0.0289 102 0TN A C6    
564 C  C7    . 0TN C .  ? 0.1793 0.1723 0.1802 -0.0212 0.0168  -0.0202 102 0TN A C7    
565 C  C8    . 0TN C .  ? 0.1974 0.1775 0.1823 -0.0140 0.0116  -0.0393 102 0TN A C8    
566 N  N8    . 0TN C .  ? 0.1920 0.1978 0.1644 -0.0196 0.0117  -0.0360 102 0TN A N8    
567 C  C9    . 0TN C .  ? 0.2009 0.2047 0.1942 -0.0202 0.0072  -0.0420 102 0TN A C9    
568 N  N9    . 0TN C .  ? 0.2235 0.1777 0.2106 -0.0308 0.0087  -0.0360 102 0TN A N9    
569 C  C10   . 0TN C .  ? 0.1958 0.1903 0.1732 -0.0293 0.0036  -0.0253 102 0TN A C10   
570 C  C11   . 0TN C .  ? 0.2144 0.2248 0.2132 -0.0280 0.0213  -0.0501 102 0TN A C11   
571 C  C12   . 0TN C .  ? 0.1955 0.2507 0.1757 -0.0349 0.0224  -0.0386 102 0TN A C12   
572 N  N12   . 0TN C .  ? 0.1953 0.1778 0.1871 -0.0196 0.0061  -0.0609 102 0TN A N12   
573 C  C13   . 0TN C .  ? 0.1706 0.1919 0.1804 -0.0202 -0.0090 -0.0237 102 0TN A C13   
574 C  C14   . 0TN C .  ? 0.1825 0.2059 0.1985 -0.0167 0.0002  -0.0162 102 0TN A C14   
575 C  C15   . 0TN C .  ? 0.1722 0.1779 0.1760 -0.0176 -0.0006 -0.0187 102 0TN A C15   
576 C  C16   . 0TN C .  ? 0.1822 0.2025 0.1878 -0.0159 -0.0004 -0.0154 102 0TN A C16   
577 C  C17   . 0TN C .  ? 0.1717 0.2002 0.2048 -0.0163 0.0079  -0.0211 102 0TN A C17   
578 C  C18   . 0TN C .  ? 0.1770 0.2227 0.2314 -0.0117 -0.0048 -0.0306 102 0TN A C18   
579 C  C19   . 0TN C .  ? 0.1527 0.1930 0.1748 -0.0125 0.0242  -0.0462 102 0TN A C19   
580 C  C20   . 0TN C .  ? 0.1712 0.2056 0.1824 -0.0238 0.0165  -0.0345 102 0TN A C20   
581 C  C21   . 0TN C .  ? 0.1496 0.2270 0.1826 -0.0160 0.0075  -0.0377 102 0TN A C21   
582 C  C22   . 0TN C .  ? 0.1304 0.2147 0.1656 -0.0004 0.0125  -0.0437 102 0TN A C22   
583 C  C23   . 0TN C .  ? 0.1469 0.1943 0.1978 0.0042  0.0272  -0.0512 102 0TN A C23   
584 C  C24   . 0TN C .  ? 0.1563 0.2005 0.1983 0.0041  0.0277  -0.0613 102 0TN A C24   
585 C  C25   . 0TN C .  ? 0.1516 0.2094 0.1749 -0.0067 0.0259  -0.0465 102 0TN A C25   
586 C  C26   . 0TN C .  ? 0.1615 0.1893 0.1689 -0.0020 0.0092  -0.0503 102 0TN A C26   
587 C  C27   . 0TN C .  ? 0.2159 0.2355 0.1785 -0.0076 0.0130  -0.0374 102 0TN A C27   
588 C  C28   . 0TN C .  ? 0.2325 0.1942 0.1778 -0.0321 0.0021  -0.0379 102 0TN A C28   
589 C  C29   . 0TN C .  ? 0.2129 0.1844 0.2405 -0.0218 -0.0010 -0.0476 102 0TN A C29   
590 C  C30   . 0TN C .  ? 0.2475 0.1904 0.2344 -0.0285 0.0025  -0.0290 102 0TN A C30   
591 C  C31   . 0TN C .  ? 0.2720 0.2150 0.2610 -0.0436 0.0230  -0.0169 102 0TN A C31   
592 C  C32   . 0TN C .  ? 0.2555 0.1867 0.2767 -0.0382 0.0089  -0.0373 102 0TN A C32   
593 C  C33   . 0TN C .  ? 0.2370 0.1995 0.2940 -0.0085 0.0015  -0.0332 102 0TN A C33   
594 C  C34   . 0TN C .  ? 0.2070 0.1984 0.2799 -0.0039 -0.0043 -0.0461 102 0TN A C34   
595 C  C35   . 0TN C .  ? 0.2008 0.1914 0.2391 -0.0054 0.0003  -0.0479 102 0TN A C35   
596 C  C36   . 0TN C .  ? 0.2235 0.1811 0.2160 -0.0286 0.0048  -0.0546 102 0TN A C36   
597 C  C37   . 0TN C .  ? 0.2012 0.1994 0.1674 -0.0298 -0.0006 -0.0500 102 0TN A C37   
598 C  C38   . 0TN C .  ? 0.1827 0.1863 0.1695 -0.0306 -0.0076 -0.0607 102 0TN A C38   
599 C  C41   . 0TN C .  ? 0.1297 0.2078 0.2027 0.0052  0.0141  -0.0489 102 0TN A C41   
600 C  C42   . 0TN C .  ? 0.1929 0.2409 0.1665 -0.0192 0.0058  -0.0376 102 0TN A C42   
601 C  C43   . 0TN C .  ? 0.2670 0.2056 0.2816 -0.0237 0.0117  -0.0342 102 0TN A C43   
602 C  C44   . 0TN C .  ? 0.1992 0.2081 0.2152 -0.0251 -0.0061 -0.0650 102 0TN A C44   
629 CO CO    . NCO D .  ? 0.1533 0.1858 0.2955 0.0338  0.0242  -0.0119 103 NCO A CO    
630 N  N1    . NCO D .  ? 0.1833 0.2072 0.3144 0.0294  0.0219  -0.0019 103 NCO A N1    
631 N  N2    . NCO D .  ? 0.1437 0.1313 0.3139 0.0270  -0.0241 -0.0215 103 NCO A N2    
632 N  N3    . NCO D .  ? 0.1762 0.2419 0.2974 0.0316  0.0320  -0.0074 103 NCO A N3    
633 N  N4    . NCO D .  ? 0.1660 0.2239 0.2887 0.0356  0.0320  0.0061  103 NCO A N4    
634 N  N5    . NCO D .  ? 0.1704 0.2202 0.2934 0.0131  0.0020  0.0034  103 NCO A N5    
635 N  N6    . NCO D .  ? 0.1671 0.1712 0.3129 0.0234  0.0031  -0.0217 103 NCO A N6    
636 O  O     . HOH E .  ? 0.3789 0.3568 0.3878 0.0108  -0.0175 -0.0082 201 HOH A O     
637 O  O     . HOH E .  ? 0.3735 0.3758 0.3905 0.0026  -0.0075 -0.0042 202 HOH A O     
638 O  O     . HOH E .  ? 0.4181 0.4292 0.4186 0.0133  -0.0036 0.0113  203 HOH A O     
639 O  O     . HOH E .  ? 0.4678 0.3599 0.5528 0.1040  0.1310  0.0288  204 HOH A O     
640 O  O     . HOH E .  ? 0.7979 0.3930 0.7004 0.1831  0.1867  -0.1343 205 HOH A O     
641 O  O     . HOH E .  ? 0.7636 0.3139 0.4561 0.1138  -0.0011 0.0750  206 HOH A O     
642 O  O     . HOH E .  ? 0.4125 0.3736 0.5243 0.1319  0.0627  0.0071  207 HOH A O     
643 O  O     . HOH E .  ? 0.2048 0.3595 0.2213 -0.0104 -0.0185 -0.0575 208 HOH A O     
644 O  O     . HOH E .  ? 0.4395 0.4349 0.4557 0.0692  0.1095  0.2049  209 HOH A O     
645 O  O     . HOH E .  ? 0.2701 0.4840 0.2467 -0.1713 0.0011  0.0287  210 HOH A O     
646 O  O     . HOH E .  ? 0.3891 0.7647 0.3002 -0.0027 0.1119  -0.0499 211 HOH A O     
647 O  O     . HOH E .  ? 0.4058 0.2755 0.3236 0.0751  -0.0341 -0.0529 212 HOH A O     
648 O  O     . HOH E .  ? 0.5659 0.2516 0.3277 0.0160  -0.1304 0.0287  213 HOH A O     
649 O  O     . HOH E .  ? 0.5088 0.4049 0.3200 -0.2039 -0.0871 -0.0204 214 HOH A O     
650 O  O     . HOH E .  ? 0.8950 0.3416 0.3529 -0.2371 -0.1096 0.0558  215 HOH A O     
651 O  O     . HOH E .  ? 0.5557 0.3266 0.2994 0.1947  0.0854  0.0616  216 HOH A O     
652 O  O     . HOH E .  ? 0.4051 0.3723 0.5240 -0.0401 0.0199  0.1581  217 HOH A O     
653 O  O     . HOH E .  ? 0.5232 0.2996 0.8260 -0.0946 0.1832  0.0813  218 HOH A O     
654 O  O     . HOH E .  ? 0.4071 0.4313 0.3180 0.0948  0.0634  0.0567  219 HOH A O     
655 O  O     . HOH E .  ? 0.3263 0.8376 0.7909 0.1771  -0.1116 -0.1867 220 HOH A O     
656 O  O     . HOH E .  ? 0.1707 0.2553 0.1772 -0.0510 -0.0054 -0.0364 221 HOH A O     
657 O  O     . HOH E .  ? 0.5555 0.2346 0.2142 -0.0114 0.0641  -0.0626 222 HOH A O     
658 O  O     . HOH E .  ? 0.3917 0.4123 0.4210 0.0381  0.0024  0.1864  223 HOH A O     
659 O  O     . HOH E .  ? 0.3912 0.4042 0.3944 0.0023  -0.0011 -0.0049 224 HOH A O     
660 O  O     . HOH E .  ? 0.6385 0.3771 0.2565 0.1176  0.1607  -0.0123 225 HOH A O     
661 O  O     . HOH E .  ? 0.8636 1.1034 0.4063 -0.0200 0.0119  -0.2886 226 HOH A O     
662 O  O     . HOH E .  ? 0.3062 0.4646 0.2698 0.0954  -0.0135 -0.0814 227 HOH A O     
663 O  O     . HOH E .  ? 0.3848 0.4218 0.6224 0.0327  0.0527  -0.0476 228 HOH A O     
664 O  O     . HOH E .  ? 0.4771 0.5241 0.7095 -0.0291 0.2258  -0.0792 229 HOH A O     
665 O  O     . HOH E .  ? 0.6081 0.3478 0.4050 0.0060  -0.0209 -0.0300 230 HOH A O     
666 O  O     A HOH E .  ? 0.2747 0.4602 0.1377 0.0879  -0.0440 -0.0218 231 HOH A O     
667 O  O     B HOH E .  ? 0.3132 0.5074 0.1581 0.1389  -0.0344 0.0105  231 HOH A O     
668 O  O     . HOH E .  ? 0.4297 0.2372 0.4266 0.0055  -0.1911 -0.0137 232 HOH A O     
669 O  O     . HOH E .  ? 0.8436 0.6907 0.4056 0.2449  -0.0263 0.1955  233 HOH A O     
670 O  O     . HOH E .  ? 0.5223 0.3953 0.5095 0.0889  -0.0867 0.1327  234 HOH A O     
671 O  O     . HOH E .  ? 0.3656 0.3669 0.3755 0.0065  -0.0108 -0.0026 235 HOH A O     
672 O  O     . HOH E .  ? 0.5328 0.4180 0.4392 -0.0900 0.0901  -0.1772 236 HOH A O     
673 O  O     . HOH E .  ? 0.6199 0.4831 1.1804 0.1816  -0.3319 -0.1254 237 HOH A O     
674 O  O     . HOH E .  ? 0.4117 0.4231 0.4082 -0.0019 0.0055  -0.0081 238 HOH A O     
675 O  O     . HOH E .  ? 0.7739 0.3690 0.3144 -0.0699 -0.0240 -0.0041 239 HOH A O     
676 O  O     . HOH E .  ? 0.4215 0.3530 0.3948 -0.0579 0.0117  0.0012  240 HOH A O     
677 O  O     . HOH E .  ? 0.4342 0.3649 0.3074 -0.0357 -0.0343 -0.0673 241 HOH A O     
678 O  O     . HOH E .  ? 0.3957 0.3965 0.3965 -0.0055 0.0040  0.0053  242 HOH A O     
679 O  O     A HOH E .  ? 0.2638 0.2364 0.1748 -0.0926 0.0042  -0.0289 243 HOH A O     
680 O  O     B HOH E .  ? 0.3291 0.2820 0.2508 -0.0745 0.0103  -0.0110 243 HOH A O     
681 O  O     . HOH E .  ? 0.3988 0.2712 0.2467 0.0151  -0.0353 -0.0718 244 HOH A O     
682 O  O     . HOH E .  ? 0.3507 0.1854 0.3388 -0.0132 -0.0820 -0.0210 245 HOH A O     
683 O  O     . HOH E .  ? 0.7015 0.3643 0.7416 0.0034  -0.3167 0.1509  246 HOH A O     
684 O  O     . HOH E .  ? 0.5651 0.3583 0.2671 0.1172  0.0347  0.0440  247 HOH A O     
685 O  O     . HOH E .  ? 0.4982 0.5331 0.7159 0.0192  0.1871  -0.1297 248 HOH A O     
686 O  O     . HOH E .  ? 0.3962 0.4032 0.4201 -0.0019 -0.0019 -0.0124 249 HOH A O     
687 O  O     . HOH E .  ? 0.4635 0.2902 0.8604 -0.0218 -0.0582 0.0967  250 HOH A O     
688 O  O     . HOH E .  ? 0.2164 0.2544 0.1553 -0.0014 -0.0020 -0.0501 251 HOH A O     
689 O  O     . HOH E .  ? 0.4137 0.3907 0.4512 -0.1285 0.0831  0.0058  252 HOH A O     
690 O  O     . HOH E .  ? 0.2166 0.2717 0.2690 0.0759  -0.0191 -0.0375 253 HOH A O     
691 O  O     . HOH E .  ? 0.4355 0.4300 0.4213 -0.1037 -0.1493 0.0899  254 HOH A O     
692 O  O     . HOH E .  ? 0.3911 0.3921 0.3873 -0.0026 0.0038  -0.0016 255 HOH A O     
693 O  O     . HOH E .  ? 0.4660 0.2157 0.4015 0.1361  0.1308  0.0658  256 HOH A O     
694 O  O     . HOH E .  ? 0.4085 0.3702 0.4860 -0.0495 0.0172  -0.1142 257 HOH A O     
695 O  O     . HOH E .  ? 0.3776 0.8669 0.5605 -0.1474 0.1955  -0.1380 258 HOH A O     
696 O  O     . HOH E .  ? 0.3467 0.2803 0.4590 0.0376  0.0497  0.0342  259 HOH A O     
697 O  O     . HOH E .  ? 0.5557 0.4729 0.5092 0.0122  0.0664  -0.1442 260 HOH A O     
698 O  O     . HOH E .  ? 0.4384 0.5489 0.4079 0.0037  0.0029  0.0524  261 HOH A O     
699 O  O     . HOH E .  ? 0.4046 0.4081 0.4248 0.0040  -0.0074 -0.0037 262 HOH A O     
700 O  O     . HOH E .  ? 0.5053 0.3425 0.4415 0.1165  -0.1306 0.0132  263 HOH A O     
701 O  O     . HOH E .  ? 0.2776 0.3747 0.2241 -0.0114 -0.0667 0.0485  264 HOH A O     
702 O  O     . HOH E .  ? 0.4141 0.4144 0.3943 -0.0013 0.0146  -0.0011 265 HOH A O     
703 O  O     . HOH E .  ? 0.4069 0.3895 0.4339 0.0029  0.0063  -0.0152 266 HOH A O     
704 O  O     . HOH E .  ? 0.3815 0.4088 0.4020 0.0177  0.0262  0.0003  267 HOH A O     
# 
